data_8GPT
#
_entry.id   8GPT
#
_cell.length_a   228.536
_cell.length_b   150.866
_cell.length_c   126.418
_cell.angle_alpha   90.000
_cell.angle_beta   111.999
_cell.angle_gamma   90.000
#
_symmetry.space_group_name_H-M   'C 1 2 1'
#
loop_
_entity.id
_entity.type
_entity.pdbx_description
1 polymer 'Envelope protein'
2 polymer YD6_VH
3 polymer YD6_VL
#
loop_
_entity_poly.entity_id
_entity_poly.type
_entity_poly.pdbx_seq_one_letter_code
_entity_poly.pdbx_strand_id
1 'polypeptide(L)'
;AHCIGITDRDFIEGVHGGTWVSATLEQDKCVTVMAPDKPSLDISLQTVAIDGPAEARKVCYSAVLTHVKINDKCPSTGEA
HLAEENDGDNACKRTYSDRGWGNGCGLFGKGSIVACAKFTCAKSMSLFEVDQTKIQYVIRAQLHVGAKQENWNTDIKTLK
FDALSGSQEAEFTGYGKATLECQVQTAVDFGNSYIAEMEKDSWIVDRQWAQDLTLPWQSGSGGIWREMHHLVEFEPPHAA
TIRVLALGNQEGSLKTALTGAMRVTKDENDNNLYKLHGGHVSCRVKLSALTLKGTSYKMCTDKMSFVKNPTDTGHGTVVM
QVKVPKGAPCKIPVIVADDLTAAVNKGILVTVNPIASTNDDEVLIEVNPPFGDSYIIVGTGDSRLTYQWHKEGSSIGK
;
A,B,C
2 'polypeptide(L)'
;EVQLVESGGGLVKPGGSLRLSCAASGFIFSDYYMMWIRQAPGKGLEWISYISSSGSQIYYTESVKGRFTISRDNGKNLLY
LQMNSLRGEDTALYYCATETGWRIDTWGQGTLVTVSS
;
D,F,H
3 'polypeptide(L)'
;QAVLTQPASVSGSPGQSITISCTGTGSNIETYNLVSWYQRHPGKAPKLILYEVSERPSGVSNRFSGSKSGNTASLTISGL
QAEDEADYFCCSYADTNIFWVFGGGTHLTVLG
;
E,G,I
#
# COMPACT_ATOMS: atom_id res chain seq x y z
N HIS A 2 37.07 2.97 -27.77
CA HIS A 2 37.10 3.72 -29.02
C HIS A 2 35.94 4.70 -29.10
N CYS A 3 36.21 5.87 -29.67
CA CYS A 3 35.20 6.91 -29.83
C CYS A 3 34.61 6.87 -31.23
N ILE A 4 33.37 7.35 -31.35
CA ILE A 4 32.62 7.29 -32.59
C ILE A 4 32.29 8.72 -33.02
N GLY A 5 32.68 9.07 -34.25
CA GLY A 5 32.45 10.42 -34.73
C GLY A 5 31.02 10.67 -35.12
N ILE A 6 30.58 11.91 -34.93
CA ILE A 6 29.22 12.31 -35.26
C ILE A 6 29.06 12.41 -36.77
N THR A 7 27.81 12.46 -37.24
CA THR A 7 27.54 12.62 -38.66
C THR A 7 27.30 14.11 -38.96
N ASP A 8 27.04 14.40 -40.23
CA ASP A 8 26.73 15.78 -40.61
C ASP A 8 25.41 16.24 -40.00
N ARG A 9 24.42 15.35 -39.96
CA ARG A 9 23.12 15.70 -39.40
C ARG A 9 23.11 15.76 -37.88
N ASP A 10 24.15 15.24 -37.22
CA ASP A 10 24.20 15.26 -35.76
C ASP A 10 24.52 16.64 -35.21
N PHE A 11 24.95 17.58 -36.05
CA PHE A 11 25.25 18.93 -35.61
C PHE A 11 24.65 19.92 -36.59
N ILE A 12 24.75 21.20 -36.23
CA ILE A 12 24.21 22.28 -37.06
C ILE A 12 24.97 23.56 -36.72
N GLU A 13 25.30 24.33 -37.74
CA GLU A 13 26.02 25.59 -37.60
C GLU A 13 25.16 26.72 -38.14
N GLY A 14 24.93 27.74 -37.31
CA GLY A 14 24.13 28.86 -37.72
C GLY A 14 24.95 29.99 -38.33
N VAL A 15 24.27 30.82 -39.13
CA VAL A 15 24.91 32.02 -39.66
C VAL A 15 25.36 32.93 -38.52
N HIS A 16 24.50 33.09 -37.51
CA HIS A 16 24.82 33.84 -36.31
C HIS A 16 24.41 33.04 -35.09
N GLY A 17 25.10 33.26 -33.98
CA GLY A 17 24.85 32.50 -32.78
C GLY A 17 25.92 31.46 -32.52
N GLY A 18 25.52 30.19 -32.46
CA GLY A 18 26.48 29.13 -32.21
C GLY A 18 26.16 27.84 -32.92
N THR A 19 26.84 26.77 -32.54
CA THR A 19 26.66 25.45 -33.14
C THR A 19 26.08 24.49 -32.11
N TRP A 20 25.14 23.66 -32.55
CA TRP A 20 24.43 22.74 -31.68
C TRP A 20 24.71 21.32 -32.12
N VAL A 21 25.00 20.44 -31.16
CA VAL A 21 25.24 19.03 -31.41
C VAL A 21 24.19 18.23 -30.67
N SER A 22 23.58 17.27 -31.37
CA SER A 22 22.58 16.37 -30.79
C SER A 22 23.22 15.00 -30.62
N ALA A 23 23.56 14.65 -29.38
CA ALA A 23 24.22 13.39 -29.08
C ALA A 23 23.40 12.61 -28.05
N THR A 24 23.16 11.33 -28.35
CA THR A 24 22.52 10.41 -27.42
C THR A 24 23.61 9.53 -26.81
N LEU A 25 23.91 9.76 -25.55
CA LEU A 25 25.05 9.14 -24.89
C LEU A 25 24.62 7.90 -24.13
N GLU A 26 25.35 6.81 -24.32
CA GLU A 26 25.15 5.56 -23.62
C GLU A 26 26.33 5.27 -22.71
N GLN A 27 26.18 4.26 -21.86
CA GLN A 27 27.26 3.82 -21.00
C GLN A 27 28.28 3.02 -21.80
N ASP A 28 29.56 3.20 -21.46
CA ASP A 28 30.67 2.48 -22.09
C ASP A 28 30.75 2.75 -23.59
N LYS A 29 30.31 3.93 -24.03
CA LYS A 29 30.41 4.32 -25.43
C LYS A 29 30.78 5.79 -25.51
N CYS A 30 31.91 6.08 -26.16
CA CYS A 30 32.38 7.43 -26.36
C CYS A 30 31.87 8.00 -27.68
N VAL A 31 31.65 9.31 -27.69
CA VAL A 31 31.22 10.03 -28.88
C VAL A 31 32.12 11.25 -29.05
N THR A 32 32.73 11.38 -30.22
CA THR A 32 33.71 12.42 -30.48
C THR A 32 33.19 13.43 -31.50
N VAL A 33 33.61 14.68 -31.32
CA VAL A 33 33.24 15.79 -32.21
C VAL A 33 34.49 16.21 -32.96
N MET A 34 34.43 16.21 -34.29
CA MET A 34 35.58 16.48 -35.13
C MET A 34 35.49 17.89 -35.70
N ALA A 35 36.56 18.67 -35.53
CA ALA A 35 36.63 20.02 -36.05
C ALA A 35 37.90 20.21 -36.86
N PRO A 36 37.80 20.87 -38.02
CA PRO A 36 39.01 21.19 -38.78
C PRO A 36 39.89 22.18 -38.03
N ASP A 37 41.21 22.01 -38.17
CA ASP A 37 42.20 22.85 -37.53
C ASP A 37 42.02 22.87 -36.00
N LYS A 38 41.50 21.77 -35.45
CA LYS A 38 41.26 21.66 -34.02
C LYS A 38 41.29 20.18 -33.65
N PRO A 39 41.75 19.83 -32.46
CA PRO A 39 41.71 18.42 -32.05
C PRO A 39 40.27 17.96 -31.80
N SER A 40 40.05 16.66 -31.94
CA SER A 40 38.74 16.10 -31.69
C SER A 40 38.35 16.24 -30.22
N LEU A 41 37.04 16.28 -29.98
CA LEU A 41 36.50 16.43 -28.63
C LEU A 41 35.63 15.21 -28.32
N ASP A 42 36.10 14.37 -27.41
CA ASP A 42 35.41 13.15 -27.05
C ASP A 42 34.46 13.41 -25.89
N ILE A 43 33.20 13.01 -26.05
CA ILE A 43 32.17 13.17 -25.02
C ILE A 43 31.67 11.78 -24.64
N SER A 44 31.77 11.45 -23.35
CA SER A 44 31.38 10.14 -22.86
C SER A 44 30.54 10.27 -21.60
N LEU A 45 29.57 9.38 -21.45
CA LEU A 45 28.76 9.29 -20.23
C LEU A 45 29.50 8.42 -19.23
N GLN A 46 30.01 9.04 -18.16
CA GLN A 46 30.82 8.32 -17.19
C GLN A 46 29.99 7.32 -16.40
N THR A 47 29.00 7.82 -15.65
CA THR A 47 28.22 6.95 -14.77
C THR A 47 26.81 7.50 -14.62
N VAL A 48 25.88 6.61 -14.29
CA VAL A 48 24.53 6.96 -13.89
C VAL A 48 24.28 6.28 -12.55
N ALA A 49 23.97 7.08 -11.52
CA ALA A 49 23.98 6.56 -10.17
C ALA A 49 22.89 7.20 -9.33
N ILE A 50 22.58 6.55 -8.22
CA ILE A 50 21.64 7.04 -7.22
C ILE A 50 22.42 7.25 -5.92
N ASP A 51 22.32 8.45 -5.36
CA ASP A 51 23.14 8.86 -4.23
C ASP A 51 22.29 8.84 -2.96
N GLY A 52 22.49 7.81 -2.14
CA GLY A 52 21.87 7.72 -0.83
C GLY A 52 20.36 7.84 -0.83
N PRO A 53 19.67 6.84 -1.39
CA PRO A 53 18.21 6.88 -1.38
C PRO A 53 17.64 6.68 0.01
N ALA A 54 16.40 7.15 0.18
CA ALA A 54 15.72 7.03 1.46
C ALA A 54 15.30 5.59 1.71
N GLU A 55 15.39 5.16 2.97
CA GLU A 55 14.89 3.86 3.38
C GLU A 55 13.39 3.95 3.62
N ALA A 56 12.61 3.18 2.86
CA ALA A 56 11.16 3.23 2.96
C ALA A 56 10.57 2.11 3.80
N ARG A 57 11.27 0.99 3.95
CA ARG A 57 10.72 -0.15 4.68
C ARG A 57 11.86 -1.11 5.01
N LYS A 58 11.69 -1.83 6.12
CA LYS A 58 12.56 -2.95 6.49
C LYS A 58 11.74 -4.22 6.49
N VAL A 59 12.32 -5.31 6.01
CA VAL A 59 11.68 -6.61 5.96
C VAL A 59 12.49 -7.57 6.81
N CYS A 60 11.90 -8.04 7.91
CA CYS A 60 12.59 -8.91 8.84
C CYS A 60 12.59 -10.35 8.33
N TYR A 61 13.76 -10.98 8.31
CA TYR A 61 13.86 -12.39 7.96
C TYR A 61 14.58 -13.20 9.04
N SER A 62 14.79 -12.64 10.23
CA SER A 62 15.33 -13.38 11.36
C SER A 62 14.89 -12.68 12.63
N ALA A 63 14.20 -13.41 13.51
CA ALA A 63 13.60 -12.84 14.70
C ALA A 63 14.20 -13.46 15.96
N VAL A 64 14.22 -12.66 17.03
CA VAL A 64 14.67 -13.10 18.35
C VAL A 64 13.60 -12.72 19.36
N LEU A 65 13.35 -13.62 20.30
CA LEU A 65 12.32 -13.42 21.33
C LEU A 65 12.93 -13.63 22.71
N THR A 66 12.37 -12.94 23.69
CA THR A 66 12.74 -13.13 25.08
C THR A 66 11.99 -14.33 25.63
N HIS A 67 11.99 -14.46 26.95
CA HIS A 67 11.24 -15.58 27.57
C HIS A 67 9.76 -15.23 27.53
N VAL A 68 8.93 -16.25 27.52
CA VAL A 68 7.49 -16.05 27.42
C VAL A 68 6.94 -15.65 28.79
N LYS A 69 6.16 -14.57 28.81
CA LYS A 69 5.52 -14.09 30.06
C LYS A 69 4.05 -14.51 30.00
N ILE A 70 3.52 -15.04 31.10
CA ILE A 70 2.19 -15.64 31.14
C ILE A 70 1.47 -15.15 32.38
N ASN A 71 0.28 -14.57 32.19
CA ASN A 71 -0.67 -14.35 33.27
C ASN A 71 -1.89 -15.19 32.97
N ASP A 72 -2.26 -16.04 33.92
CA ASP A 72 -3.38 -16.96 33.74
C ASP A 72 -4.42 -16.72 34.83
N LYS A 73 -5.67 -17.00 34.48
CA LYS A 73 -6.78 -16.87 35.42
C LYS A 73 -7.59 -18.16 35.43
N CYS A 74 -8.08 -18.53 36.61
CA CYS A 74 -8.95 -19.68 36.73
C CYS A 74 -10.30 -19.37 36.08
N PRO A 75 -11.06 -20.41 35.71
CA PRO A 75 -12.37 -20.16 35.11
C PRO A 75 -13.26 -19.37 36.05
N SER A 76 -14.04 -18.45 35.47
CA SER A 76 -14.94 -17.57 36.21
C SER A 76 -14.18 -16.70 37.22
N THR A 77 -12.96 -16.27 36.89
CA THR A 77 -12.22 -15.33 37.71
C THR A 77 -11.76 -14.10 36.94
N GLY A 78 -12.21 -13.94 35.70
CA GLY A 78 -11.95 -12.73 34.94
C GLY A 78 -10.93 -12.94 33.83
N GLU A 79 -10.79 -11.88 33.03
CA GLU A 79 -9.77 -11.86 31.98
C GLU A 79 -8.38 -11.79 32.59
N ALA A 80 -7.43 -12.43 31.91
CA ALA A 80 -6.02 -12.36 32.26
C ALA A 80 -5.35 -11.28 31.44
N HIS A 81 -4.65 -10.37 32.10
CA HIS A 81 -4.03 -9.24 31.44
C HIS A 81 -2.60 -9.05 31.88
N LEU A 82 -1.73 -8.73 30.93
CA LEU A 82 -0.37 -8.30 31.19
C LEU A 82 -0.19 -6.90 30.63
N ALA A 83 0.61 -6.08 31.32
CA ALA A 83 0.88 -4.74 30.82
C ALA A 83 1.66 -4.76 29.51
N GLU A 84 2.23 -5.90 29.17
CA GLU A 84 3.03 -6.00 27.94
C GLU A 84 2.12 -5.91 26.72
N GLU A 85 0.83 -6.17 26.88
CA GLU A 85 -0.09 -6.12 25.74
C GLU A 85 -0.12 -4.75 25.07
N ASN A 86 0.32 -3.70 25.78
CA ASN A 86 0.28 -2.34 25.24
C ASN A 86 1.60 -1.89 24.63
N ASP A 87 2.68 -2.63 24.84
CA ASP A 87 3.94 -2.32 24.16
C ASP A 87 3.88 -2.78 22.71
N GLY A 88 4.44 -1.96 21.82
CA GLY A 88 4.43 -2.24 20.40
C GLY A 88 5.31 -3.41 19.98
N ASP A 89 6.54 -3.45 20.49
CA ASP A 89 7.51 -4.47 20.10
C ASP A 89 7.30 -5.81 20.80
N ASN A 90 6.15 -6.01 21.42
CA ASN A 90 5.83 -7.28 22.06
C ASN A 90 4.85 -8.06 21.21
N ALA A 91 5.06 -9.37 21.11
CA ALA A 91 4.20 -10.27 20.35
C ALA A 91 3.36 -11.05 21.35
N CYS A 92 2.09 -10.67 21.47
CA CYS A 92 1.18 -11.23 22.45
C CYS A 92 0.08 -12.05 21.77
N LYS A 93 -0.50 -12.95 22.56
CA LYS A 93 -1.64 -13.75 22.10
C LYS A 93 -2.52 -14.08 23.28
N ARG A 94 -3.83 -13.91 23.10
CA ARG A 94 -4.82 -14.19 24.13
C ARG A 94 -5.66 -15.40 23.72
N THR A 95 -5.93 -16.28 24.69
CA THR A 95 -6.72 -17.48 24.44
C THR A 95 -7.19 -18.04 25.78
N TYR A 96 -8.00 -19.08 25.72
CA TYR A 96 -8.45 -19.81 26.89
C TYR A 96 -7.74 -21.17 26.95
N SER A 97 -7.50 -21.64 28.18
CA SER A 97 -6.86 -22.93 28.39
C SER A 97 -7.69 -23.73 29.38
N ASP A 98 -7.61 -25.05 29.26
CA ASP A 98 -8.38 -25.94 30.14
C ASP A 98 -7.77 -25.93 31.53
N ARG A 99 -8.53 -25.46 32.51
CA ARG A 99 -8.13 -25.45 33.91
C ARG A 99 -8.97 -26.43 34.71
N GLY A 100 -8.51 -26.72 35.92
CA GLY A 100 -9.21 -27.66 36.76
C GLY A 100 -8.51 -27.84 38.09
N TRP A 101 -8.86 -28.95 38.77
CA TRP A 101 -8.31 -29.21 40.09
C TRP A 101 -6.82 -29.52 40.02
N GLY A 102 -6.38 -30.23 38.98
CA GLY A 102 -5.00 -30.65 38.89
C GLY A 102 -4.02 -29.51 38.67
N ASN A 103 -4.49 -28.36 38.21
CA ASN A 103 -3.63 -27.22 37.91
C ASN A 103 -3.99 -26.01 38.77
N GLY A 104 -4.59 -26.24 39.93
CA GLY A 104 -4.76 -25.19 40.92
C GLY A 104 -6.01 -24.36 40.84
N CYS A 105 -7.01 -24.78 40.05
CA CYS A 105 -8.24 -24.03 39.91
C CYS A 105 -9.40 -24.77 40.57
N GLY A 106 -10.34 -23.99 41.11
CA GLY A 106 -11.43 -24.57 41.88
C GLY A 106 -12.41 -25.39 41.04
N LEU A 107 -12.76 -24.90 39.85
CA LEU A 107 -13.74 -25.56 39.01
C LEU A 107 -13.20 -25.70 37.59
N PHE A 108 -13.71 -26.70 36.89
CA PHE A 108 -13.25 -27.02 35.55
C PHE A 108 -13.88 -26.08 34.51
N GLY A 109 -13.10 -25.78 33.48
CA GLY A 109 -13.60 -24.96 32.40
C GLY A 109 -12.46 -24.23 31.71
N LYS A 110 -12.84 -23.37 30.77
CA LYS A 110 -11.87 -22.60 29.99
C LYS A 110 -11.43 -21.39 30.81
N GLY A 111 -10.16 -21.36 31.18
CA GLY A 111 -9.59 -20.25 31.92
C GLY A 111 -8.77 -19.36 31.01
N SER A 112 -8.89 -18.06 31.22
CA SER A 112 -8.17 -17.10 30.39
C SER A 112 -6.66 -17.22 30.59
N ILE A 113 -5.92 -16.95 29.53
CA ILE A 113 -4.46 -16.95 29.56
C ILE A 113 -3.94 -16.04 28.46
N VAL A 114 -2.83 -15.36 28.74
CA VAL A 114 -2.19 -14.48 27.79
C VAL A 114 -0.69 -14.73 27.81
N ALA A 115 -0.09 -14.81 26.63
CA ALA A 115 1.35 -15.01 26.49
C ALA A 115 1.94 -13.86 25.69
N CYS A 116 3.06 -13.32 26.17
CA CYS A 116 3.71 -12.20 25.52
C CYS A 116 5.20 -12.45 25.44
N ALA A 117 5.82 -11.96 24.37
CA ALA A 117 7.25 -12.06 24.17
C ALA A 117 7.72 -10.86 23.38
N LYS A 118 8.84 -10.28 23.81
CA LYS A 118 9.39 -9.10 23.14
C LYS A 118 9.98 -9.51 21.79
N PHE A 119 9.61 -8.78 20.75
CA PHE A 119 10.05 -9.08 19.38
C PHE A 119 11.18 -8.14 18.99
N THR A 120 12.36 -8.70 18.75
CA THR A 120 13.50 -7.96 18.24
C THR A 120 13.95 -8.61 16.93
N CYS A 121 14.18 -7.80 15.91
CA CYS A 121 14.58 -8.30 14.60
C CYS A 121 16.11 -8.32 14.51
N ALA A 122 16.67 -9.51 14.29
CA ALA A 122 18.12 -9.64 14.22
C ALA A 122 18.64 -9.24 12.84
N LYS A 123 18.00 -9.70 11.77
CA LYS A 123 18.45 -9.45 10.41
C LYS A 123 17.25 -9.02 9.57
N SER A 124 17.44 -7.98 8.77
CA SER A 124 16.35 -7.38 8.02
C SER A 124 16.83 -6.96 6.63
N MET A 125 15.90 -6.99 5.67
CA MET A 125 16.15 -6.49 4.33
C MET A 125 15.64 -5.05 4.24
N SER A 126 16.46 -4.18 3.65
CA SER A 126 16.12 -2.77 3.52
C SER A 126 15.63 -2.48 2.10
N LEU A 127 14.60 -1.64 2.01
CA LEU A 127 14.02 -1.23 0.74
C LEU A 127 14.12 0.28 0.62
N PHE A 128 14.63 0.74 -0.52
CA PHE A 128 15.00 2.14 -0.70
C PHE A 128 14.16 2.80 -1.78
N GLU A 129 13.64 3.98 -1.47
CA GLU A 129 12.89 4.78 -2.43
C GLU A 129 13.86 5.61 -3.28
N VAL A 130 13.70 5.55 -4.60
CA VAL A 130 14.57 6.27 -5.52
C VAL A 130 13.85 7.56 -5.91
N ASP A 131 14.41 8.69 -5.51
CA ASP A 131 13.90 10.00 -5.93
C ASP A 131 14.43 10.26 -7.33
N GLN A 132 13.53 10.21 -8.33
CA GLN A 132 13.95 10.37 -9.72
C GLN A 132 14.39 11.78 -10.06
N THR A 133 14.19 12.75 -9.17
CA THR A 133 14.66 14.11 -9.39
C THR A 133 16.10 14.32 -8.94
N LYS A 134 16.72 13.33 -8.29
CA LYS A 134 18.10 13.42 -7.87
C LYS A 134 18.97 12.34 -8.50
N ILE A 135 18.47 11.61 -9.50
CA ILE A 135 19.29 10.63 -10.19
C ILE A 135 20.44 11.35 -10.88
N GLN A 136 21.66 10.92 -10.62
CA GLN A 136 22.86 11.60 -11.07
C GLN A 136 23.44 10.93 -12.31
N TYR A 137 24.06 11.73 -13.16
CA TYR A 137 24.80 11.21 -14.30
C TYR A 137 25.99 12.12 -14.56
N VAL A 138 27.15 11.51 -14.81
CA VAL A 138 28.41 12.21 -15.00
C VAL A 138 28.80 12.12 -16.46
N ILE A 139 29.16 13.26 -17.05
CA ILE A 139 29.53 13.35 -18.46
C ILE A 139 30.97 13.82 -18.55
N ARG A 140 31.77 13.08 -19.32
CA ARG A 140 33.20 13.37 -19.46
C ARG A 140 33.47 13.90 -20.85
N ALA A 141 34.21 15.01 -20.92
CA ALA A 141 34.67 15.58 -22.19
C ALA A 141 36.14 15.91 -22.07
N GLN A 142 36.93 15.45 -23.03
CA GLN A 142 38.35 15.74 -23.06
C GLN A 142 38.82 15.88 -24.49
N LEU A 143 39.79 16.76 -24.70
CA LEU A 143 40.35 16.95 -26.03
C LEU A 143 41.18 15.74 -26.44
N HIS A 144 41.07 15.36 -27.70
CA HIS A 144 41.75 14.18 -28.23
C HIS A 144 43.26 14.28 -28.06
N VAL A 145 43.83 13.43 -27.20
CA VAL A 145 45.27 13.41 -26.98
C VAL A 145 45.91 12.70 -28.18
N GLY A 146 46.52 13.50 -29.05
CA GLY A 146 47.11 13.00 -30.29
C GLY A 146 46.43 13.56 -31.53
N ASN A 153 44.55 23.71 -23.03
CA ASN A 153 44.17 22.88 -21.89
C ASN A 153 43.62 21.54 -22.35
N THR A 154 44.47 20.50 -22.25
CA THR A 154 44.12 19.16 -22.69
C THR A 154 43.63 18.28 -21.53
N ASP A 155 43.29 18.88 -20.40
CA ASP A 155 42.81 18.12 -19.26
C ASP A 155 41.39 17.63 -19.51
N ILE A 156 40.86 16.89 -18.56
CA ILE A 156 39.54 16.25 -18.67
C ILE A 156 38.52 17.08 -17.90
N LYS A 157 37.45 17.47 -18.57
CA LYS A 157 36.34 18.15 -17.94
C LYS A 157 35.30 17.13 -17.50
N THR A 158 35.04 17.07 -16.20
CA THR A 158 34.05 16.16 -15.63
C THR A 158 32.85 16.99 -15.17
N LEU A 159 31.73 16.85 -15.87
CA LEU A 159 30.51 17.57 -15.56
C LEU A 159 29.54 16.61 -14.89
N LYS A 160 29.11 16.95 -13.68
CA LYS A 160 28.20 16.12 -12.90
C LYS A 160 26.82 16.75 -12.91
N PHE A 161 25.86 16.06 -13.49
CA PHE A 161 24.47 16.51 -13.51
C PHE A 161 23.65 15.74 -12.49
N ASP A 162 22.44 16.24 -12.24
CA ASP A 162 21.35 15.46 -11.69
C ASP A 162 20.09 15.84 -12.46
N ALA A 163 19.06 15.01 -12.34
CA ALA A 163 17.86 15.17 -13.18
C ALA A 163 17.31 16.59 -13.11
N LEU A 164 17.31 17.18 -11.91
CA LEU A 164 16.82 18.55 -11.78
C LEU A 164 17.78 19.55 -12.41
N SER A 165 19.08 19.35 -12.24
CA SER A 165 20.10 20.25 -12.80
C SER A 165 20.60 19.66 -14.12
N GLY A 166 19.80 19.83 -15.16
CA GLY A 166 20.09 19.24 -16.45
C GLY A 166 20.85 20.16 -17.38
N SER A 167 21.50 21.19 -16.84
CA SER A 167 22.28 22.14 -17.64
C SER A 167 23.52 22.52 -16.86
N GLN A 168 24.69 22.12 -17.35
CA GLN A 168 25.96 22.46 -16.74
C GLN A 168 26.89 23.04 -17.79
N GLU A 169 27.70 24.02 -17.37
CA GLU A 169 28.61 24.72 -18.26
C GLU A 169 30.00 24.12 -18.20
N ALA A 170 30.76 24.31 -19.29
CA ALA A 170 32.13 23.83 -19.38
C ALA A 170 32.89 24.75 -20.32
N GLU A 171 34.20 24.50 -20.44
CA GLU A 171 35.05 25.28 -21.33
C GLU A 171 36.17 24.39 -21.84
N PHE A 172 36.27 24.26 -23.16
CA PHE A 172 37.32 23.50 -23.80
C PHE A 172 38.10 24.42 -24.73
N THR A 173 39.42 24.29 -24.72
CA THR A 173 40.26 25.19 -25.52
C THR A 173 40.00 24.98 -27.00
N GLY A 174 40.04 26.08 -27.75
CA GLY A 174 39.70 26.06 -29.16
C GLY A 174 38.20 26.10 -29.38
N TYR A 175 37.49 25.09 -28.89
CA TYR A 175 36.04 25.07 -29.00
C TYR A 175 35.40 26.16 -28.16
N GLY A 176 36.05 26.58 -27.08
CA GLY A 176 35.54 27.66 -26.25
C GLY A 176 34.56 27.21 -25.18
N LYS A 177 33.67 28.10 -24.79
CA LYS A 177 32.67 27.79 -23.76
C LYS A 177 31.57 26.91 -24.34
N ALA A 178 31.00 26.07 -23.48
CA ALA A 178 29.97 25.12 -23.88
C ALA A 178 28.87 25.06 -22.85
N THR A 179 27.64 24.92 -23.32
CA THR A 179 26.48 24.67 -22.47
C THR A 179 25.90 23.31 -22.85
N LEU A 180 25.84 22.40 -21.88
CA LEU A 180 25.35 21.05 -22.10
C LEU A 180 23.99 20.92 -21.41
N GLU A 181 22.94 20.74 -22.20
CA GLU A 181 21.55 20.56 -21.69
C GLU A 181 21.19 19.11 -21.96
N CYS A 182 21.01 18.31 -20.91
CA CYS A 182 20.87 16.87 -21.02
C CYS A 182 19.63 16.39 -20.25
N GLN A 183 19.25 15.14 -20.52
CA GLN A 183 18.16 14.47 -19.83
C GLN A 183 18.59 13.03 -19.56
N VAL A 184 17.85 12.38 -18.66
CA VAL A 184 18.06 10.97 -18.34
C VAL A 184 16.83 10.20 -18.77
N GLN A 185 17.05 8.98 -19.27
CA GLN A 185 15.98 8.03 -19.53
C GLN A 185 16.46 6.68 -19.00
N THR A 186 16.16 6.41 -17.73
CA THR A 186 16.62 5.20 -17.08
C THR A 186 15.99 3.97 -17.72
N ALA A 187 16.57 2.80 -17.42
CA ALA A 187 16.12 1.55 -18.00
C ALA A 187 14.95 0.92 -17.25
N VAL A 188 14.79 1.22 -15.97
CA VAL A 188 13.73 0.63 -15.17
C VAL A 188 12.83 1.75 -14.64
N ASP A 189 11.60 1.39 -14.31
CA ASP A 189 10.63 2.33 -13.73
C ASP A 189 10.83 2.30 -12.22
N PHE A 190 11.62 3.25 -11.71
CA PHE A 190 11.84 3.34 -10.28
C PHE A 190 10.60 3.75 -9.51
N GLY A 191 9.55 4.21 -10.19
CA GLY A 191 8.28 4.45 -9.52
C GLY A 191 7.59 3.18 -9.10
N ASN A 192 7.91 2.05 -9.74
CA ASN A 192 7.37 0.75 -9.39
C ASN A 192 8.38 -0.14 -8.68
N SER A 193 9.62 0.32 -8.50
CA SER A 193 10.70 -0.54 -8.03
C SER A 193 11.35 0.03 -6.78
N TYR A 194 11.84 -0.88 -5.94
CA TYR A 194 12.65 -0.56 -4.78
C TYR A 194 14.10 -0.92 -5.07
N ILE A 195 14.99 -0.46 -4.20
CA ILE A 195 16.36 -0.96 -4.14
C ILE A 195 16.45 -1.80 -2.88
N ALA A 196 16.63 -3.11 -3.05
CA ALA A 196 16.57 -4.06 -1.95
C ALA A 196 17.99 -4.41 -1.52
N GLU A 197 18.36 -4.03 -0.31
CA GLU A 197 19.59 -4.46 0.32
C GLU A 197 19.27 -5.49 1.39
N MET A 198 19.92 -6.65 1.29
CA MET A 198 19.74 -7.75 2.21
C MET A 198 21.00 -8.11 2.96
N GLU A 199 22.16 -7.84 2.36
CA GLU A 199 23.48 -8.23 2.83
C GLU A 199 24.46 -7.27 2.15
N LYS A 200 25.72 -7.68 2.03
CA LYS A 200 26.63 -7.05 1.09
C LYS A 200 25.94 -6.80 -0.25
N ASP A 201 25.02 -7.68 -0.64
CA ASP A 201 24.35 -7.68 -1.92
C ASP A 201 23.25 -6.60 -1.98
N SER A 202 22.79 -6.34 -3.20
CA SER A 202 21.69 -5.42 -3.45
C SER A 202 21.02 -5.79 -4.76
N TRP A 203 19.72 -5.53 -4.86
CA TRP A 203 18.93 -5.83 -6.05
C TRP A 203 18.05 -4.63 -6.41
N ILE A 204 17.35 -4.76 -7.53
CA ILE A 204 16.20 -3.93 -7.88
C ILE A 204 14.97 -4.83 -7.88
N VAL A 205 14.04 -4.56 -6.99
CA VAL A 205 12.85 -5.39 -6.83
C VAL A 205 11.60 -4.55 -7.00
N ASP A 206 10.53 -5.20 -7.44
CA ASP A 206 9.26 -4.51 -7.63
C ASP A 206 8.67 -4.10 -6.29
N ARG A 207 8.01 -2.94 -6.27
CA ARG A 207 7.43 -2.44 -5.03
C ARG A 207 6.37 -3.40 -4.49
N GLN A 208 5.41 -3.79 -5.34
CA GLN A 208 4.31 -4.63 -4.87
C GLN A 208 4.80 -6.01 -4.45
N TRP A 209 5.85 -6.52 -5.11
CA TRP A 209 6.40 -7.81 -4.72
C TRP A 209 6.94 -7.77 -3.29
N ALA A 210 7.64 -6.70 -2.94
CA ALA A 210 8.24 -6.60 -1.61
C ALA A 210 7.19 -6.33 -0.53
N GLN A 211 6.10 -5.64 -0.89
CA GLN A 211 5.05 -5.35 0.09
C GLN A 211 4.09 -6.51 0.27
N ASP A 212 3.96 -7.39 -0.72
CA ASP A 212 3.17 -8.61 -0.57
C ASP A 212 3.97 -9.74 0.06
N LEU A 213 5.18 -9.45 0.55
CA LEU A 213 5.98 -10.46 1.23
C LEU A 213 5.33 -10.87 2.54
N THR A 214 5.44 -12.16 2.87
CA THR A 214 4.85 -12.71 4.09
C THR A 214 5.89 -12.71 5.23
N LEU A 215 6.37 -11.52 5.56
CA LEU A 215 7.35 -11.33 6.61
C LEU A 215 7.00 -10.07 7.40
N PRO A 216 7.41 -10.01 8.67
CA PRO A 216 7.21 -8.78 9.43
C PRO A 216 7.97 -7.61 8.80
N TRP A 217 7.40 -6.41 8.92
CA TRP A 217 8.01 -5.25 8.31
C TRP A 217 7.92 -4.06 9.27
N GLN A 218 8.83 -3.11 9.06
CA GLN A 218 8.90 -1.87 9.81
C GLN A 218 9.02 -0.71 8.84
N SER A 219 8.32 0.38 9.13
CA SER A 219 8.39 1.56 8.28
C SER A 219 9.81 2.12 8.27
N GLY A 220 10.20 2.71 7.14
CA GLY A 220 11.47 3.40 7.06
C GLY A 220 11.58 4.56 8.01
N SER A 221 10.44 5.07 8.49
CA SER A 221 10.40 6.10 9.52
C SER A 221 10.44 5.50 10.92
N GLY A 222 10.86 4.25 11.06
CA GLY A 222 10.88 3.60 12.36
C GLY A 222 9.48 3.25 12.84
N GLY A 223 9.42 2.82 14.10
CA GLY A 223 8.18 2.47 14.74
C GLY A 223 8.16 1.03 15.20
N ILE A 224 6.96 0.45 15.20
CA ILE A 224 6.78 -0.92 15.65
C ILE A 224 7.01 -1.87 14.48
N TRP A 225 7.26 -3.14 14.81
CA TRP A 225 7.31 -4.20 13.82
C TRP A 225 5.90 -4.73 13.60
N ARG A 226 5.50 -4.84 12.33
CA ARG A 226 4.11 -5.14 11.98
C ARG A 226 4.02 -6.51 11.32
N GLU A 227 2.90 -7.19 11.59
CA GLU A 227 2.66 -8.56 11.13
C GLU A 227 3.78 -9.49 11.61
N MET A 228 3.91 -9.57 12.94
CA MET A 228 4.95 -10.39 13.55
C MET A 228 4.66 -11.88 13.44
N HIS A 229 3.40 -12.27 13.23
CA HIS A 229 3.04 -13.68 13.27
C HIS A 229 3.72 -14.50 12.18
N HIS A 230 4.31 -13.85 11.18
CA HIS A 230 5.05 -14.56 10.15
C HIS A 230 6.33 -15.21 10.69
N LEU A 231 6.84 -14.73 11.82
CA LEU A 231 8.03 -15.30 12.44
C LEU A 231 7.81 -15.74 13.88
N VAL A 232 6.59 -15.61 14.40
CA VAL A 232 6.26 -15.99 15.77
C VAL A 232 5.17 -17.06 15.73
N GLU A 233 5.43 -18.19 16.38
CA GLU A 233 4.49 -19.30 16.43
C GLU A 233 4.02 -19.48 17.87
N PHE A 234 2.72 -19.33 18.09
CA PHE A 234 2.11 -19.50 19.40
C PHE A 234 1.46 -20.89 19.45
N GLU A 235 1.90 -21.70 20.39
CA GLU A 235 1.54 -23.10 20.48
C GLU A 235 0.27 -23.30 21.29
N PRO A 236 -0.38 -24.46 21.15
CA PRO A 236 -1.55 -24.76 21.97
C PRO A 236 -1.22 -24.67 23.46
N PRO A 237 -2.09 -24.04 24.25
CA PRO A 237 -1.79 -23.88 25.68
C PRO A 237 -2.02 -25.16 26.46
N HIS A 238 -1.09 -25.45 27.35
CA HIS A 238 -1.29 -26.45 28.37
C HIS A 238 -1.95 -25.77 29.58
N ALA A 239 -1.92 -26.42 30.74
CA ALA A 239 -2.63 -25.93 31.92
C ALA A 239 -2.44 -24.43 32.14
N ALA A 240 -1.20 -23.99 32.38
CA ALA A 240 -0.96 -22.57 32.58
C ALA A 240 0.27 -22.08 31.82
N THR A 241 0.70 -22.80 30.79
CA THR A 241 1.89 -22.46 30.03
C THR A 241 1.54 -22.38 28.54
N ILE A 242 2.18 -21.43 27.85
CA ILE A 242 2.11 -21.32 26.40
C ILE A 242 3.54 -21.25 25.88
N ARG A 243 3.82 -22.03 24.84
CA ARG A 243 5.14 -22.06 24.23
C ARG A 243 5.16 -21.19 22.99
N VAL A 244 6.23 -20.42 22.82
CA VAL A 244 6.40 -19.51 21.70
C VAL A 244 7.66 -19.89 20.94
N LEU A 245 7.55 -19.95 19.62
CA LEU A 245 8.66 -20.30 18.74
C LEU A 245 8.96 -19.12 17.82
N ALA A 246 10.21 -18.73 17.76
CA ALA A 246 10.69 -17.81 16.72
C ALA A 246 10.99 -18.65 15.49
N LEU A 247 10.21 -18.47 14.43
CA LEU A 247 10.41 -19.26 13.22
C LEU A 247 11.82 -19.05 12.68
N GLY A 248 12.38 -20.12 12.12
CA GLY A 248 13.77 -20.13 11.72
C GLY A 248 14.11 -19.03 10.73
N ASN A 249 15.42 -18.87 10.52
CA ASN A 249 15.92 -17.84 9.62
C ASN A 249 15.31 -18.02 8.23
N GLN A 250 14.89 -16.91 7.63
CA GLN A 250 14.24 -16.93 6.32
C GLN A 250 15.12 -16.35 5.23
N GLU A 251 16.43 -16.25 5.47
CA GLU A 251 17.35 -15.75 4.45
C GLU A 251 17.38 -16.65 3.22
N GLY A 252 17.22 -17.97 3.42
CA GLY A 252 17.25 -18.87 2.28
C GLY A 252 16.09 -18.67 1.33
N SER A 253 14.89 -18.51 1.88
CA SER A 253 13.71 -18.32 1.04
C SER A 253 13.78 -17.00 0.27
N LEU A 254 14.23 -15.93 0.93
CA LEU A 254 14.32 -14.63 0.27
C LEU A 254 15.33 -14.66 -0.87
N LYS A 255 16.53 -15.20 -0.61
CA LYS A 255 17.55 -15.27 -1.65
C LYS A 255 17.07 -16.06 -2.85
N THR A 256 16.32 -17.14 -2.61
CA THR A 256 15.74 -17.91 -3.71
C THR A 256 14.73 -17.08 -4.49
N ALA A 257 13.85 -16.37 -3.79
CA ALA A 257 12.87 -15.52 -4.47
C ALA A 257 13.51 -14.32 -5.15
N LEU A 258 14.72 -13.95 -4.74
CA LEU A 258 15.43 -12.81 -5.31
C LEU A 258 16.21 -13.16 -6.58
N THR A 259 16.22 -14.43 -6.99
CA THR A 259 16.99 -14.84 -8.16
C THR A 259 16.44 -14.18 -9.42
N GLY A 260 15.12 -14.16 -9.58
CA GLY A 260 14.51 -13.54 -10.74
C GLY A 260 14.44 -12.03 -10.63
N ALA A 261 15.57 -11.42 -10.26
CA ALA A 261 15.66 -9.98 -10.10
C ALA A 261 17.07 -9.53 -10.46
N MET A 262 17.17 -8.38 -11.12
CA MET A 262 18.47 -7.86 -11.52
C MET A 262 19.21 -7.26 -10.32
N ARG A 263 20.53 -7.33 -10.38
CA ARG A 263 21.39 -6.89 -9.30
C ARG A 263 21.92 -5.48 -9.59
N VAL A 264 22.29 -4.78 -8.52
CA VAL A 264 22.92 -3.48 -8.60
C VAL A 264 24.19 -3.50 -7.75
N THR A 265 25.04 -2.50 -7.97
CA THR A 265 26.38 -2.48 -7.39
C THR A 265 26.61 -1.15 -6.68
N LYS A 266 26.80 -1.20 -5.37
CA LYS A 266 27.34 -0.05 -4.67
C LYS A 266 28.75 0.25 -5.18
N ASP A 267 29.05 1.53 -5.35
CA ASP A 267 30.38 1.90 -5.85
C ASP A 267 31.44 1.56 -4.81
N GLU A 268 32.65 1.32 -5.30
CA GLU A 268 33.73 0.83 -4.45
C GLU A 268 34.15 1.86 -3.40
N ASN A 269 34.26 3.12 -3.80
CA ASN A 269 34.72 4.17 -2.89
C ASN A 269 33.58 4.76 -2.08
N ASP A 270 32.50 5.15 -2.75
CA ASP A 270 31.44 5.93 -2.12
C ASP A 270 30.55 5.10 -1.20
N ASN A 271 30.37 3.81 -1.48
CA ASN A 271 29.53 2.90 -0.70
C ASN A 271 28.16 3.47 -0.36
N ASN A 272 27.66 4.40 -1.16
CA ASN A 272 26.23 4.67 -1.17
C ASN A 272 25.69 4.94 -2.56
N LEU A 273 26.56 5.21 -3.54
CA LEU A 273 26.14 5.29 -4.93
C LEU A 273 25.76 3.92 -5.43
N TYR A 274 24.57 3.81 -6.01
CA TYR A 274 24.14 2.58 -6.69
C TYR A 274 24.32 2.80 -8.18
N LYS A 275 25.29 2.10 -8.76
CA LYS A 275 25.69 2.35 -10.15
C LYS A 275 24.69 1.68 -11.08
N LEU A 276 23.95 2.48 -11.83
CA LEU A 276 23.04 1.98 -12.84
C LEU A 276 23.78 1.78 -14.16
N HIS A 277 23.34 0.81 -14.94
CA HIS A 277 24.03 0.43 -16.17
C HIS A 277 23.26 0.72 -17.44
N GLY A 278 21.93 0.74 -17.38
CA GLY A 278 21.14 1.14 -18.52
C GLY A 278 20.84 2.64 -18.50
N GLY A 279 20.37 3.13 -19.65
CA GLY A 279 19.94 4.51 -19.72
C GLY A 279 20.58 5.33 -20.83
N HIS A 280 19.76 6.08 -21.55
CA HIS A 280 20.23 7.04 -22.54
C HIS A 280 20.26 8.43 -21.93
N VAL A 281 21.24 9.23 -22.34
CA VAL A 281 21.37 10.60 -21.88
C VAL A 281 21.32 11.47 -23.12
N SER A 282 20.14 12.00 -23.45
CA SER A 282 19.96 12.86 -24.60
C SER A 282 20.51 14.24 -24.27
N CYS A 283 21.60 14.63 -24.95
CA CYS A 283 22.27 15.89 -24.67
C CYS A 283 22.23 16.79 -25.90
N ARG A 284 22.21 18.09 -25.63
CA ARG A 284 22.41 19.11 -26.65
C ARG A 284 23.61 19.94 -26.25
N VAL A 285 24.66 19.90 -27.06
CA VAL A 285 25.89 20.62 -26.75
C VAL A 285 25.84 21.97 -27.44
N LYS A 286 25.64 23.02 -26.65
CA LYS A 286 25.60 24.39 -27.17
C LYS A 286 27.01 24.96 -27.19
N LEU A 287 27.51 25.22 -28.39
CA LEU A 287 28.87 25.71 -28.59
C LEU A 287 28.84 27.05 -29.33
N SER A 288 29.96 27.76 -29.27
CA SER A 288 30.13 28.93 -30.11
C SER A 288 30.19 28.51 -31.57
N ALA A 289 29.84 29.44 -32.45
CA ALA A 289 29.74 29.15 -33.88
C ALA A 289 31.10 28.74 -34.44
N LEU A 290 31.19 27.50 -34.94
CA LEU A 290 32.40 26.99 -35.53
C LEU A 290 32.07 25.73 -36.33
N THR A 291 32.69 25.58 -37.49
CA THR A 291 32.38 24.46 -38.37
C THR A 291 32.97 23.16 -37.82
N LEU A 292 32.19 22.09 -37.91
CA LEU A 292 32.62 20.75 -37.51
C LEU A 292 32.63 19.83 -38.72
N LYS A 293 33.49 18.81 -38.66
CA LYS A 293 33.63 17.84 -39.74
C LYS A 293 32.85 16.58 -39.37
N GLY A 294 31.84 16.24 -40.19
CA GLY A 294 31.09 15.03 -39.97
C GLY A 294 31.77 13.80 -40.53
N THR A 295 31.22 12.64 -40.17
CA THR A 295 31.74 11.36 -40.61
C THR A 295 30.64 10.58 -41.32
N SER A 296 31.01 9.89 -42.39
CA SER A 296 30.08 9.05 -43.15
C SER A 296 30.23 7.61 -42.72
N TYR A 297 29.10 6.94 -42.48
CA TYR A 297 29.07 5.56 -42.02
C TYR A 297 28.23 4.72 -42.95
N LYS A 298 28.82 3.70 -43.54
CA LYS A 298 28.13 2.76 -44.41
C LYS A 298 27.73 1.51 -43.64
N MET A 299 26.97 0.64 -44.30
CA MET A 299 26.48 -0.58 -43.68
C MET A 299 27.52 -1.69 -43.82
N CYS A 300 27.77 -2.40 -42.73
CA CYS A 300 28.67 -3.54 -42.78
C CYS A 300 28.11 -4.62 -43.70
N THR A 301 28.96 -5.16 -44.57
CA THR A 301 28.56 -6.21 -45.49
C THR A 301 29.27 -7.54 -45.26
N ASP A 302 30.40 -7.55 -44.58
CA ASP A 302 31.17 -8.76 -44.38
C ASP A 302 30.49 -9.64 -43.33
N LYS A 303 31.15 -10.75 -43.01
CA LYS A 303 30.63 -11.70 -42.03
C LYS A 303 31.00 -11.26 -40.62
N MET A 304 30.06 -11.42 -39.70
CA MET A 304 30.24 -11.11 -38.29
C MET A 304 29.97 -12.35 -37.45
N SER A 305 30.39 -12.29 -36.19
CA SER A 305 30.24 -13.41 -35.26
C SER A 305 29.91 -12.90 -33.87
N PHE A 306 29.24 -13.74 -33.09
CA PHE A 306 28.83 -13.40 -31.73
C PHE A 306 30.00 -13.69 -30.78
N VAL A 307 30.68 -12.64 -30.33
CA VAL A 307 31.66 -12.81 -29.27
C VAL A 307 30.97 -13.22 -27.98
N LYS A 308 29.92 -12.52 -27.60
CA LYS A 308 29.06 -12.89 -26.49
C LYS A 308 27.65 -13.15 -27.04
N ASN A 309 27.10 -14.31 -26.72
CA ASN A 309 25.80 -14.69 -27.22
C ASN A 309 24.72 -13.79 -26.65
N PRO A 310 23.59 -13.64 -27.35
CA PRO A 310 22.48 -12.85 -26.81
C PRO A 310 21.98 -13.41 -25.49
N THR A 311 21.86 -12.54 -24.50
CA THR A 311 21.41 -12.92 -23.17
C THR A 311 20.43 -11.88 -22.65
N ASP A 312 19.70 -12.25 -21.60
CA ASP A 312 18.75 -11.34 -20.98
C ASP A 312 19.47 -10.28 -20.16
N THR A 313 18.90 -9.07 -20.15
CA THR A 313 19.45 -7.97 -19.37
C THR A 313 18.89 -7.93 -17.95
N GLY A 314 17.71 -8.48 -17.73
CA GLY A 314 17.02 -8.34 -16.47
C GLY A 314 15.82 -7.42 -16.58
N HIS A 315 15.98 -6.31 -17.28
CA HIS A 315 14.86 -5.42 -17.58
C HIS A 315 14.28 -5.68 -18.98
N GLY A 316 13.99 -6.95 -19.26
CA GLY A 316 13.20 -7.31 -20.42
C GLY A 316 13.80 -7.01 -21.78
N THR A 317 15.11 -6.82 -21.86
CA THR A 317 15.78 -6.60 -23.15
C THR A 317 16.87 -7.65 -23.33
N VAL A 318 17.42 -7.69 -24.55
CA VAL A 318 18.42 -8.66 -24.94
C VAL A 318 19.67 -7.91 -25.38
N VAL A 319 20.83 -8.32 -24.85
CA VAL A 319 22.11 -7.71 -25.15
C VAL A 319 23.03 -8.76 -25.77
N MET A 320 23.70 -8.37 -26.85
CA MET A 320 24.66 -9.21 -27.56
C MET A 320 25.93 -8.40 -27.79
N GLN A 321 27.03 -9.12 -28.04
CA GLN A 321 28.32 -8.48 -28.34
C GLN A 321 28.89 -9.17 -29.56
N VAL A 322 28.72 -8.55 -30.73
CA VAL A 322 29.13 -9.15 -32.00
C VAL A 322 30.51 -8.61 -32.38
N LYS A 323 31.21 -9.37 -33.19
CA LYS A 323 32.56 -9.01 -33.65
C LYS A 323 32.53 -8.70 -35.14
N VAL A 324 33.15 -7.59 -35.51
CA VAL A 324 33.32 -7.24 -36.92
C VAL A 324 34.80 -7.38 -37.23
N PRO A 325 35.22 -8.50 -37.82
CA PRO A 325 36.66 -8.74 -37.99
C PRO A 325 37.27 -8.07 -39.21
N LYS A 326 36.47 -7.85 -40.26
CA LYS A 326 37.00 -7.38 -41.53
C LYS A 326 36.41 -6.07 -42.01
N GLY A 327 35.08 -5.94 -42.01
CA GLY A 327 34.41 -5.09 -42.98
C GLY A 327 34.93 -3.67 -43.18
N ALA A 328 34.69 -2.78 -42.23
CA ALA A 328 35.04 -1.37 -42.37
C ALA A 328 34.65 -0.61 -41.11
N PRO A 329 35.04 0.66 -40.97
CA PRO A 329 34.22 1.54 -40.13
C PRO A 329 32.82 1.55 -40.70
N CYS A 330 31.87 0.95 -39.99
CA CYS A 330 30.58 0.64 -40.60
C CYS A 330 29.53 0.42 -39.52
N LYS A 331 28.28 0.43 -39.94
CA LYS A 331 27.13 0.28 -39.05
C LYS A 331 26.53 -1.12 -39.19
N ILE A 332 26.24 -1.74 -38.06
CA ILE A 332 25.72 -3.11 -38.04
C ILE A 332 24.21 -3.08 -38.28
N PRO A 333 23.70 -3.81 -39.27
CA PRO A 333 22.24 -3.90 -39.45
C PRO A 333 21.64 -4.93 -38.50
N VAL A 334 20.70 -4.49 -37.66
CA VAL A 334 20.06 -5.34 -36.67
C VAL A 334 18.55 -5.20 -36.80
N ILE A 335 17.86 -6.34 -36.93
CA ILE A 335 16.41 -6.42 -36.93
C ILE A 335 15.98 -7.55 -36.01
N VAL A 336 14.67 -7.59 -35.73
CA VAL A 336 14.03 -8.69 -35.00
C VAL A 336 12.70 -8.98 -35.69
N ALA A 337 12.58 -10.16 -36.28
CA ALA A 337 11.43 -10.51 -37.11
C ALA A 337 10.80 -11.81 -36.62
N ASP A 338 9.61 -12.09 -37.15
CA ASP A 338 8.88 -13.30 -36.81
C ASP A 338 9.46 -14.53 -37.46
N ASP A 339 10.01 -14.39 -38.67
CA ASP A 339 10.56 -15.52 -39.41
C ASP A 339 11.85 -15.10 -40.09
N LEU A 340 12.72 -16.09 -40.37
CA LEU A 340 14.04 -15.90 -40.98
C LEU A 340 13.95 -15.48 -42.44
N THR A 341 12.73 -15.21 -42.92
CA THR A 341 12.49 -14.73 -44.26
C THR A 341 12.76 -13.22 -44.25
N ALA A 342 12.26 -12.50 -45.25
CA ALA A 342 12.59 -11.08 -45.45
C ALA A 342 12.47 -10.26 -44.17
N ALA A 343 13.22 -9.15 -44.13
CA ALA A 343 13.33 -8.32 -42.94
C ALA A 343 12.02 -7.56 -42.72
N VAL A 344 11.20 -8.07 -41.82
CA VAL A 344 10.00 -7.38 -41.35
C VAL A 344 10.18 -7.21 -39.84
N ASN A 345 10.78 -6.10 -39.44
CA ASN A 345 11.18 -5.91 -38.06
C ASN A 345 9.97 -5.75 -37.14
N LYS A 346 9.96 -6.51 -36.05
CA LYS A 346 8.93 -6.39 -35.02
C LYS A 346 9.48 -5.92 -33.69
N GLY A 347 10.79 -6.02 -33.46
CA GLY A 347 11.41 -5.57 -32.25
C GLY A 347 11.78 -4.10 -32.30
N ILE A 348 12.47 -3.66 -31.24
CA ILE A 348 12.89 -2.28 -31.10
C ILE A 348 14.38 -2.27 -30.81
N LEU A 349 15.15 -1.56 -31.64
CA LEU A 349 16.59 -1.46 -31.44
C LEU A 349 16.87 -0.39 -30.39
N VAL A 350 17.33 -0.82 -29.22
CA VAL A 350 17.58 0.12 -28.13
C VAL A 350 18.88 0.87 -28.37
N THR A 351 19.95 0.14 -28.69
CA THR A 351 21.25 0.76 -28.91
C THR A 351 21.20 1.74 -30.08
N VAL A 352 21.81 2.90 -29.90
CA VAL A 352 21.94 3.89 -30.94
C VAL A 352 23.26 3.69 -31.65
N ASN A 353 23.22 3.61 -32.98
CA ASN A 353 24.40 3.51 -33.83
C ASN A 353 25.29 2.34 -33.45
N PRO A 354 24.90 1.09 -33.73
CA PRO A 354 25.83 -0.03 -33.52
C PRO A 354 26.94 -0.01 -34.55
N ILE A 355 27.95 0.83 -34.31
CA ILE A 355 29.01 1.12 -35.27
C ILE A 355 30.33 0.58 -34.73
N ALA A 356 31.13 0.00 -35.61
CA ALA A 356 32.48 -0.46 -35.29
C ALA A 356 33.48 0.50 -35.91
N SER A 357 34.30 1.12 -35.06
CA SER A 357 35.29 2.07 -35.55
C SER A 357 36.32 1.39 -36.45
N THR A 358 37.08 0.46 -35.89
CA THR A 358 38.06 -0.33 -36.63
C THR A 358 37.53 -1.74 -36.82
N ASN A 359 38.37 -2.60 -37.38
CA ASN A 359 38.03 -4.01 -37.52
C ASN A 359 38.45 -4.77 -36.26
N ASP A 360 37.91 -5.99 -36.12
CA ASP A 360 38.11 -6.84 -34.95
C ASP A 360 37.60 -6.20 -33.66
N ASP A 361 36.76 -5.17 -33.78
CA ASP A 361 36.12 -4.59 -32.61
C ASP A 361 34.88 -5.39 -32.23
N GLU A 362 34.50 -5.30 -30.96
CA GLU A 362 33.33 -5.98 -30.43
C GLU A 362 32.30 -4.94 -30.02
N VAL A 363 31.10 -5.05 -30.57
CA VAL A 363 30.07 -4.02 -30.46
C VAL A 363 28.92 -4.54 -29.61
N LEU A 364 28.55 -3.76 -28.60
CA LEU A 364 27.38 -4.06 -27.80
C LEU A 364 26.11 -3.60 -28.53
N ILE A 365 25.10 -4.47 -28.55
CA ILE A 365 23.82 -4.16 -29.18
C ILE A 365 22.72 -4.59 -28.22
N GLU A 366 21.85 -3.65 -27.85
CA GLU A 366 20.71 -3.93 -27.00
C GLU A 366 19.43 -3.92 -27.83
N VAL A 367 18.57 -4.91 -27.61
CA VAL A 367 17.40 -5.14 -28.44
C VAL A 367 16.22 -5.51 -27.56
N ASN A 368 15.05 -4.95 -27.87
CA ASN A 368 13.81 -5.26 -27.18
C ASN A 368 12.91 -6.08 -28.10
N PRO A 369 12.96 -7.41 -28.03
CA PRO A 369 12.16 -8.23 -28.94
C PRO A 369 10.72 -8.31 -28.48
N PRO A 370 9.80 -8.69 -29.37
CA PRO A 370 8.39 -8.86 -28.96
C PRO A 370 8.20 -10.13 -28.15
N PHE A 371 7.00 -10.26 -27.59
CA PHE A 371 6.65 -11.44 -26.80
C PHE A 371 6.41 -12.64 -27.69
N GLY A 372 6.80 -13.81 -27.23
CA GLY A 372 6.70 -15.02 -28.01
C GLY A 372 8.01 -15.38 -28.68
N ASP A 373 7.88 -16.15 -29.77
CA ASP A 373 9.04 -16.58 -30.54
C ASP A 373 9.37 -15.54 -31.60
N SER A 374 10.63 -15.12 -31.64
CA SER A 374 11.12 -14.16 -32.63
C SER A 374 12.54 -14.55 -33.02
N TYR A 375 13.00 -13.97 -34.13
CA TYR A 375 14.32 -14.26 -34.66
C TYR A 375 15.15 -12.99 -34.64
N ILE A 376 16.28 -13.03 -33.94
CA ILE A 376 17.23 -11.92 -33.91
C ILE A 376 18.17 -12.10 -35.09
N ILE A 377 18.12 -11.17 -36.04
CA ILE A 377 18.89 -11.27 -37.27
C ILE A 377 19.90 -10.13 -37.28
N VAL A 378 21.18 -10.48 -37.25
CA VAL A 378 22.27 -9.52 -37.32
C VAL A 378 22.97 -9.71 -38.66
N GLY A 379 23.07 -8.66 -39.43
CA GLY A 379 23.72 -8.71 -40.73
C GLY A 379 22.73 -8.84 -41.87
N THR A 380 23.29 -9.04 -43.06
CA THR A 380 22.50 -9.14 -44.28
C THR A 380 23.08 -10.23 -45.18
N GLY A 381 22.20 -10.89 -45.92
CA GLY A 381 22.63 -11.90 -46.87
C GLY A 381 22.95 -13.23 -46.23
N ASP A 382 23.77 -14.01 -46.94
CA ASP A 382 24.16 -15.32 -46.45
C ASP A 382 25.08 -15.21 -45.24
N SER A 383 25.96 -14.21 -45.22
CA SER A 383 26.85 -13.98 -44.08
C SER A 383 26.15 -13.16 -43.00
N ARG A 384 25.06 -13.73 -42.48
CA ARG A 384 24.27 -13.08 -41.46
C ARG A 384 24.11 -14.03 -40.28
N LEU A 385 23.92 -13.44 -39.09
CA LEU A 385 23.73 -14.19 -37.87
C LEU A 385 22.24 -14.27 -37.56
N THR A 386 21.80 -15.43 -37.08
CA THR A 386 20.40 -15.65 -36.75
C THR A 386 20.31 -16.37 -35.41
N TYR A 387 19.70 -15.72 -34.42
CA TYR A 387 19.53 -16.30 -33.09
C TYR A 387 18.05 -16.35 -32.74
N GLN A 388 17.60 -17.51 -32.28
CA GLN A 388 16.21 -17.73 -31.92
C GLN A 388 15.98 -17.25 -30.48
N TRP A 389 14.90 -16.50 -30.27
CA TRP A 389 14.61 -15.95 -28.95
C TRP A 389 13.17 -16.20 -28.56
N HIS A 390 12.97 -16.32 -27.24
CA HIS A 390 11.65 -16.47 -26.65
C HIS A 390 11.57 -15.58 -25.42
N LYS A 391 10.47 -14.85 -25.29
CA LYS A 391 10.31 -13.83 -24.25
C LYS A 391 9.15 -14.20 -23.35
N GLU A 392 9.39 -14.18 -22.03
CA GLU A 392 8.37 -14.55 -21.06
C GLU A 392 7.51 -13.35 -20.70
N GLY A 393 6.51 -13.59 -19.84
CA GLY A 393 5.42 -12.68 -19.56
C GLY A 393 5.71 -11.53 -18.62
N SER A 394 6.93 -11.40 -18.11
CA SER A 394 7.35 -10.28 -17.26
C SER A 394 6.49 -10.18 -16.01
N SER A 395 6.61 -11.20 -15.15
CA SER A 395 5.99 -11.16 -13.84
C SER A 395 6.64 -10.06 -12.99
N ILE A 396 6.04 -9.82 -11.82
CA ILE A 396 6.56 -8.80 -10.90
C ILE A 396 7.63 -9.35 -9.97
N GLY A 397 7.90 -10.66 -10.01
CA GLY A 397 8.95 -11.24 -9.21
C GLY A 397 8.62 -12.68 -8.85
N LYS A 398 9.34 -13.18 -7.84
CA LYS A 398 9.17 -14.53 -7.35
C LYS A 398 9.36 -15.58 -8.44
N GLU B 1 1.38 5.93 45.81
CA GLU B 1 2.16 5.43 44.68
C GLU B 1 2.78 4.07 44.98
N VAL B 2 3.65 3.61 44.08
CA VAL B 2 4.19 2.26 44.17
C VAL B 2 5.15 2.16 45.34
N GLN B 3 4.97 1.13 46.17
CA GLN B 3 5.80 0.92 47.35
C GLN B 3 6.03 -0.58 47.55
N LEU B 4 7.30 -0.96 47.71
CA LEU B 4 7.69 -2.30 48.16
C LEU B 4 8.45 -2.15 49.47
N VAL B 5 8.05 -2.92 50.47
CA VAL B 5 8.62 -2.82 51.82
C VAL B 5 9.11 -4.20 52.21
N GLU B 6 10.42 -4.41 52.17
CA GLU B 6 11.00 -5.66 52.63
C GLU B 6 10.97 -5.75 54.15
N SER B 7 10.97 -6.99 54.64
CA SER B 7 11.03 -7.25 56.07
C SER B 7 11.49 -8.69 56.27
N GLY B 8 11.84 -9.01 57.51
CA GLY B 8 12.27 -10.35 57.87
C GLY B 8 13.74 -10.62 57.79
N GLY B 9 14.57 -9.60 57.58
CA GLY B 9 16.01 -9.79 57.55
C GLY B 9 16.65 -9.62 58.92
N GLY B 10 17.84 -10.18 59.06
CA GLY B 10 18.57 -10.07 60.32
C GLY B 10 19.70 -11.07 60.38
N LEU B 11 20.05 -11.44 61.61
CA LEU B 11 21.14 -12.37 61.88
C LEU B 11 20.60 -13.77 62.13
N VAL B 12 21.32 -14.78 61.62
CA VAL B 12 20.91 -16.17 61.78
C VAL B 12 22.16 -17.02 61.59
N LYS B 13 22.14 -18.21 62.20
CA LYS B 13 23.27 -19.12 62.15
C LYS B 13 23.27 -19.92 60.85
N PRO B 14 24.44 -20.39 60.42
CA PRO B 14 24.50 -21.28 59.25
C PRO B 14 23.65 -22.52 59.46
N GLY B 15 22.97 -22.94 58.41
CA GLY B 15 21.97 -23.97 58.51
C GLY B 15 20.64 -23.48 59.00
N GLY B 16 20.53 -22.23 59.44
CA GLY B 16 19.28 -21.68 59.88
C GLY B 16 18.34 -21.40 58.74
N SER B 17 17.11 -21.05 59.08
CA SER B 17 16.05 -20.83 58.11
C SER B 17 15.42 -19.47 58.36
N LEU B 18 15.37 -18.64 57.34
CA LEU B 18 14.79 -17.31 57.43
C LEU B 18 13.78 -17.12 56.31
N ARG B 19 12.75 -16.32 56.59
CA ARG B 19 11.71 -16.00 55.62
C ARG B 19 11.64 -14.49 55.47
N LEU B 20 11.75 -14.01 54.24
CA LEU B 20 11.58 -12.60 53.92
C LEU B 20 10.17 -12.35 53.40
N SER B 21 9.70 -11.12 53.61
CA SER B 21 8.38 -10.71 53.16
C SER B 21 8.48 -9.36 52.49
N CYS B 22 7.84 -9.22 51.32
CA CYS B 22 7.80 -7.96 50.59
C CYS B 22 6.35 -7.53 50.48
N ALA B 23 6.04 -6.37 51.05
CA ALA B 23 4.67 -5.85 51.10
C ALA B 23 4.51 -4.82 50.00
N ALA B 24 3.90 -5.24 48.89
CA ALA B 24 3.68 -4.36 47.76
C ALA B 24 2.38 -3.59 47.89
N SER B 25 2.36 -2.37 47.36
CA SER B 25 1.18 -1.53 47.40
C SER B 25 1.33 -0.45 46.33
N GLY B 26 0.19 0.06 45.86
CA GLY B 26 0.17 1.09 44.84
C GLY B 26 -0.07 0.60 43.43
N PHE B 27 -0.22 -0.71 43.23
CA PHE B 27 -0.48 -1.26 41.91
C PHE B 27 -1.20 -2.58 42.08
N ILE B 28 -1.73 -3.09 40.96
CA ILE B 28 -2.45 -4.37 40.95
C ILE B 28 -1.41 -5.47 41.04
N PHE B 29 -1.21 -6.01 42.25
CA PHE B 29 -0.12 -6.94 42.50
C PHE B 29 -0.26 -8.22 41.69
N SER B 30 -1.50 -8.69 41.47
CA SER B 30 -1.73 -9.94 40.77
C SER B 30 -1.47 -9.85 39.27
N ASP B 31 -1.05 -8.70 38.75
CA ASP B 31 -0.80 -8.54 37.33
C ASP B 31 0.67 -8.43 36.96
N TYR B 32 1.52 -8.28 37.97
CA TYR B 32 2.96 -8.05 37.71
C TYR B 32 3.83 -9.20 38.21
N TYR B 33 4.87 -9.47 37.44
CA TYR B 33 5.89 -10.48 37.78
C TYR B 33 6.73 -9.87 38.90
N MET B 34 7.25 -10.69 39.80
CA MET B 34 8.03 -10.26 40.95
C MET B 34 9.30 -11.11 41.04
N MET B 35 10.29 -10.53 41.70
CA MET B 35 11.60 -11.21 41.80
C MET B 35 12.34 -10.80 43.07
N TRP B 36 13.35 -11.61 43.43
CA TRP B 36 14.20 -11.34 44.57
C TRP B 36 15.64 -11.18 44.09
N ILE B 37 16.30 -10.12 44.53
CA ILE B 37 17.65 -9.78 44.10
C ILE B 37 18.51 -9.51 45.33
N ARG B 38 19.77 -9.93 45.28
CA ARG B 38 20.69 -9.76 46.41
C ARG B 38 22.03 -9.22 45.95
N GLN B 39 22.65 -8.44 46.82
CA GLN B 39 23.98 -7.86 46.60
C GLN B 39 24.90 -8.34 47.71
N ALA B 40 25.81 -9.25 47.38
CA ALA B 40 26.73 -9.87 48.32
C ALA B 40 28.01 -9.04 48.45
N PRO B 41 28.76 -9.20 49.54
CA PRO B 41 30.05 -8.52 49.64
C PRO B 41 30.98 -8.91 48.51
N GLY B 42 31.65 -7.91 47.94
CA GLY B 42 32.61 -8.16 46.89
C GLY B 42 32.02 -8.74 45.62
N LYS B 43 30.71 -8.66 45.44
CA LYS B 43 30.04 -9.18 44.26
C LYS B 43 29.01 -8.17 43.75
N GLY B 44 28.70 -8.28 42.47
CA GLY B 44 27.65 -7.47 41.89
C GLY B 44 26.26 -8.02 42.18
N LEU B 45 25.25 -7.27 41.74
CA LEU B 45 23.87 -7.67 41.99
C LEU B 45 23.54 -8.97 41.25
N GLU B 46 22.53 -9.66 41.76
CA GLU B 46 22.25 -11.03 41.34
C GLU B 46 20.80 -11.36 41.65
N TRP B 47 20.02 -11.68 40.62
CA TRP B 47 18.65 -12.13 40.82
C TRP B 47 18.65 -13.62 41.09
N ILE B 48 17.85 -14.05 42.06
CA ILE B 48 17.90 -15.44 42.53
C ILE B 48 16.54 -16.12 42.40
N SER B 49 15.47 -15.35 42.43
CA SER B 49 14.13 -15.90 42.33
C SER B 49 13.26 -14.98 41.49
N TYR B 50 12.37 -15.58 40.70
CA TYR B 50 11.52 -14.86 39.74
C TYR B 50 10.20 -15.62 39.66
N ILE B 51 9.08 -14.92 39.75
CA ILE B 51 7.77 -15.56 39.80
C ILE B 51 6.78 -14.79 38.94
N SER B 52 5.81 -15.51 38.39
CA SER B 52 4.81 -14.95 37.48
C SER B 52 3.72 -14.22 38.27
N SER B 53 2.85 -13.55 37.52
CA SER B 53 1.74 -12.80 38.11
C SER B 53 0.73 -13.70 38.80
N SER B 54 0.66 -14.97 38.41
CA SER B 54 -0.24 -15.93 39.04
C SER B 54 0.49 -16.93 39.91
N GLY B 55 1.82 -16.85 40.01
CA GLY B 55 2.60 -17.82 40.74
C GLY B 55 2.76 -19.15 40.04
N SER B 56 2.46 -19.23 38.74
CA SER B 56 2.56 -20.49 38.01
C SER B 56 3.98 -20.78 37.56
N GLN B 57 4.69 -19.75 37.07
CA GLN B 57 6.04 -19.91 36.55
C GLN B 57 7.05 -19.50 37.62
N ILE B 58 8.00 -20.39 37.91
CA ILE B 58 9.02 -20.17 38.93
C ILE B 58 10.39 -20.32 38.29
N TYR B 59 11.30 -19.42 38.62
CA TYR B 59 12.67 -19.47 38.13
C TYR B 59 13.63 -19.22 39.30
N TYR B 60 14.65 -20.07 39.40
CA TYR B 60 15.66 -19.93 40.44
C TYR B 60 17.05 -19.94 39.82
N THR B 61 18.01 -19.44 40.58
CA THR B 61 19.41 -19.62 40.23
C THR B 61 19.90 -20.97 40.75
N GLU B 62 21.00 -21.45 40.17
CA GLU B 62 21.58 -22.72 40.60
C GLU B 62 22.07 -22.65 42.04
N SER B 63 22.49 -21.46 42.49
CA SER B 63 23.06 -21.34 43.83
C SER B 63 22.02 -21.60 44.91
N VAL B 64 20.74 -21.39 44.63
CA VAL B 64 19.71 -21.36 45.66
C VAL B 64 18.55 -22.30 45.35
N LYS B 65 18.72 -23.14 44.31
CA LYS B 65 17.58 -23.87 43.75
C LYS B 65 16.85 -24.70 44.80
N GLY B 66 17.53 -25.68 45.37
CA GLY B 66 16.85 -26.58 46.31
C GLY B 66 16.58 -25.98 47.67
N ARG B 67 17.09 -24.79 47.94
CA ARG B 67 17.01 -24.18 49.26
C ARG B 67 16.00 -23.04 49.33
N PHE B 68 16.04 -22.10 48.39
CA PHE B 68 15.13 -20.96 48.41
C PHE B 68 13.83 -21.32 47.72
N THR B 69 12.73 -20.73 48.20
CA THR B 69 11.40 -21.02 47.68
C THR B 69 10.62 -19.70 47.63
N ILE B 70 10.42 -19.18 46.41
CA ILE B 70 9.70 -17.94 46.21
C ILE B 70 8.21 -18.24 46.08
N SER B 71 7.38 -17.35 46.62
CA SER B 71 5.93 -17.52 46.59
C SER B 71 5.29 -16.16 46.79
N ARG B 72 3.98 -16.09 46.57
CA ARG B 72 3.26 -14.84 46.70
C ARG B 72 1.82 -15.11 47.13
N ASP B 73 1.18 -14.08 47.65
CA ASP B 73 -0.21 -14.12 48.08
C ASP B 73 -0.90 -12.92 47.42
N ASN B 74 -1.40 -13.14 46.20
CA ASN B 74 -1.97 -12.03 45.43
C ASN B 74 -3.15 -11.39 46.13
N GLY B 75 -3.86 -12.14 46.97
CA GLY B 75 -4.95 -11.56 47.72
C GLY B 75 -4.48 -10.53 48.74
N LYS B 76 -3.37 -10.80 49.41
CA LYS B 76 -2.84 -9.93 50.45
C LYS B 76 -1.67 -9.08 49.98
N ASN B 77 -1.37 -9.08 48.68
CA ASN B 77 -0.32 -8.24 48.10
C ASN B 77 1.02 -8.43 48.79
N LEU B 78 1.38 -9.69 49.04
CA LEU B 78 2.60 -10.04 49.74
C LEU B 78 3.44 -10.97 48.86
N LEU B 79 4.75 -10.74 48.86
CA LEU B 79 5.70 -11.60 48.18
C LEU B 79 6.65 -12.19 49.21
N TYR B 80 6.77 -13.51 49.23
CA TYR B 80 7.55 -14.22 50.23
C TYR B 80 8.83 -14.77 49.63
N LEU B 81 9.74 -15.19 50.51
CA LEU B 81 10.93 -15.94 50.11
C LEU B 81 11.37 -16.75 51.33
N GLN B 82 11.16 -18.07 51.27
CA GLN B 82 11.58 -18.96 52.34
C GLN B 82 13.00 -19.44 52.07
N MET B 83 13.93 -19.03 52.91
CA MET B 83 15.34 -19.39 52.76
C MET B 83 15.68 -20.47 53.77
N ASN B 84 16.05 -21.66 53.27
CA ASN B 84 16.46 -22.77 54.11
C ASN B 84 17.89 -23.16 53.78
N SER B 85 18.52 -23.88 54.70
CA SER B 85 19.89 -24.35 54.55
C SER B 85 20.83 -23.19 54.21
N LEU B 86 20.74 -22.13 55.02
CA LEU B 86 21.49 -20.91 54.75
C LEU B 86 22.99 -21.15 54.89
N ARG B 87 23.76 -20.51 54.01
CA ARG B 87 25.20 -20.66 53.95
C ARG B 87 25.86 -19.30 54.21
N GLY B 88 27.18 -19.25 54.06
CA GLY B 88 27.89 -17.98 54.12
C GLY B 88 27.71 -17.14 52.87
N GLU B 89 27.55 -17.79 51.72
CA GLU B 89 27.34 -17.05 50.47
C GLU B 89 26.01 -16.31 50.48
N ASP B 90 25.04 -16.79 51.26
CA ASP B 90 23.71 -16.19 51.29
C ASP B 90 23.68 -14.86 52.03
N THR B 91 24.77 -14.46 52.67
CA THR B 91 24.83 -13.17 53.36
C THR B 91 24.92 -12.06 52.31
N ALA B 92 23.86 -11.25 52.22
CA ALA B 92 23.78 -10.21 51.19
C ALA B 92 22.65 -9.25 51.57
N LEU B 93 22.51 -8.21 50.73
CA LEU B 93 21.39 -7.27 50.84
C LEU B 93 20.29 -7.72 49.89
N TYR B 94 19.18 -8.18 50.44
CA TYR B 94 18.11 -8.80 49.66
C TYR B 94 17.06 -7.76 49.28
N TYR B 95 16.69 -7.74 48.00
CA TYR B 95 15.72 -6.80 47.46
C TYR B 95 14.54 -7.57 46.87
N CYS B 96 13.36 -6.95 46.92
CA CYS B 96 12.21 -7.39 46.16
C CYS B 96 11.90 -6.34 45.10
N ALA B 97 11.64 -6.78 43.88
CA ALA B 97 11.39 -5.80 42.81
C ALA B 97 10.37 -6.36 41.83
N THR B 98 9.66 -5.47 41.13
CA THR B 98 8.66 -5.85 40.13
C THR B 98 9.35 -5.91 38.77
N GLU B 99 8.86 -6.75 37.87
CA GLU B 99 9.46 -6.85 36.52
C GLU B 99 8.35 -6.57 35.51
N THR B 100 8.56 -5.61 34.63
CA THR B 100 7.52 -5.34 33.61
C THR B 100 8.22 -4.75 32.39
N GLY B 101 8.20 -5.46 31.27
CA GLY B 101 8.82 -4.94 30.05
C GLY B 101 10.18 -5.51 29.85
N TRP B 102 10.49 -6.58 30.58
CA TRP B 102 11.78 -7.30 30.57
C TRP B 102 12.88 -6.44 31.16
N ARG B 103 12.48 -5.59 32.09
CA ARG B 103 13.31 -4.63 32.83
C ARG B 103 12.80 -4.63 34.25
N ILE B 104 13.70 -4.45 35.20
CA ILE B 104 13.39 -4.44 36.62
C ILE B 104 12.97 -3.02 36.98
N ASP B 105 11.70 -2.82 37.29
CA ASP B 105 11.13 -1.47 37.29
C ASP B 105 11.28 -0.77 38.64
N THR B 106 10.67 -1.32 39.69
CA THR B 106 10.67 -0.68 40.99
C THR B 106 11.24 -1.62 42.04
N TRP B 107 12.09 -1.07 42.91
CA TRP B 107 12.77 -1.83 43.95
C TRP B 107 12.20 -1.48 45.32
N GLY B 108 12.49 -2.34 46.30
CA GLY B 108 12.22 -2.02 47.67
C GLY B 108 13.44 -1.43 48.36
N GLN B 109 13.23 -0.96 49.59
CA GLN B 109 14.31 -0.34 50.35
C GLN B 109 15.42 -1.35 50.64
N GLY B 110 15.08 -2.63 50.72
CA GLY B 110 16.05 -3.67 50.96
C GLY B 110 16.11 -4.08 52.41
N THR B 111 16.51 -5.33 52.64
CA THR B 111 16.70 -5.85 53.99
C THR B 111 18.01 -6.61 54.04
N LEU B 112 18.60 -6.66 55.23
CA LEU B 112 19.93 -7.20 55.43
C LEU B 112 19.85 -8.57 56.09
N VAL B 113 20.46 -9.57 55.47
CA VAL B 113 20.55 -10.91 56.02
C VAL B 113 22.02 -11.23 56.24
N THR B 114 22.40 -11.40 57.50
CA THR B 114 23.77 -11.73 57.88
C THR B 114 23.80 -13.14 58.47
N VAL B 115 24.64 -14.00 57.91
CA VAL B 115 24.78 -15.36 58.38
C VAL B 115 26.17 -15.48 59.02
N SER B 116 26.19 -15.66 60.33
CA SER B 116 27.42 -15.76 61.09
C SER B 116 27.34 -16.94 62.04
N SER B 117 28.44 -17.69 62.15
CA SER B 117 28.50 -18.83 63.04
C SER B 117 29.07 -18.43 64.40
N GLN C 1 34.31 -10.79 39.71
CA GLN C 1 33.39 -10.18 40.66
C GLN C 1 31.98 -10.08 40.09
N ALA C 2 31.87 -9.45 38.92
CA ALA C 2 30.58 -9.22 38.28
C ALA C 2 30.64 -9.69 36.84
N VAL C 3 29.50 -9.64 36.17
CA VAL C 3 29.40 -10.05 34.77
C VAL C 3 29.67 -8.83 33.90
N LEU C 4 28.88 -7.78 34.09
CA LEU C 4 29.13 -6.51 33.43
C LEU C 4 30.17 -5.72 34.20
N THR C 5 31.13 -5.14 33.48
CA THR C 5 32.27 -4.46 34.09
C THR C 5 32.07 -2.96 33.97
N GLN C 6 31.91 -2.29 35.11
CA GLN C 6 31.82 -0.84 35.19
C GLN C 6 32.79 -0.33 36.23
N PRO C 7 33.26 0.91 36.08
CA PRO C 7 34.30 1.42 36.99
C PRO C 7 33.82 1.46 38.44
N ALA C 8 34.75 1.19 39.37
CA ALA C 8 34.40 1.14 40.77
C ALA C 8 34.06 2.53 41.32
N SER C 9 34.70 3.58 40.80
CA SER C 9 34.49 4.93 41.32
C SER C 9 34.61 5.94 40.19
N VAL C 10 33.78 6.98 40.25
CA VAL C 10 33.81 8.08 39.30
C VAL C 10 33.50 9.36 40.08
N SER C 11 34.29 10.41 39.84
CA SER C 11 34.14 11.67 40.55
C SER C 11 33.94 12.82 39.58
N GLY C 12 33.16 13.81 40.02
CA GLY C 12 32.88 14.98 39.20
C GLY C 12 32.49 16.16 40.05
N SER C 13 32.83 17.37 39.56
CA SER C 13 32.53 18.62 40.23
C SER C 13 31.20 19.20 39.73
N PRO C 14 30.51 19.98 40.56
CA PRO C 14 29.21 20.53 40.15
C PRO C 14 29.32 21.34 38.88
N GLY C 15 28.38 21.10 37.96
CA GLY C 15 28.39 21.72 36.66
C GLY C 15 29.05 20.90 35.58
N GLN C 16 29.84 19.89 35.94
CA GLN C 16 30.54 19.07 34.96
C GLN C 16 29.58 18.06 34.33
N SER C 17 30.13 17.24 33.43
CA SER C 17 29.43 16.10 32.87
C SER C 17 30.31 14.87 33.01
N ILE C 18 29.71 13.76 33.40
CA ILE C 18 30.43 12.51 33.66
C ILE C 18 29.85 11.43 32.77
N THR C 19 30.57 10.30 32.71
CA THR C 19 30.15 9.17 31.88
C THR C 19 30.57 7.89 32.58
N ILE C 20 29.60 7.04 32.90
CA ILE C 20 29.85 5.76 33.55
C ILE C 20 29.65 4.68 32.50
N SER C 21 30.73 3.98 32.15
CA SER C 21 30.68 2.94 31.14
C SER C 21 30.27 1.62 31.75
N CYS C 22 29.53 0.83 30.98
CA CYS C 22 29.04 -0.49 31.37
C CYS C 22 29.42 -1.47 30.26
N THR C 23 30.56 -2.13 30.42
CA THR C 23 31.11 -3.00 29.40
C THR C 23 30.85 -4.45 29.76
N GLY C 24 30.16 -5.17 28.86
CA GLY C 24 29.96 -6.59 28.99
C GLY C 24 30.45 -7.30 27.74
N THR C 25 30.54 -8.62 27.83
CA THR C 25 30.99 -9.41 26.70
C THR C 25 29.90 -9.51 25.64
N GLY C 26 30.25 -10.12 24.51
CA GLY C 26 29.25 -10.50 23.55
C GLY C 26 28.27 -11.51 24.12
N SER C 27 27.09 -11.57 23.52
CA SER C 27 25.97 -12.38 24.00
C SER C 27 25.51 -11.94 25.40
N ASN C 28 25.80 -10.71 25.78
CA ASN C 28 25.34 -10.10 27.01
C ASN C 28 24.65 -8.76 26.79
N ILE C 29 25.11 -7.96 25.82
CA ILE C 29 24.68 -6.58 25.69
C ILE C 29 24.30 -6.26 24.25
N GLU C 30 24.64 -7.16 23.32
CA GLU C 30 24.52 -6.86 21.90
C GLU C 30 23.31 -7.49 21.23
N THR C 31 22.66 -8.46 21.87
CA THR C 31 21.58 -9.19 21.20
C THR C 31 20.25 -8.46 21.32
N TYR C 32 19.75 -8.27 22.54
CA TYR C 32 18.40 -7.78 22.74
C TYR C 32 18.29 -6.26 22.79
N ASN C 33 19.39 -5.57 23.06
CA ASN C 33 19.42 -4.10 23.11
C ASN C 33 18.43 -3.53 24.12
N LEU C 34 18.19 -4.24 25.21
CA LEU C 34 17.38 -3.74 26.32
C LEU C 34 18.30 -3.69 27.54
N VAL C 35 18.80 -2.50 27.85
CA VAL C 35 19.77 -2.28 28.90
C VAL C 35 19.29 -1.15 29.79
N SER C 36 19.23 -1.40 31.09
CA SER C 36 18.67 -0.45 32.04
C SER C 36 19.74 0.05 33.01
N TRP C 37 19.50 1.23 33.55
CA TRP C 37 20.37 1.85 34.55
C TRP C 37 19.57 2.16 35.80
N TYR C 38 20.24 2.08 36.96
CA TYR C 38 19.60 2.29 38.24
C TYR C 38 20.48 3.19 39.11
N GLN C 39 19.83 3.94 39.99
CA GLN C 39 20.50 4.84 40.93
C GLN C 39 20.05 4.48 42.33
N ARG C 40 21.01 4.34 43.25
CA ARG C 40 20.73 3.93 44.62
C ARG C 40 21.39 4.91 45.58
N HIS C 41 20.59 5.79 46.18
CA HIS C 41 21.06 6.56 47.32
C HIS C 41 21.15 5.64 48.54
N PRO C 42 22.17 5.81 49.39
CA PRO C 42 22.36 4.87 50.50
C PRO C 42 21.15 4.82 51.43
N GLY C 43 20.69 3.60 51.72
CA GLY C 43 19.56 3.39 52.58
C GLY C 43 18.21 3.45 51.91
N LYS C 44 18.12 4.03 50.72
CA LYS C 44 16.87 4.14 49.98
C LYS C 44 16.78 3.02 48.96
N ALA C 45 15.65 2.99 48.24
CA ALA C 45 15.40 1.97 47.23
C ALA C 45 16.01 2.39 45.90
N PRO C 46 16.61 1.45 45.17
CA PRO C 46 17.13 1.78 43.83
C PRO C 46 16.03 2.28 42.91
N LYS C 47 16.36 3.26 42.09
CA LYS C 47 15.40 3.92 41.21
C LYS C 47 15.84 3.76 39.77
N LEU C 48 14.90 3.37 38.91
CA LEU C 48 15.16 3.21 37.49
C LEU C 48 15.23 4.59 36.85
N ILE C 49 16.36 4.90 36.22
CA ILE C 49 16.53 6.16 35.51
C ILE C 49 16.72 5.97 34.01
N LEU C 50 17.15 4.80 33.56
CA LEU C 50 17.22 4.51 32.13
C LEU C 50 16.85 3.05 31.89
N TYR C 51 16.22 2.81 30.74
CA TYR C 51 15.87 1.48 30.28
C TYR C 51 15.71 1.57 28.77
N GLU C 52 15.87 0.43 28.11
CA GLU C 52 15.84 0.33 26.64
C GLU C 52 16.88 1.33 26.14
N VAL C 53 18.03 1.32 26.82
CA VAL C 53 19.22 2.15 26.51
C VAL C 53 18.94 3.65 26.50
N SER C 54 18.29 4.20 25.48
CA SER C 54 18.13 5.65 25.45
C SER C 54 16.92 6.16 26.22
N GLU C 55 15.98 5.29 26.61
CA GLU C 55 14.70 5.78 27.12
C GLU C 55 14.76 6.11 28.60
N ARG C 56 14.05 7.18 28.97
CA ARG C 56 14.07 7.75 30.31
C ARG C 56 12.67 7.77 30.89
N PRO C 57 12.43 7.16 32.07
CA PRO C 57 11.09 7.17 32.65
C PRO C 57 10.65 8.58 33.02
N SER C 58 9.33 8.73 33.22
CA SER C 58 8.77 10.02 33.59
C SER C 58 9.15 10.36 35.03
N GLY C 59 9.59 11.60 35.23
CA GLY C 59 10.09 12.05 36.52
C GLY C 59 11.60 12.12 36.60
N VAL C 60 12.32 11.70 35.57
CA VAL C 60 13.77 11.77 35.52
C VAL C 60 14.18 12.93 34.63
N SER C 61 15.24 13.63 35.01
CA SER C 61 15.64 14.85 34.34
C SER C 61 16.35 14.56 33.03
N ASN C 62 16.41 15.59 32.17
CA ASN C 62 17.12 15.52 30.90
C ASN C 62 18.63 15.41 31.08
N ARG C 63 19.14 15.64 32.29
CA ARG C 63 20.58 15.57 32.53
C ARG C 63 21.12 14.16 32.33
N PHE C 64 20.30 13.15 32.56
CA PHE C 64 20.72 11.76 32.43
C PHE C 64 20.54 11.31 30.98
N SER C 65 21.63 10.84 30.37
CA SER C 65 21.62 10.39 28.99
C SER C 65 22.05 8.93 28.91
N GLY C 66 21.58 8.25 27.88
CA GLY C 66 21.91 6.85 27.66
C GLY C 66 22.28 6.60 26.22
N SER C 67 23.36 5.83 26.03
CA SER C 67 23.82 5.45 24.70
C SER C 67 24.47 4.09 24.80
N LYS C 68 24.63 3.44 23.64
CA LYS C 68 25.30 2.15 23.58
C LYS C 68 26.07 2.05 22.28
N SER C 69 27.21 1.36 22.34
CA SER C 69 28.07 1.17 21.17
C SER C 69 28.79 -0.16 21.34
N GLY C 70 28.28 -1.20 20.69
CA GLY C 70 28.91 -2.51 20.78
C GLY C 70 28.80 -3.07 22.19
N ASN C 71 29.96 -3.45 22.74
CA ASN C 71 30.00 -4.09 24.06
C ASN C 71 29.66 -3.13 25.19
N THR C 72 29.79 -1.82 24.97
CA THR C 72 29.77 -0.85 26.06
C THR C 72 28.52 0.01 26.00
N ALA C 73 27.69 -0.09 27.03
CA ALA C 73 26.62 0.87 27.28
C ALA C 73 27.13 1.94 28.23
N SER C 74 26.62 3.16 28.07
CA SER C 74 27.13 4.29 28.82
C SER C 74 25.99 5.20 29.28
N LEU C 75 25.97 5.47 30.58
CA LEU C 75 25.16 6.53 31.18
C LEU C 75 25.98 7.80 31.36
N THR C 76 25.47 8.91 30.82
CA THR C 76 26.17 10.19 30.85
C THR C 76 25.30 11.22 31.54
N ILE C 77 25.74 11.69 32.70
CA ILE C 77 25.06 12.75 33.44
C ILE C 77 25.72 14.07 33.08
N SER C 78 24.92 15.03 32.59
CA SER C 78 25.41 16.36 32.25
C SER C 78 24.84 17.37 33.25
N GLY C 79 25.63 18.42 33.51
CA GLY C 79 25.24 19.39 34.51
C GLY C 79 25.12 18.76 35.88
N LEU C 80 26.24 18.29 36.41
CA LEU C 80 26.23 17.52 37.65
C LEU C 80 25.76 18.37 38.83
N GLN C 81 25.03 17.74 39.75
CA GLN C 81 24.56 18.42 40.95
C GLN C 81 24.98 17.65 42.20
N ALA C 82 24.50 18.09 43.36
CA ALA C 82 24.93 17.49 44.62
C ALA C 82 24.20 16.20 44.93
N GLU C 83 22.88 16.16 44.71
CA GLU C 83 22.09 14.98 45.04
C GLU C 83 22.42 13.77 44.17
N ASP C 84 23.14 13.97 43.07
CA ASP C 84 23.48 12.87 42.16
C ASP C 84 24.51 11.92 42.72
N GLU C 85 25.03 12.18 43.92
CA GLU C 85 26.03 11.30 44.54
C GLU C 85 25.35 10.03 45.02
N ALA C 86 25.57 8.92 44.31
CA ALA C 86 24.97 7.64 44.64
C ALA C 86 25.70 6.55 43.86
N ASP C 87 25.32 5.31 44.12
CA ASP C 87 25.79 4.18 43.32
C ASP C 87 24.89 4.03 42.09
N TYR C 88 25.52 3.68 40.96
CA TYR C 88 24.82 3.55 39.69
C TYR C 88 25.07 2.15 39.14
N PHE C 89 24.00 1.42 38.86
CA PHE C 89 24.07 0.04 38.43
C PHE C 89 23.62 -0.09 36.98
N CYS C 90 24.04 -1.18 36.36
CA CYS C 90 23.77 -1.47 34.96
C CYS C 90 23.22 -2.87 34.85
N CYS C 91 22.17 -3.04 34.04
CA CYS C 91 21.51 -4.33 33.87
C CYS C 91 21.29 -4.60 32.40
N SER C 92 21.44 -5.87 32.00
CA SER C 92 21.28 -6.27 30.62
C SER C 92 20.62 -7.65 30.57
N TYR C 93 19.63 -7.79 29.70
CA TYR C 93 19.00 -9.08 29.43
C TYR C 93 19.96 -9.89 28.57
N ALA C 94 20.67 -10.85 29.19
CA ALA C 94 21.70 -11.59 28.47
C ALA C 94 21.09 -12.56 27.47
N ASP C 95 20.31 -13.52 27.96
CA ASP C 95 19.71 -14.54 27.10
C ASP C 95 18.53 -15.17 27.84
N THR C 96 17.94 -16.19 27.20
CA THR C 96 16.70 -16.83 27.66
C THR C 96 16.97 -17.84 28.80
N ASN C 97 18.18 -17.89 29.34
CA ASN C 97 18.49 -18.83 30.41
C ASN C 97 18.85 -18.15 31.72
N ILE C 98 19.73 -17.14 31.68
CA ILE C 98 20.14 -16.43 32.89
C ILE C 98 19.33 -15.15 33.11
N PHE C 99 18.68 -14.62 32.08
CA PHE C 99 17.64 -13.60 32.11
C PHE C 99 18.11 -12.19 32.41
N TRP C 100 19.12 -11.99 33.29
CA TRP C 100 19.60 -10.61 33.68
C TRP C 100 21.03 -10.70 34.23
N VAL C 101 21.92 -9.74 33.89
CA VAL C 101 23.25 -9.65 34.48
C VAL C 101 23.48 -8.20 34.89
N PHE C 102 24.08 -8.01 36.06
CA PHE C 102 24.28 -6.69 36.62
C PHE C 102 25.75 -6.30 36.58
N GLY C 103 25.99 -5.00 36.43
CA GLY C 103 27.32 -4.48 36.62
C GLY C 103 27.73 -4.47 38.08
N GLY C 104 29.04 -4.36 38.31
CA GLY C 104 29.56 -4.40 39.67
C GLY C 104 29.14 -3.22 40.52
N GLY C 105 28.69 -2.15 39.91
CA GLY C 105 28.32 -0.95 40.64
C GLY C 105 29.39 0.13 40.53
N THR C 106 28.97 1.37 40.68
CA THR C 106 29.88 2.51 40.52
C THR C 106 29.49 3.58 41.52
N HIS C 107 30.39 3.88 42.45
CA HIS C 107 30.17 5.00 43.37
C HIS C 107 30.42 6.32 42.64
N LEU C 108 29.39 7.15 42.54
CA LEU C 108 29.53 8.49 42.01
C LEU C 108 29.81 9.41 43.18
N THR C 109 30.92 10.15 43.12
CA THR C 109 31.29 11.11 44.14
C THR C 109 31.30 12.50 43.52
N VAL C 110 30.55 13.42 44.13
CA VAL C 110 30.49 14.81 43.67
C VAL C 110 31.40 15.61 44.58
N LEU C 111 32.48 16.14 44.01
CA LEU C 111 33.48 16.84 44.81
C LEU C 111 32.93 18.15 45.35
N GLY C 112 33.08 18.36 46.65
CA GLY C 112 32.59 19.57 47.28
C GLY C 112 32.95 19.67 48.75
N HIS D 2 -5.95 14.41 -44.02
CA HIS D 2 -5.19 15.51 -44.61
C HIS D 2 -3.93 15.80 -43.81
N CYS D 3 -2.90 16.29 -44.49
CA CYS D 3 -1.61 16.57 -43.87
C CYS D 3 -1.38 18.08 -43.80
N ILE D 4 -0.72 18.51 -42.72
CA ILE D 4 -0.50 19.93 -42.45
C ILE D 4 0.97 20.25 -42.68
N GLY D 5 1.24 21.31 -43.44
CA GLY D 5 2.60 21.70 -43.70
C GLY D 5 3.22 22.44 -42.53
N ILE D 6 4.55 22.29 -42.39
CA ILE D 6 5.28 22.96 -41.33
C ILE D 6 5.53 24.41 -41.70
N THR D 7 5.86 25.21 -40.69
CA THR D 7 6.16 26.62 -40.88
C THR D 7 7.66 26.80 -41.09
N ASP D 8 8.08 28.06 -41.22
CA ASP D 8 9.51 28.35 -41.32
C ASP D 8 10.21 28.09 -39.99
N ARG D 9 9.62 28.57 -38.89
CA ARG D 9 10.26 28.42 -37.58
C ARG D 9 10.34 26.98 -37.13
N ASP D 10 9.56 26.07 -37.75
CA ASP D 10 9.58 24.67 -37.33
C ASP D 10 10.84 23.95 -37.73
N PHE D 11 11.57 24.45 -38.73
CA PHE D 11 12.83 23.84 -39.15
C PHE D 11 13.92 24.90 -39.17
N ILE D 12 15.17 24.43 -39.24
CA ILE D 12 16.32 25.31 -39.28
C ILE D 12 17.43 24.68 -40.11
N GLU D 13 17.85 25.37 -41.16
CA GLU D 13 18.93 24.91 -42.02
C GLU D 13 20.22 25.60 -41.63
N GLY D 14 21.28 24.80 -41.44
CA GLY D 14 22.56 25.33 -41.05
C GLY D 14 23.49 25.56 -42.23
N VAL D 15 24.47 26.43 -42.01
CA VAL D 15 25.50 26.66 -43.03
C VAL D 15 26.30 25.38 -43.26
N HIS D 16 26.66 24.70 -42.19
CA HIS D 16 27.37 23.43 -42.27
C HIS D 16 26.72 22.44 -41.32
N GLY D 17 26.55 21.21 -41.80
CA GLY D 17 25.85 20.20 -41.03
C GLY D 17 24.56 19.75 -41.69
N GLY D 18 23.45 19.84 -40.97
CA GLY D 18 22.17 19.44 -41.50
C GLY D 18 21.06 20.33 -40.99
N THR D 19 19.84 20.02 -41.44
CA THR D 19 18.65 20.78 -41.07
C THR D 19 17.82 19.96 -40.09
N TRP D 20 17.44 20.59 -38.98
CA TRP D 20 16.63 19.96 -37.96
C TRP D 20 15.18 20.43 -38.09
N VAL D 21 14.25 19.50 -37.95
CA VAL D 21 12.82 19.79 -37.90
C VAL D 21 12.33 19.48 -36.49
N SER D 22 11.57 20.41 -35.92
CA SER D 22 11.01 20.18 -34.56
C SER D 22 9.49 20.21 -34.67
N ALA D 23 8.89 19.05 -34.57
CA ALA D 23 7.45 18.87 -34.68
C ALA D 23 6.92 18.15 -33.46
N THR D 24 5.70 18.51 -33.07
CA THR D 24 4.98 17.86 -31.99
C THR D 24 3.87 17.01 -32.61
N LEU D 25 3.93 15.71 -32.38
CA LEU D 25 3.06 14.76 -33.06
C LEU D 25 1.94 14.30 -32.13
N GLU D 26 0.71 14.41 -32.62
CA GLU D 26 -0.46 13.89 -31.94
C GLU D 26 -1.04 12.73 -32.75
N GLN D 27 -1.87 11.94 -32.09
CA GLN D 27 -2.46 10.76 -32.73
C GLN D 27 -3.40 11.16 -33.87
N ASP D 28 -3.32 10.41 -34.96
CA ASP D 28 -4.22 10.53 -36.11
C ASP D 28 -4.15 11.90 -36.77
N LYS D 29 -3.12 12.68 -36.50
CA LYS D 29 -2.90 13.96 -37.16
C LYS D 29 -1.56 13.93 -37.88
N CYS D 30 -1.59 14.22 -39.18
CA CYS D 30 -0.40 14.17 -40.01
C CYS D 30 0.29 15.53 -40.06
N VAL D 31 1.61 15.48 -40.26
CA VAL D 31 2.43 16.68 -40.45
C VAL D 31 3.39 16.41 -41.59
N THR D 32 3.37 17.27 -42.60
CA THR D 32 4.15 17.06 -43.81
C THR D 32 5.33 18.02 -43.89
N VAL D 33 6.41 17.54 -44.51
CA VAL D 33 7.63 18.32 -44.69
C VAL D 33 7.80 18.57 -46.19
N MET D 34 7.83 19.84 -46.57
CA MET D 34 7.90 20.23 -47.97
C MET D 34 9.32 20.69 -48.31
N ALA D 35 9.87 20.15 -49.40
CA ALA D 35 11.17 20.55 -49.91
C ALA D 35 11.04 20.85 -51.39
N PRO D 36 11.58 21.97 -51.87
CA PRO D 36 11.43 22.33 -53.29
C PRO D 36 12.08 21.30 -54.20
N ASP D 37 11.43 21.06 -55.35
CA ASP D 37 11.89 20.10 -56.35
C ASP D 37 12.04 18.70 -55.76
N LYS D 38 11.29 18.40 -54.71
CA LYS D 38 11.33 17.12 -54.04
C LYS D 38 9.95 16.82 -53.49
N PRO D 39 9.55 15.56 -53.40
CA PRO D 39 8.21 15.24 -52.87
C PRO D 39 8.09 15.59 -51.41
N SER D 40 6.89 16.00 -51.02
CA SER D 40 6.61 16.30 -49.62
C SER D 40 6.72 15.02 -48.79
N LEU D 41 7.24 15.17 -47.57
CA LEU D 41 7.47 14.05 -46.68
C LEU D 41 6.46 14.12 -45.53
N ASP D 42 5.64 13.08 -45.41
CA ASP D 42 4.59 13.03 -44.40
C ASP D 42 5.10 12.29 -43.16
N ILE D 43 4.77 12.83 -41.99
CA ILE D 43 5.15 12.23 -40.71
C ILE D 43 3.90 12.18 -39.84
N SER D 44 3.53 10.98 -39.39
CA SER D 44 2.33 10.80 -38.60
C SER D 44 2.60 9.85 -37.44
N LEU D 45 1.98 10.12 -36.30
CA LEU D 45 2.04 9.23 -35.16
C LEU D 45 0.99 8.12 -35.32
N GLN D 46 1.45 6.88 -35.47
CA GLN D 46 0.53 5.79 -35.77
C GLN D 46 -0.17 5.29 -34.51
N THR D 47 0.58 4.96 -33.47
CA THR D 47 -0.02 4.41 -32.27
C THR D 47 0.89 4.63 -31.07
N VAL D 48 0.28 4.61 -29.89
CA VAL D 48 0.98 4.61 -28.61
C VAL D 48 0.41 3.45 -27.81
N ALA D 49 1.25 2.47 -27.48
CA ALA D 49 0.78 1.21 -26.94
C ALA D 49 1.58 0.80 -25.71
N ILE D 50 0.96 -0.05 -24.89
CA ILE D 50 1.60 -0.68 -23.75
C ILE D 50 1.61 -2.18 -24.01
N ASP D 51 2.80 -2.76 -24.08
CA ASP D 51 2.98 -4.15 -24.48
C ASP D 51 3.31 -5.00 -23.26
N GLY D 52 2.47 -6.00 -23.00
CA GLY D 52 2.69 -6.95 -21.93
C GLY D 52 2.91 -6.31 -20.57
N PRO D 53 1.90 -5.66 -20.03
CA PRO D 53 2.01 -5.11 -18.67
C PRO D 53 2.06 -6.23 -17.65
N ALA D 54 2.79 -5.98 -16.56
CA ALA D 54 2.94 -6.96 -15.50
C ALA D 54 1.69 -6.97 -14.62
N GLU D 55 1.13 -8.16 -14.41
CA GLU D 55 0.00 -8.32 -13.52
C GLU D 55 0.48 -8.23 -12.08
N ALA D 56 0.01 -7.21 -11.36
CA ALA D 56 0.48 -6.97 -10.00
C ALA D 56 -0.48 -7.44 -8.93
N ARG D 57 -1.75 -7.66 -9.26
CA ARG D 57 -2.73 -8.08 -8.27
C ARG D 57 -3.97 -8.60 -8.97
N LYS D 58 -4.59 -9.61 -8.35
CA LYS D 58 -5.90 -10.12 -8.74
C LYS D 58 -6.90 -9.81 -7.64
N VAL D 59 -8.14 -9.53 -8.04
CA VAL D 59 -9.21 -9.17 -7.11
C VAL D 59 -10.39 -10.11 -7.35
N CYS D 60 -10.75 -10.89 -6.34
CA CYS D 60 -11.83 -11.85 -6.47
C CYS D 60 -13.18 -11.18 -6.25
N TYR D 61 -14.14 -11.48 -7.12
CA TYR D 61 -15.51 -11.00 -6.95
C TYR D 61 -16.54 -12.12 -7.05
N SER D 62 -16.10 -13.38 -7.12
CA SER D 62 -17.00 -14.51 -7.06
C SER D 62 -16.20 -15.73 -6.60
N ALA D 63 -16.58 -16.30 -5.47
CA ALA D 63 -15.82 -17.37 -4.85
C ALA D 63 -16.67 -18.64 -4.73
N VAL D 64 -15.98 -19.78 -4.70
CA VAL D 64 -16.61 -21.08 -4.53
C VAL D 64 -15.94 -21.78 -3.35
N LEU D 65 -16.76 -22.38 -2.49
CA LEU D 65 -16.30 -23.10 -1.32
C LEU D 65 -16.57 -24.59 -1.47
N THR D 66 -15.82 -25.38 -0.71
CA THR D 66 -16.10 -26.80 -0.55
C THR D 66 -17.06 -26.97 0.63
N HIS D 67 -17.33 -28.22 1.01
CA HIS D 67 -18.09 -28.44 2.22
C HIS D 67 -17.22 -28.10 3.44
N VAL D 68 -17.88 -27.97 4.59
CA VAL D 68 -17.22 -27.49 5.80
C VAL D 68 -16.64 -28.68 6.56
N LYS D 69 -15.34 -28.61 6.83
CA LYS D 69 -14.67 -29.65 7.64
C LYS D 69 -14.64 -29.11 9.06
N ILE D 70 -14.97 -29.95 10.03
CA ILE D 70 -15.17 -29.53 11.41
C ILE D 70 -14.52 -30.56 12.34
N ASN D 71 -13.54 -30.11 13.10
CA ASN D 71 -13.01 -30.86 14.24
C ASN D 71 -13.44 -30.14 15.51
N ASP D 72 -14.04 -30.89 16.43
CA ASP D 72 -14.57 -30.31 17.66
C ASP D 72 -14.18 -31.19 18.84
N LYS D 73 -13.91 -30.55 19.98
CA LYS D 73 -13.51 -31.25 21.19
C LYS D 73 -14.44 -30.89 22.34
N CYS D 74 -14.54 -31.81 23.29
CA CYS D 74 -15.33 -31.62 24.49
C CYS D 74 -14.60 -30.72 25.47
N PRO D 75 -15.28 -30.22 26.49
CA PRO D 75 -14.58 -29.49 27.56
C PRO D 75 -13.52 -30.37 28.21
N SER D 76 -12.41 -29.73 28.59
CA SER D 76 -11.28 -30.40 29.25
C SER D 76 -10.64 -31.46 28.36
N THR D 77 -10.73 -31.28 27.04
CA THR D 77 -10.07 -32.16 26.09
C THR D 77 -9.11 -31.43 25.16
N GLY D 78 -8.87 -30.14 25.40
CA GLY D 78 -7.92 -29.41 24.60
C GLY D 78 -8.54 -28.68 23.42
N GLU D 79 -7.67 -28.17 22.57
CA GLU D 79 -8.07 -27.42 21.39
C GLU D 79 -8.29 -28.35 20.21
N ALA D 80 -9.34 -28.07 19.44
CA ALA D 80 -9.64 -28.83 18.22
C ALA D 80 -8.86 -28.22 17.06
N HIS D 81 -8.03 -29.02 16.42
CA HIS D 81 -7.20 -28.59 15.30
C HIS D 81 -7.51 -29.41 14.06
N LEU D 82 -7.53 -28.74 12.92
CA LEU D 82 -7.58 -29.38 11.61
C LEU D 82 -6.28 -29.07 10.88
N ALA D 83 -5.71 -30.08 10.22
CA ALA D 83 -4.48 -29.86 9.47
C ALA D 83 -4.66 -28.87 8.34
N GLU D 84 -5.90 -28.58 7.95
CA GLU D 84 -6.21 -27.58 6.94
C GLU D 84 -5.98 -26.16 7.43
N GLU D 85 -5.75 -25.97 8.73
CA GLU D 85 -5.49 -24.63 9.25
C GLU D 85 -4.19 -24.04 8.71
N ASN D 86 -3.27 -24.88 8.24
CA ASN D 86 -2.00 -24.42 7.73
C ASN D 86 -1.98 -24.20 6.22
N ASP D 87 -2.91 -24.80 5.49
CA ASP D 87 -3.05 -24.49 4.07
C ASP D 87 -3.61 -23.08 3.92
N GLY D 88 -2.92 -22.26 3.13
CA GLY D 88 -3.31 -20.87 3.01
C GLY D 88 -4.55 -20.64 2.17
N ASP D 89 -4.96 -21.63 1.39
CA ASP D 89 -6.13 -21.51 0.52
C ASP D 89 -7.41 -22.03 1.17
N ASN D 90 -7.40 -22.20 2.49
CA ASN D 90 -8.58 -22.61 3.23
C ASN D 90 -9.10 -21.45 4.07
N ALA D 91 -10.41 -21.32 4.16
CA ALA D 91 -11.06 -20.31 4.98
C ALA D 91 -11.42 -20.96 6.31
N CYS D 92 -10.60 -20.70 7.34
CA CYS D 92 -10.75 -21.31 8.64
C CYS D 92 -11.21 -20.28 9.67
N LYS D 93 -11.82 -20.78 10.74
CA LYS D 93 -12.27 -19.93 11.84
C LYS D 93 -12.37 -20.78 13.10
N ARG D 94 -11.83 -20.26 14.20
CA ARG D 94 -11.89 -20.92 15.49
C ARG D 94 -12.86 -20.20 16.41
N THR D 95 -13.56 -20.96 17.25
CA THR D 95 -14.49 -20.43 18.23
C THR D 95 -14.75 -21.52 19.27
N TYR D 96 -15.75 -21.30 20.11
CA TYR D 96 -16.16 -22.26 21.13
C TYR D 96 -17.66 -22.47 21.04
N SER D 97 -18.08 -23.72 21.21
CA SER D 97 -19.50 -24.08 21.16
C SER D 97 -19.91 -24.70 22.49
N ASP D 98 -21.20 -24.54 22.81
CA ASP D 98 -21.72 -25.07 24.07
C ASP D 98 -21.83 -26.59 23.98
N ARG D 99 -21.19 -27.28 24.92
CA ARG D 99 -21.16 -28.74 24.94
C ARG D 99 -21.80 -29.24 26.22
N GLY D 100 -22.07 -30.55 26.24
CA GLY D 100 -22.70 -31.15 27.39
C GLY D 100 -23.12 -32.59 27.10
N TRP D 101 -24.03 -33.09 27.93
CA TRP D 101 -24.49 -34.47 27.80
C TRP D 101 -25.21 -34.69 26.47
N GLY D 102 -25.99 -33.70 26.03
CA GLY D 102 -26.82 -33.85 24.85
C GLY D 102 -26.06 -34.02 23.55
N ASN D 103 -24.76 -33.79 23.55
CA ASN D 103 -23.95 -33.89 22.33
C ASN D 103 -22.64 -34.61 22.60
N GLY D 104 -22.67 -35.62 23.46
CA GLY D 104 -21.56 -36.54 23.59
C GLY D 104 -20.39 -36.10 24.46
N CYS D 105 -20.58 -35.12 25.33
CA CYS D 105 -19.53 -34.67 26.24
C CYS D 105 -19.93 -34.90 27.68
N GLY D 106 -18.98 -35.38 28.48
CA GLY D 106 -19.29 -35.77 29.85
C GLY D 106 -19.65 -34.59 30.75
N LEU D 107 -18.91 -33.49 30.65
CA LEU D 107 -19.15 -32.33 31.47
C LEU D 107 -19.52 -31.13 30.60
N PHE D 108 -20.25 -30.20 31.19
CA PHE D 108 -20.80 -29.07 30.46
C PHE D 108 -19.83 -27.90 30.46
N GLY D 109 -19.93 -27.09 29.42
CA GLY D 109 -19.09 -25.92 29.28
C GLY D 109 -18.76 -25.68 27.82
N LYS D 110 -17.81 -24.77 27.58
CA LYS D 110 -17.39 -24.44 26.24
C LYS D 110 -16.39 -25.46 25.73
N GLY D 111 -16.62 -25.96 24.52
CA GLY D 111 -15.70 -26.86 23.85
C GLY D 111 -15.11 -26.19 22.62
N SER D 112 -13.82 -26.41 22.41
CA SER D 112 -13.15 -25.82 21.25
C SER D 112 -13.70 -26.41 19.96
N ILE D 113 -13.69 -25.59 18.91
CA ILE D 113 -14.23 -26.01 17.62
C ILE D 113 -13.58 -25.16 16.53
N VAL D 114 -13.23 -25.81 15.43
CA VAL D 114 -12.62 -25.16 14.28
C VAL D 114 -13.33 -25.61 13.01
N ALA D 115 -13.59 -24.66 12.11
CA ALA D 115 -14.25 -24.93 10.85
C ALA D 115 -13.40 -24.39 9.72
N CYS D 116 -13.17 -25.20 8.69
CA CYS D 116 -12.39 -24.80 7.52
C CYS D 116 -13.15 -25.15 6.26
N ALA D 117 -13.04 -24.27 5.25
CA ALA D 117 -13.65 -24.48 3.95
C ALA D 117 -12.71 -23.97 2.88
N LYS D 118 -12.40 -24.82 1.90
CA LYS D 118 -11.43 -24.45 0.89
C LYS D 118 -11.97 -23.34 0.00
N PHE D 119 -11.12 -22.36 -0.29
CA PHE D 119 -11.51 -21.15 -0.99
C PHE D 119 -10.88 -21.15 -2.38
N THR D 120 -11.73 -21.16 -3.40
CA THR D 120 -11.31 -20.95 -4.78
C THR D 120 -12.00 -19.72 -5.33
N CYS D 121 -11.33 -19.02 -6.24
CA CYS D 121 -11.88 -17.83 -6.87
C CYS D 121 -12.40 -18.20 -8.24
N ALA D 122 -13.72 -18.10 -8.42
CA ALA D 122 -14.32 -18.41 -9.72
C ALA D 122 -13.97 -17.35 -10.75
N LYS D 123 -14.11 -16.08 -10.41
CA LYS D 123 -13.87 -14.98 -11.33
C LYS D 123 -13.12 -13.87 -10.61
N SER D 124 -12.07 -13.35 -11.23
CA SER D 124 -11.20 -12.37 -10.60
C SER D 124 -10.92 -11.22 -11.56
N MET D 125 -10.62 -10.05 -10.98
CA MET D 125 -10.22 -8.87 -11.74
C MET D 125 -8.70 -8.73 -11.66
N SER D 126 -8.07 -8.56 -12.83
CA SER D 126 -6.63 -8.39 -12.90
C SER D 126 -6.26 -6.91 -12.88
N LEU D 127 -5.18 -6.60 -12.17
CA LEU D 127 -4.64 -5.24 -12.11
C LEU D 127 -3.21 -5.28 -12.63
N PHE D 128 -2.93 -4.46 -13.65
CA PHE D 128 -1.66 -4.51 -14.35
C PHE D 128 -0.81 -3.28 -14.06
N GLU D 129 0.49 -3.48 -13.93
CA GLU D 129 1.45 -2.42 -13.70
C GLU D 129 2.07 -2.00 -15.03
N VAL D 130 2.11 -0.70 -15.28
CA VAL D 130 2.62 -0.15 -16.53
C VAL D 130 4.06 0.31 -16.30
N ASP D 131 4.99 -0.24 -17.07
CA ASP D 131 6.38 0.20 -17.04
C ASP D 131 6.52 1.35 -18.03
N GLN D 132 6.78 2.55 -17.51
CA GLN D 132 6.87 3.72 -18.36
C GLN D 132 8.15 3.78 -19.18
N THR D 133 9.12 2.92 -18.88
CA THR D 133 10.31 2.81 -19.72
C THR D 133 10.11 1.86 -20.90
N LYS D 134 8.89 1.34 -21.08
CA LYS D 134 8.59 0.42 -22.17
C LYS D 134 7.31 0.82 -22.90
N ILE D 135 6.90 2.07 -22.79
CA ILE D 135 5.75 2.56 -23.54
C ILE D 135 6.14 2.74 -25.00
N GLN D 136 5.51 1.98 -25.88
CA GLN D 136 5.85 1.99 -27.29
C GLN D 136 5.11 3.10 -28.02
N TYR D 137 5.75 3.65 -29.05
CA TYR D 137 5.10 4.60 -29.93
C TYR D 137 5.70 4.46 -31.32
N VAL D 138 4.84 4.35 -32.33
CA VAL D 138 5.24 4.03 -33.70
C VAL D 138 4.98 5.25 -34.57
N ILE D 139 5.97 5.60 -35.41
CA ILE D 139 5.90 6.76 -36.27
C ILE D 139 6.04 6.31 -37.71
N ARG D 140 5.12 6.75 -38.56
CA ARG D 140 5.15 6.42 -39.98
C ARG D 140 5.65 7.60 -40.78
N ALA D 141 6.26 7.32 -41.93
CA ALA D 141 6.80 8.36 -42.79
C ALA D 141 6.80 7.85 -44.23
N GLN D 142 5.90 8.39 -45.05
CA GLN D 142 5.80 8.03 -46.46
C GLN D 142 5.93 9.28 -47.31
N LEU D 143 6.59 9.12 -48.46
CA LEU D 143 6.71 10.22 -49.40
C LEU D 143 5.36 10.46 -50.09
N HIS D 144 5.07 11.72 -50.38
CA HIS D 144 3.77 12.08 -50.90
C HIS D 144 3.53 11.45 -52.27
N VAL D 145 2.32 10.92 -52.46
CA VAL D 145 1.93 10.21 -53.68
C VAL D 145 1.15 11.16 -54.57
N GLY D 146 1.53 11.20 -55.85
CA GLY D 146 0.85 12.04 -56.82
C GLY D 146 1.36 11.86 -58.24
N ASN D 153 9.80 6.00 -55.68
CA ASN D 153 10.04 5.33 -54.41
C ASN D 153 9.25 6.02 -53.30
N THR D 154 7.93 5.82 -53.31
CA THR D 154 7.02 6.40 -52.32
C THR D 154 6.65 5.40 -51.23
N ASP D 155 7.55 4.49 -50.89
CA ASP D 155 7.25 3.45 -49.92
C ASP D 155 7.12 4.05 -48.52
N ILE D 156 6.50 3.26 -47.64
CA ILE D 156 6.21 3.66 -46.27
C ILE D 156 7.33 3.18 -45.36
N LYS D 157 7.80 4.07 -44.49
CA LYS D 157 8.81 3.74 -43.49
C LYS D 157 8.18 3.82 -42.11
N THR D 158 8.17 2.70 -41.40
CA THR D 158 7.61 2.61 -40.05
C THR D 158 8.74 2.43 -39.06
N LEU D 159 8.82 3.35 -38.09
CA LEU D 159 9.84 3.31 -37.06
C LEU D 159 9.21 2.94 -35.73
N LYS D 160 9.87 2.03 -35.00
CA LYS D 160 9.35 1.51 -33.74
C LYS D 160 10.17 2.08 -32.59
N PHE D 161 9.50 2.80 -31.70
CA PHE D 161 10.14 3.39 -30.53
C PHE D 161 9.60 2.77 -29.25
N ASP D 162 10.25 3.10 -28.13
CA ASP D 162 9.91 2.71 -26.74
C ASP D 162 10.67 3.70 -25.86
N ALA D 163 10.10 4.22 -24.78
CA ALA D 163 10.59 5.35 -24.00
C ALA D 163 12.10 5.30 -23.83
N LEU D 164 12.64 4.14 -23.49
CA LEU D 164 14.07 4.03 -23.23
C LEU D 164 14.89 4.26 -24.50
N SER D 165 14.43 3.72 -25.62
CA SER D 165 15.11 3.87 -26.91
C SER D 165 14.38 4.94 -27.71
N GLY D 166 14.82 6.18 -27.58
CA GLY D 166 14.15 7.30 -28.22
C GLY D 166 14.77 7.75 -29.52
N SER D 167 15.94 7.22 -29.87
CA SER D 167 16.67 7.60 -31.07
C SER D 167 16.63 6.45 -32.07
N GLN D 168 15.98 6.67 -33.21
CA GLN D 168 15.87 5.69 -34.26
C GLN D 168 16.23 6.30 -35.61
N GLU D 169 16.77 5.48 -36.50
CA GLU D 169 17.24 5.92 -37.80
C GLU D 169 16.28 5.46 -38.89
N ALA D 170 16.41 6.11 -40.05
CA ALA D 170 15.62 5.77 -41.23
C ALA D 170 16.28 6.45 -42.43
N GLU D 171 15.85 6.05 -43.63
CA GLU D 171 16.34 6.66 -44.86
C GLU D 171 15.16 6.93 -45.78
N PHE D 172 15.23 8.05 -46.50
CA PHE D 172 14.19 8.46 -47.43
C PHE D 172 14.81 8.84 -48.77
N THR D 173 14.04 8.65 -49.83
CA THR D 173 14.49 9.02 -51.16
C THR D 173 14.61 10.54 -51.28
N GLY D 174 15.76 11.01 -51.74
CA GLY D 174 16.00 12.43 -51.89
C GLY D 174 16.49 13.09 -50.62
N TYR D 175 15.71 12.98 -49.54
CA TYR D 175 16.11 13.58 -48.27
C TYR D 175 17.31 12.87 -47.66
N GLY D 176 17.50 11.58 -47.97
CA GLY D 176 18.64 10.84 -47.47
C GLY D 176 18.39 10.23 -46.11
N LYS D 177 19.50 9.93 -45.43
CA LYS D 177 19.43 9.32 -44.11
C LYS D 177 18.85 10.29 -43.09
N ALA D 178 18.01 9.76 -42.20
CA ALA D 178 17.32 10.57 -41.20
C ALA D 178 17.52 9.96 -39.82
N THR D 179 17.48 10.82 -38.80
CA THR D 179 17.58 10.40 -37.41
C THR D 179 16.47 11.09 -36.62
N LEU D 180 15.53 10.31 -36.12
CA LEU D 180 14.43 10.83 -35.31
C LEU D 180 14.72 10.60 -33.83
N GLU D 181 14.70 11.69 -33.06
CA GLU D 181 14.92 11.65 -31.61
C GLU D 181 13.64 12.15 -30.95
N CYS D 182 12.83 11.23 -30.45
CA CYS D 182 11.48 11.53 -30.01
C CYS D 182 11.31 11.22 -28.52
N GLN D 183 10.23 11.77 -27.97
CA GLN D 183 9.88 11.57 -26.56
C GLN D 183 8.37 11.38 -26.47
N VAL D 184 7.94 10.74 -25.39
CA VAL D 184 6.51 10.54 -25.12
C VAL D 184 6.07 11.39 -23.93
N GLN D 185 4.82 11.83 -24.00
CA GLN D 185 4.12 12.44 -22.87
C GLN D 185 2.73 11.84 -22.83
N THR D 186 2.52 10.93 -21.87
CA THR D 186 1.24 10.26 -21.75
C THR D 186 0.17 11.22 -21.25
N ALA D 187 -1.09 10.88 -21.55
CA ALA D 187 -2.21 11.70 -21.11
C ALA D 187 -2.65 11.39 -19.68
N VAL D 188 -2.22 10.26 -19.13
CA VAL D 188 -2.54 9.88 -17.76
C VAL D 188 -1.26 9.48 -17.05
N ASP D 189 -1.30 9.53 -15.73
CA ASP D 189 -0.15 9.15 -14.90
C ASP D 189 -0.26 7.65 -14.62
N PHE D 190 0.50 6.86 -15.38
CA PHE D 190 0.55 5.43 -15.14
C PHE D 190 1.28 5.06 -13.86
N GLY D 191 1.95 6.01 -13.21
CA GLY D 191 2.47 5.78 -11.88
C GLY D 191 1.41 5.82 -10.80
N ASN D 192 0.26 6.42 -11.09
CA ASN D 192 -0.88 6.45 -10.18
C ASN D 192 -2.03 5.58 -10.65
N SER D 193 -1.84 4.78 -11.70
CA SER D 193 -2.95 4.11 -12.35
C SER D 193 -2.61 2.64 -12.61
N TYR D 194 -3.65 1.81 -12.57
CA TYR D 194 -3.61 0.42 -13.00
C TYR D 194 -4.34 0.27 -14.33
N ILE D 195 -4.09 -0.85 -14.99
CA ILE D 195 -4.93 -1.30 -16.09
C ILE D 195 -5.81 -2.42 -15.54
N ALA D 196 -7.07 -2.12 -15.31
CA ALA D 196 -8.01 -3.07 -14.73
C ALA D 196 -8.69 -3.85 -15.86
N GLU D 197 -8.58 -5.17 -15.79
CA GLU D 197 -9.15 -6.06 -16.82
C GLU D 197 -10.14 -7.03 -16.17
N MET D 198 -11.44 -6.76 -16.22
CA MET D 198 -12.41 -7.67 -15.59
C MET D 198 -12.76 -8.78 -16.57
N GLU D 199 -13.79 -8.59 -17.38
CA GLU D 199 -14.20 -9.68 -18.31
C GLU D 199 -13.40 -9.57 -19.61
N LYS D 200 -14.09 -9.39 -20.73
CA LYS D 200 -13.37 -9.23 -22.02
C LYS D 200 -13.02 -7.75 -22.11
N ASP D 201 -13.64 -6.97 -21.25
CA ASP D 201 -13.46 -5.53 -21.15
C ASP D 201 -12.17 -5.18 -20.40
N SER D 202 -11.86 -3.89 -20.36
CA SER D 202 -10.68 -3.37 -19.68
C SER D 202 -10.89 -1.88 -19.38
N TRP D 203 -10.17 -1.39 -18.37
CA TRP D 203 -10.24 0.01 -17.97
C TRP D 203 -8.85 0.52 -17.60
N ILE D 204 -8.77 1.84 -17.37
CA ILE D 204 -7.66 2.46 -16.66
C ILE D 204 -8.21 2.97 -15.35
N VAL D 205 -7.76 2.40 -14.23
CA VAL D 205 -8.25 2.76 -12.92
C VAL D 205 -7.09 3.22 -12.06
N ASP D 206 -7.42 4.00 -11.04
CA ASP D 206 -6.40 4.48 -10.11
C ASP D 206 -5.92 3.34 -9.22
N ARG D 207 -4.65 3.45 -8.79
CA ARG D 207 -4.07 2.43 -7.92
C ARG D 207 -4.78 2.36 -6.57
N GLN D 208 -4.83 3.49 -5.84
CA GLN D 208 -5.42 3.51 -4.50
C GLN D 208 -6.87 3.08 -4.52
N TRP D 209 -7.62 3.48 -5.54
CA TRP D 209 -9.00 3.02 -5.64
C TRP D 209 -9.05 1.50 -5.65
N ALA D 210 -8.04 0.86 -6.27
CA ALA D 210 -8.05 -0.59 -6.45
C ALA D 210 -7.62 -1.39 -5.19
N GLN D 211 -6.56 -0.94 -4.44
CA GLN D 211 -6.16 -1.56 -3.16
C GLN D 211 -7.24 -1.41 -2.08
N ASP D 212 -8.05 -0.34 -2.14
CA ASP D 212 -9.03 -0.11 -1.07
C ASP D 212 -10.33 -0.85 -1.27
N LEU D 213 -10.46 -1.63 -2.35
CA LEU D 213 -11.65 -2.45 -2.57
C LEU D 213 -11.80 -3.44 -1.43
N THR D 214 -13.04 -3.66 -1.00
CA THR D 214 -13.35 -4.62 0.05
C THR D 214 -13.64 -5.99 -0.56
N LEU D 215 -12.62 -6.52 -1.23
CA LEU D 215 -12.69 -7.82 -1.88
C LEU D 215 -11.38 -8.55 -1.65
N PRO D 216 -11.41 -9.89 -1.65
CA PRO D 216 -10.15 -10.65 -1.52
C PRO D 216 -9.22 -10.35 -2.70
N TRP D 217 -7.92 -10.39 -2.42
CA TRP D 217 -6.93 -10.08 -3.43
C TRP D 217 -5.79 -11.09 -3.37
N GLN D 218 -5.09 -11.22 -4.49
CA GLN D 218 -3.96 -12.13 -4.63
C GLN D 218 -2.84 -11.39 -5.35
N SER D 219 -1.60 -11.62 -4.90
CA SER D 219 -0.46 -10.95 -5.51
C SER D 219 -0.24 -11.44 -6.94
N GLY D 220 0.37 -10.58 -7.75
CA GLY D 220 0.82 -11.02 -9.07
C GLY D 220 1.91 -12.06 -8.98
N SER D 221 2.70 -12.03 -7.90
CA SER D 221 3.68 -13.08 -7.65
C SER D 221 3.03 -14.41 -7.29
N GLY D 222 1.76 -14.39 -6.89
CA GLY D 222 1.06 -15.60 -6.52
C GLY D 222 0.79 -15.66 -5.02
N GLY D 223 0.73 -16.89 -4.49
CA GLY D 223 0.50 -17.05 -3.07
C GLY D 223 -0.93 -17.34 -2.71
N ILE D 224 -1.36 -16.87 -1.55
CA ILE D 224 -2.69 -17.17 -1.01
C ILE D 224 -3.62 -16.01 -1.28
N TRP D 225 -4.92 -16.31 -1.37
CA TRP D 225 -5.92 -15.27 -1.46
C TRP D 225 -6.09 -14.62 -0.10
N ARG D 226 -5.86 -13.31 -0.04
CA ARG D 226 -5.81 -12.59 1.22
C ARG D 226 -7.12 -11.86 1.47
N GLU D 227 -7.51 -11.79 2.75
CA GLU D 227 -8.75 -11.14 3.16
C GLU D 227 -9.96 -11.83 2.51
N MET D 228 -10.02 -13.15 2.66
CA MET D 228 -11.16 -13.91 2.15
C MET D 228 -12.46 -13.56 2.85
N HIS D 229 -12.39 -12.94 4.03
CA HIS D 229 -13.58 -12.67 4.83
C HIS D 229 -14.56 -11.71 4.17
N HIS D 230 -14.14 -11.00 3.11
CA HIS D 230 -15.08 -10.16 2.37
C HIS D 230 -16.11 -10.98 1.60
N LEU D 231 -15.81 -12.24 1.28
CA LEU D 231 -16.74 -13.10 0.57
C LEU D 231 -17.11 -14.36 1.34
N VAL D 232 -16.51 -14.60 2.50
CA VAL D 232 -16.77 -15.77 3.32
C VAL D 232 -17.35 -15.33 4.65
N GLU D 233 -18.40 -16.01 5.10
CA GLU D 233 -19.07 -15.70 6.35
C GLU D 233 -19.26 -16.98 7.15
N PHE D 234 -18.95 -16.92 8.43
CA PHE D 234 -19.08 -18.06 9.34
C PHE D 234 -20.23 -17.79 10.31
N GLU D 235 -21.24 -18.65 10.28
CA GLU D 235 -22.40 -18.52 11.13
C GLU D 235 -22.08 -18.93 12.57
N PRO D 236 -22.91 -18.51 13.52
CA PRO D 236 -22.72 -18.97 14.89
C PRO D 236 -22.80 -20.48 14.97
N PRO D 237 -22.00 -21.10 15.82
CA PRO D 237 -22.02 -22.56 15.93
C PRO D 237 -23.25 -23.06 16.67
N HIS D 238 -23.63 -24.32 16.39
CA HIS D 238 -24.65 -25.01 17.18
C HIS D 238 -24.06 -26.35 17.62
N ALA D 239 -23.19 -26.28 18.65
CA ALA D 239 -22.78 -27.38 19.52
C ALA D 239 -22.00 -28.48 18.83
N ALA D 240 -22.09 -28.59 17.52
CA ALA D 240 -21.18 -29.47 16.78
C ALA D 240 -20.90 -29.02 15.37
N THR D 241 -21.49 -27.92 14.89
CA THR D 241 -21.47 -27.58 13.47
C THR D 241 -21.35 -26.08 13.31
N ILE D 242 -20.74 -25.68 12.19
CA ILE D 242 -20.61 -24.28 11.80
C ILE D 242 -20.96 -24.17 10.32
N ARG D 243 -21.90 -23.28 10.00
CA ARG D 243 -22.25 -23.02 8.62
C ARG D 243 -21.33 -21.97 8.02
N VAL D 244 -20.91 -22.21 6.78
CA VAL D 244 -20.07 -21.28 6.04
C VAL D 244 -20.79 -20.91 4.74
N LEU D 245 -20.85 -19.62 4.45
CA LEU D 245 -21.56 -19.11 3.28
C LEU D 245 -20.61 -18.28 2.43
N ALA D 246 -20.57 -18.57 1.13
CA ALA D 246 -19.89 -17.70 0.18
C ALA D 246 -20.84 -16.59 -0.21
N LEU D 247 -20.46 -15.34 0.09
CA LEU D 247 -21.31 -14.22 -0.24
C LEU D 247 -21.48 -14.12 -1.76
N GLY D 248 -22.60 -13.52 -2.17
CA GLY D 248 -22.99 -13.56 -3.56
C GLY D 248 -21.97 -12.90 -4.48
N ASN D 249 -22.11 -13.20 -5.76
CA ASN D 249 -21.22 -12.62 -6.77
C ASN D 249 -21.30 -11.10 -6.72
N GLN D 250 -20.16 -10.45 -6.87
CA GLN D 250 -20.06 -9.00 -6.74
C GLN D 250 -19.61 -8.32 -8.04
N GLU D 251 -19.84 -8.96 -9.18
CA GLU D 251 -19.50 -8.34 -10.46
C GLU D 251 -20.31 -7.07 -10.68
N GLY D 252 -21.61 -7.10 -10.35
CA GLY D 252 -22.45 -5.94 -10.55
C GLY D 252 -21.99 -4.73 -9.74
N SER D 253 -21.63 -4.96 -8.48
CA SER D 253 -21.13 -3.86 -7.66
C SER D 253 -19.80 -3.31 -8.19
N LEU D 254 -18.98 -4.18 -8.78
CA LEU D 254 -17.70 -3.75 -9.33
C LEU D 254 -17.88 -3.05 -10.67
N LYS D 255 -18.75 -3.60 -11.52
CA LYS D 255 -18.99 -3.00 -12.85
C LYS D 255 -19.60 -1.61 -12.68
N THR D 256 -20.30 -1.38 -11.57
CA THR D 256 -20.89 -0.07 -11.34
C THR D 256 -19.83 0.96 -10.97
N ALA D 257 -18.91 0.59 -10.07
CA ALA D 257 -17.88 1.52 -9.64
C ALA D 257 -16.91 1.88 -10.75
N LEU D 258 -16.89 1.11 -11.83
CA LEU D 258 -16.04 1.37 -12.98
C LEU D 258 -16.71 2.25 -14.03
N THR D 259 -17.91 2.75 -13.75
CA THR D 259 -18.60 3.60 -14.72
C THR D 259 -17.83 4.89 -14.97
N GLY D 260 -17.35 5.52 -13.89
CA GLY D 260 -16.61 6.77 -14.03
C GLY D 260 -15.13 6.54 -14.21
N ALA D 261 -14.77 5.59 -15.07
CA ALA D 261 -13.39 5.25 -15.37
C ALA D 261 -13.22 5.11 -16.87
N MET D 262 -12.18 5.74 -17.42
CA MET D 262 -11.93 5.64 -18.84
C MET D 262 -11.44 4.24 -19.20
N ARG D 263 -11.60 3.88 -20.46
CA ARG D 263 -11.40 2.52 -20.94
C ARG D 263 -10.16 2.43 -21.82
N VAL D 264 -9.62 1.22 -21.90
CA VAL D 264 -8.59 0.88 -22.86
C VAL D 264 -9.11 -0.18 -23.82
N THR D 265 -8.49 -0.25 -24.99
CA THR D 265 -8.88 -1.16 -26.05
C THR D 265 -7.68 -2.02 -26.43
N LYS D 266 -7.81 -3.32 -26.26
CA LYS D 266 -6.77 -4.24 -26.72
C LYS D 266 -6.75 -4.29 -28.23
N ASP D 267 -5.56 -4.42 -28.81
CA ASP D 267 -5.46 -4.66 -30.24
C ASP D 267 -6.09 -6.00 -30.58
N GLU D 268 -6.78 -6.06 -31.71
CA GLU D 268 -7.47 -7.28 -32.10
C GLU D 268 -6.50 -8.44 -32.28
N ASN D 269 -5.34 -8.17 -32.89
CA ASN D 269 -4.37 -9.23 -33.15
C ASN D 269 -3.51 -9.50 -31.92
N ASP D 270 -2.75 -8.49 -31.49
CA ASP D 270 -1.77 -8.70 -30.42
C ASP D 270 -2.41 -9.08 -29.11
N ASN D 271 -3.59 -8.51 -28.81
CA ASN D 271 -4.47 -8.99 -27.74
C ASN D 271 -3.88 -8.76 -26.36
N ASN D 272 -2.63 -8.30 -26.30
CA ASN D 272 -2.03 -7.81 -25.07
C ASN D 272 -1.50 -6.39 -25.25
N LEU D 273 -1.59 -5.83 -26.45
CA LEU D 273 -1.27 -4.44 -26.71
C LEU D 273 -2.43 -3.58 -26.22
N TYR D 274 -2.20 -2.80 -25.16
CA TYR D 274 -3.15 -1.78 -24.74
C TYR D 274 -2.73 -0.47 -25.39
N LYS D 275 -3.34 -0.16 -26.53
CA LYS D 275 -2.99 1.05 -27.27
C LYS D 275 -3.78 2.23 -26.74
N LEU D 276 -3.08 3.32 -26.44
CA LEU D 276 -3.68 4.51 -25.89
C LEU D 276 -4.13 5.44 -27.03
N HIS D 277 -4.77 6.55 -26.67
CA HIS D 277 -5.24 7.52 -27.65
C HIS D 277 -4.60 8.89 -27.44
N GLY D 278 -4.59 9.40 -26.22
CA GLY D 278 -3.93 10.65 -25.95
C GLY D 278 -2.42 10.51 -25.95
N GLY D 279 -1.74 11.65 -25.86
CA GLY D 279 -0.29 11.57 -25.82
C GLY D 279 0.35 12.33 -26.96
N HIS D 280 1.33 13.16 -26.60
CA HIS D 280 2.08 13.96 -27.56
C HIS D 280 3.49 13.41 -27.67
N VAL D 281 3.93 13.19 -28.91
CA VAL D 281 5.28 12.72 -29.19
C VAL D 281 6.06 13.89 -29.78
N SER D 282 7.05 14.39 -29.05
CA SER D 282 7.86 15.52 -29.47
C SER D 282 9.12 14.98 -30.14
N CYS D 283 9.20 15.14 -31.45
CA CYS D 283 10.33 14.64 -32.23
C CYS D 283 11.19 15.80 -32.72
N ARG D 284 12.49 15.54 -32.80
CA ARG D 284 13.43 16.41 -33.49
C ARG D 284 13.99 15.61 -34.66
N VAL D 285 13.47 15.87 -35.86
CA VAL D 285 13.92 15.17 -37.05
C VAL D 285 15.24 15.76 -37.50
N LYS D 286 16.24 14.91 -37.68
CA LYS D 286 17.59 15.32 -38.05
C LYS D 286 17.87 14.86 -39.47
N LEU D 287 18.21 15.79 -40.34
CA LEU D 287 18.47 15.52 -41.74
C LEU D 287 19.80 16.14 -42.14
N SER D 288 20.33 15.70 -43.29
CA SER D 288 21.44 16.39 -43.89
C SER D 288 20.97 17.73 -44.44
N ALA D 289 21.93 18.58 -44.82
CA ALA D 289 21.61 19.94 -45.22
C ALA D 289 20.83 19.96 -46.53
N LEU D 290 19.63 20.58 -46.48
CA LEU D 290 18.85 20.85 -47.68
C LEU D 290 17.83 21.92 -47.34
N THR D 291 17.49 22.75 -48.32
CA THR D 291 16.50 23.79 -48.11
C THR D 291 15.09 23.18 -48.11
N LEU D 292 14.31 23.53 -47.10
CA LEU D 292 12.94 23.06 -46.97
C LEU D 292 11.96 24.20 -47.23
N LYS D 293 10.75 23.83 -47.63
CA LYS D 293 9.70 24.80 -47.92
C LYS D 293 8.85 25.04 -46.69
N GLY D 294 8.65 26.31 -46.34
CA GLY D 294 7.80 26.68 -45.23
C GLY D 294 6.36 26.88 -45.65
N THR D 295 5.53 27.24 -44.66
CA THR D 295 4.11 27.49 -44.91
C THR D 295 3.59 28.41 -43.82
N SER D 296 2.81 29.42 -44.23
CA SER D 296 2.17 30.35 -43.32
C SER D 296 0.69 30.02 -43.20
N TYR D 297 0.10 30.44 -42.08
CA TYR D 297 -1.30 30.20 -41.79
C TYR D 297 -1.93 31.46 -41.23
N LYS D 298 -2.95 31.97 -41.92
CA LYS D 298 -3.75 33.06 -41.38
C LYS D 298 -4.81 32.50 -40.43
N MET D 299 -5.22 33.32 -39.48
CA MET D 299 -6.22 32.90 -38.52
C MET D 299 -7.60 32.92 -39.15
N CYS D 300 -8.39 31.87 -38.90
CA CYS D 300 -9.72 31.78 -39.48
C CYS D 300 -10.58 32.96 -39.02
N THR D 301 -11.35 33.53 -39.95
CA THR D 301 -12.13 34.72 -39.67
C THR D 301 -13.60 34.57 -40.06
N ASP D 302 -14.03 33.38 -40.47
CA ASP D 302 -15.40 33.14 -40.89
C ASP D 302 -16.11 32.22 -39.91
N LYS D 303 -17.41 32.06 -40.12
CA LYS D 303 -18.25 31.31 -39.20
C LYS D 303 -17.91 29.83 -39.24
N MET D 304 -17.73 29.24 -38.06
CA MET D 304 -17.48 27.81 -37.90
C MET D 304 -18.64 27.18 -37.14
N SER D 305 -18.61 25.85 -37.02
CA SER D 305 -19.71 25.13 -36.39
C SER D 305 -19.16 23.91 -35.66
N PHE D 306 -19.79 23.58 -34.54
CA PHE D 306 -19.45 22.39 -33.77
C PHE D 306 -20.05 21.17 -34.45
N VAL D 307 -19.20 20.34 -35.07
CA VAL D 307 -19.67 19.05 -35.56
C VAL D 307 -19.94 18.10 -34.40
N LYS D 308 -18.96 17.97 -33.51
CA LYS D 308 -19.12 17.26 -32.24
C LYS D 308 -19.02 18.28 -31.13
N ASN D 309 -20.10 18.42 -30.36
CA ASN D 309 -20.09 19.36 -29.24
C ASN D 309 -19.04 18.92 -28.22
N PRO D 310 -18.46 19.86 -27.48
CA PRO D 310 -17.42 19.51 -26.51
C PRO D 310 -17.86 18.39 -25.57
N THR D 311 -16.98 17.40 -25.40
CA THR D 311 -17.29 16.21 -24.64
C THR D 311 -16.11 15.86 -23.75
N ASP D 312 -16.42 15.27 -22.59
CA ASP D 312 -15.36 14.81 -21.69
C ASP D 312 -14.64 13.61 -22.29
N THR D 313 -13.32 13.55 -22.08
CA THR D 313 -12.49 12.52 -22.66
C THR D 313 -12.14 11.39 -21.70
N GLY D 314 -12.30 11.60 -20.40
CA GLY D 314 -11.95 10.63 -19.39
C GLY D 314 -10.72 11.00 -18.57
N HIS D 315 -9.92 11.95 -19.04
CA HIS D 315 -8.75 12.40 -18.29
C HIS D 315 -8.74 13.92 -18.16
N GLY D 316 -9.90 14.51 -17.83
CA GLY D 316 -9.98 15.90 -17.48
C GLY D 316 -9.95 16.88 -18.63
N THR D 317 -9.73 16.43 -19.85
CA THR D 317 -9.70 17.32 -21.01
C THR D 317 -11.00 17.17 -21.80
N VAL D 318 -11.26 18.16 -22.65
CA VAL D 318 -12.49 18.23 -23.44
C VAL D 318 -12.10 18.24 -24.92
N VAL D 319 -12.73 17.36 -25.69
CA VAL D 319 -12.55 17.28 -27.13
C VAL D 319 -13.77 17.85 -27.84
N MET D 320 -13.51 18.68 -28.84
CA MET D 320 -14.53 19.26 -29.71
C MET D 320 -14.07 19.07 -31.15
N GLN D 321 -15.04 19.14 -32.07
CA GLN D 321 -14.77 18.96 -33.49
C GLN D 321 -15.49 20.07 -34.25
N VAL D 322 -14.73 21.04 -34.73
CA VAL D 322 -15.30 22.18 -35.45
C VAL D 322 -15.08 21.99 -36.94
N LYS D 323 -15.94 22.64 -37.73
CA LYS D 323 -15.89 22.56 -39.19
C LYS D 323 -15.60 23.93 -39.76
N VAL D 324 -14.63 24.00 -40.65
CA VAL D 324 -14.29 25.24 -41.35
C VAL D 324 -14.73 25.10 -42.80
N PRO D 325 -15.91 25.57 -43.17
CA PRO D 325 -16.41 25.34 -44.52
C PRO D 325 -15.99 26.41 -45.53
N LYS D 326 -15.63 27.60 -45.05
CA LYS D 326 -15.51 28.76 -45.91
C LYS D 326 -14.09 29.32 -46.02
N GLY D 327 -13.46 29.65 -44.91
CA GLY D 327 -12.39 30.64 -44.95
C GLY D 327 -11.17 30.33 -45.81
N ALA D 328 -10.33 29.41 -45.36
CA ALA D 328 -9.03 29.18 -45.99
C ALA D 328 -8.32 28.04 -45.29
N PRO D 329 -7.17 27.58 -45.82
CA PRO D 329 -6.21 26.92 -44.92
C PRO D 329 -5.89 27.88 -43.80
N CYS D 330 -6.33 27.59 -42.58
CA CYS D 330 -6.30 28.61 -41.55
C CYS D 330 -6.22 27.96 -40.17
N LYS D 331 -5.70 28.74 -39.22
CA LYS D 331 -5.58 28.31 -37.83
C LYS D 331 -6.82 28.73 -37.05
N ILE D 332 -7.38 27.79 -36.31
CA ILE D 332 -8.65 28.00 -35.59
C ILE D 332 -8.33 28.59 -34.26
N PRO D 333 -8.73 29.84 -33.96
CA PRO D 333 -8.46 30.43 -32.65
C PRO D 333 -9.37 29.84 -31.58
N VAL D 334 -8.76 29.36 -30.50
CA VAL D 334 -9.49 28.75 -29.39
C VAL D 334 -8.96 29.33 -28.08
N ILE D 335 -9.86 29.85 -27.25
CA ILE D 335 -9.54 30.25 -25.89
C ILE D 335 -10.67 29.78 -24.97
N VAL D 336 -10.34 29.66 -23.68
CA VAL D 336 -11.29 29.29 -22.64
C VAL D 336 -11.23 30.36 -21.56
N ALA D 337 -12.35 31.03 -21.31
CA ALA D 337 -12.38 32.21 -20.47
C ALA D 337 -13.41 32.06 -19.35
N ASP D 338 -13.20 32.82 -18.28
CA ASP D 338 -14.16 32.87 -17.19
C ASP D 338 -15.48 33.47 -17.64
N ASP D 339 -15.41 34.60 -18.34
CA ASP D 339 -16.60 35.34 -18.77
C ASP D 339 -16.49 35.63 -20.26
N LEU D 340 -17.65 35.93 -20.86
CA LEU D 340 -17.71 36.28 -22.27
C LEU D 340 -17.19 37.68 -22.54
N THR D 341 -16.88 38.45 -21.51
CA THR D 341 -16.50 39.85 -21.69
C THR D 341 -15.02 40.00 -22.06
N ALA D 342 -14.13 39.58 -21.17
CA ALA D 342 -12.71 39.91 -21.32
C ALA D 342 -12.08 39.15 -22.46
N ALA D 343 -12.46 37.89 -22.66
CA ALA D 343 -11.75 36.96 -23.54
C ALA D 343 -10.28 36.84 -23.13
N VAL D 344 -10.04 36.86 -21.82
CA VAL D 344 -8.71 36.61 -21.27
C VAL D 344 -8.63 35.12 -20.94
N ASN D 345 -7.71 34.42 -21.58
CA ASN D 345 -7.69 32.96 -21.52
C ASN D 345 -7.33 32.48 -20.12
N LYS D 346 -8.10 31.52 -19.61
CA LYS D 346 -7.82 30.87 -18.35
C LYS D 346 -7.51 29.38 -18.50
N GLY D 347 -7.86 28.76 -19.62
CA GLY D 347 -7.62 27.36 -19.84
C GLY D 347 -6.30 27.08 -20.54
N ILE D 348 -6.15 25.84 -20.99
CA ILE D 348 -4.92 25.37 -21.62
C ILE D 348 -5.30 24.65 -22.91
N LEU D 349 -4.62 24.98 -24.00
CA LEU D 349 -4.88 24.38 -25.30
C LEU D 349 -3.97 23.17 -25.49
N VAL D 350 -4.54 21.97 -25.35
CA VAL D 350 -3.75 20.75 -25.50
C VAL D 350 -3.36 20.55 -26.96
N THR D 351 -4.32 20.73 -27.87
CA THR D 351 -4.06 20.50 -29.29
C THR D 351 -3.02 21.49 -29.81
N VAL D 352 -2.04 20.95 -30.54
CA VAL D 352 -0.98 21.77 -31.13
C VAL D 352 -1.40 22.16 -32.53
N ASN D 353 -1.46 23.47 -32.79
CA ASN D 353 -1.75 24.04 -34.09
C ASN D 353 -3.04 23.48 -34.67
N PRO D 354 -4.22 23.87 -34.15
CA PRO D 354 -5.47 23.44 -34.79
C PRO D 354 -5.64 24.12 -36.13
N ILE D 355 -5.42 23.38 -37.22
CA ILE D 355 -5.35 23.94 -38.55
C ILE D 355 -6.28 23.15 -39.45
N ALA D 356 -7.19 23.85 -40.14
CA ALA D 356 -8.02 23.25 -41.16
C ALA D 356 -7.29 23.38 -42.49
N SER D 357 -6.85 22.25 -43.04
CA SER D 357 -6.05 22.28 -44.27
C SER D 357 -6.87 22.81 -45.44
N THR D 358 -7.98 22.14 -45.76
CA THR D 358 -8.88 22.60 -46.80
C THR D 358 -10.19 23.06 -46.16
N ASN D 359 -11.01 23.72 -46.96
CA ASN D 359 -12.33 24.11 -46.48
C ASN D 359 -13.24 22.88 -46.40
N ASP D 360 -14.33 23.02 -45.64
CA ASP D 360 -15.25 21.94 -45.33
C ASP D 360 -14.58 20.81 -44.54
N ASP D 361 -13.43 21.08 -43.93
CA ASP D 361 -12.74 20.11 -43.11
C ASP D 361 -13.24 20.16 -41.68
N GLU D 362 -13.11 19.03 -40.98
CA GLU D 362 -13.50 18.90 -39.59
C GLU D 362 -12.24 18.65 -38.77
N VAL D 363 -12.00 19.53 -37.79
CA VAL D 363 -10.75 19.54 -37.04
C VAL D 363 -11.04 19.24 -35.58
N LEU D 364 -10.32 18.26 -35.03
CA LEU D 364 -10.45 17.92 -33.62
C LEU D 364 -9.63 18.91 -32.79
N ILE D 365 -10.19 19.33 -31.65
CA ILE D 365 -9.54 20.26 -30.75
C ILE D 365 -9.69 19.74 -29.33
N GLU D 366 -8.58 19.65 -28.60
CA GLU D 366 -8.58 19.26 -27.20
C GLU D 366 -8.17 20.47 -26.36
N VAL D 367 -8.91 20.70 -25.27
CA VAL D 367 -8.67 21.85 -24.40
C VAL D 367 -8.83 21.40 -22.96
N ASN D 368 -8.18 22.14 -22.05
CA ASN D 368 -8.18 21.86 -20.62
C ASN D 368 -8.80 23.05 -19.89
N PRO D 369 -10.10 23.01 -19.62
CA PRO D 369 -10.75 24.14 -18.93
C PRO D 369 -10.32 24.23 -17.48
N PRO D 370 -10.41 25.41 -16.87
CA PRO D 370 -10.20 25.50 -15.43
C PRO D 370 -11.35 24.84 -14.68
N PHE D 371 -11.06 24.49 -13.41
CA PHE D 371 -12.07 23.85 -12.58
C PHE D 371 -13.20 24.83 -12.30
N GLY D 372 -14.44 24.36 -12.47
CA GLY D 372 -15.60 25.21 -12.27
C GLY D 372 -16.29 25.58 -13.57
N ASP D 373 -16.92 26.75 -13.60
CA ASP D 373 -17.63 27.21 -14.79
C ASP D 373 -16.72 28.03 -15.67
N SER D 374 -16.77 27.77 -16.98
CA SER D 374 -15.98 28.49 -17.96
C SER D 374 -16.73 28.48 -19.28
N TYR D 375 -16.26 29.31 -20.21
CA TYR D 375 -16.83 29.40 -21.55
C TYR D 375 -15.78 29.02 -22.57
N ILE D 376 -16.14 28.10 -23.46
CA ILE D 376 -15.25 27.68 -24.54
C ILE D 376 -15.53 28.56 -25.75
N ILE D 377 -14.51 29.29 -26.20
CA ILE D 377 -14.66 30.27 -27.26
C ILE D 377 -13.84 29.80 -28.45
N VAL D 378 -14.53 29.48 -29.55
CA VAL D 378 -13.91 29.11 -30.81
C VAL D 378 -14.20 30.23 -31.80
N GLY D 379 -13.15 30.78 -32.39
CA GLY D 379 -13.29 31.92 -33.28
C GLY D 379 -12.98 33.24 -32.59
N THR D 380 -13.32 34.31 -33.29
CA THR D 380 -13.06 35.65 -32.80
C THR D 380 -14.09 36.61 -33.37
N GLY D 381 -14.47 37.59 -32.55
CA GLY D 381 -15.42 38.61 -32.98
C GLY D 381 -16.84 38.26 -32.58
N ASP D 382 -17.75 38.26 -33.55
CA ASP D 382 -19.16 37.95 -33.31
C ASP D 382 -19.60 36.62 -33.93
N SER D 383 -18.93 36.15 -34.97
CA SER D 383 -19.19 34.81 -35.50
C SER D 383 -18.34 33.77 -34.78
N ARG D 384 -18.43 33.79 -33.45
CA ARG D 384 -17.65 32.90 -32.60
C ARG D 384 -18.57 31.92 -31.90
N LEU D 385 -18.06 30.72 -31.67
CA LEU D 385 -18.82 29.68 -30.97
C LEU D 385 -18.55 29.78 -29.47
N THR D 386 -19.63 29.85 -28.69
CA THR D 386 -19.54 29.94 -27.24
C THR D 386 -20.24 28.73 -26.62
N TYR D 387 -19.49 27.94 -25.86
CA TYR D 387 -20.00 26.75 -25.21
C TYR D 387 -19.64 26.81 -23.74
N GLN D 388 -20.64 26.73 -22.87
CA GLN D 388 -20.41 26.77 -21.43
C GLN D 388 -20.02 25.38 -20.93
N TRP D 389 -19.10 25.35 -19.96
CA TRP D 389 -18.56 24.10 -19.45
C TRP D 389 -18.54 24.09 -17.93
N HIS D 390 -18.69 22.89 -17.37
CA HIS D 390 -18.58 22.66 -15.95
C HIS D 390 -17.59 21.53 -15.71
N LYS D 391 -16.76 21.69 -14.68
CA LYS D 391 -15.69 20.74 -14.39
C LYS D 391 -15.74 20.36 -12.92
N GLU D 392 -15.68 19.06 -12.64
CA GLU D 392 -15.86 18.55 -11.29
C GLU D 392 -14.52 18.26 -10.63
N GLY D 393 -14.59 17.86 -9.36
CA GLY D 393 -13.46 17.81 -8.44
C GLY D 393 -12.43 16.71 -8.69
N SER D 394 -12.67 15.81 -9.64
CA SER D 394 -11.70 14.79 -10.04
C SER D 394 -11.34 13.88 -8.85
N SER D 395 -12.34 13.12 -8.41
CA SER D 395 -12.10 12.10 -7.40
C SER D 395 -11.23 10.97 -7.98
N ILE D 396 -10.72 10.11 -7.10
CA ILE D 396 -9.91 8.99 -7.54
C ILE D 396 -10.73 7.77 -7.97
N GLY D 397 -12.04 7.80 -7.76
CA GLY D 397 -12.85 6.66 -8.15
C GLY D 397 -14.29 6.86 -7.76
N LYS D 398 -15.08 5.81 -7.98
CA LYS D 398 -16.52 5.84 -7.71
C LYS D 398 -17.22 7.00 -8.40
N GLU E 1 5.46 -46.36 8.42
CA GLU E 1 4.84 -45.04 8.49
C GLU E 1 3.33 -45.14 8.68
N VAL E 2 2.59 -44.19 8.10
CA VAL E 2 1.14 -44.20 8.19
C VAL E 2 0.60 -45.50 7.59
N GLN E 3 -0.30 -46.14 8.32
CA GLN E 3 -0.86 -47.42 7.88
C GLN E 3 -2.33 -47.53 8.23
N LEU E 4 -3.10 -48.11 7.32
CA LEU E 4 -4.47 -48.52 7.58
C LEU E 4 -4.61 -50.00 7.21
N VAL E 5 -5.26 -50.76 8.08
CA VAL E 5 -5.38 -52.20 7.92
C VAL E 5 -6.85 -52.58 8.00
N GLU E 6 -7.40 -53.11 6.91
CA GLU E 6 -8.77 -53.58 6.88
C GLU E 6 -8.85 -55.04 7.34
N SER E 7 -9.97 -55.36 7.99
CA SER E 7 -10.24 -56.73 8.41
C SER E 7 -11.74 -56.88 8.62
N GLY E 8 -12.19 -58.13 8.64
CA GLY E 8 -13.60 -58.44 8.82
C GLY E 8 -14.34 -58.77 7.55
N GLY E 9 -13.69 -58.71 6.40
CA GLY E 9 -14.34 -59.10 5.16
C GLY E 9 -14.43 -60.60 5.00
N GLY E 10 -15.31 -61.03 4.10
CA GLY E 10 -15.49 -62.46 3.88
C GLY E 10 -16.75 -62.75 3.08
N LEU E 11 -17.30 -63.94 3.32
CA LEU E 11 -18.46 -64.44 2.59
C LEU E 11 -19.67 -64.44 3.51
N VAL E 12 -20.83 -64.07 2.95
CA VAL E 12 -22.06 -63.98 3.73
C VAL E 12 -23.23 -64.08 2.77
N LYS E 13 -24.42 -64.45 3.30
CA LYS E 13 -25.67 -64.62 2.58
C LYS E 13 -26.45 -63.30 2.52
N PRO E 14 -27.28 -63.13 1.49
CA PRO E 14 -28.07 -61.89 1.39
C PRO E 14 -29.01 -61.73 2.58
N GLY E 15 -29.26 -60.47 2.94
CA GLY E 15 -30.00 -60.15 4.14
C GLY E 15 -29.19 -60.27 5.41
N GLY E 16 -27.98 -60.80 5.33
CA GLY E 16 -27.14 -60.97 6.50
C GLY E 16 -26.47 -59.69 6.91
N SER E 17 -25.63 -59.80 7.94
CA SER E 17 -24.95 -58.65 8.51
C SER E 17 -23.45 -58.90 8.54
N LEU E 18 -22.68 -57.82 8.41
CA LEU E 18 -21.23 -57.87 8.45
C LEU E 18 -20.72 -56.55 9.01
N ARG E 19 -19.59 -56.63 9.71
CA ARG E 19 -18.97 -55.44 10.30
C ARG E 19 -17.53 -55.35 9.84
N LEU E 20 -17.15 -54.19 9.33
CA LEU E 20 -15.80 -53.94 8.87
C LEU E 20 -15.04 -53.11 9.89
N SER E 21 -13.75 -53.40 10.05
CA SER E 21 -12.90 -52.71 11.01
C SER E 21 -11.63 -52.25 10.29
N CYS E 22 -11.13 -51.09 10.70
CA CYS E 22 -9.95 -50.50 10.05
C CYS E 22 -9.07 -49.89 11.14
N ALA E 23 -7.90 -50.47 11.35
CA ALA E 23 -6.98 -50.05 12.40
C ALA E 23 -5.93 -49.11 11.81
N ALA E 24 -5.79 -47.93 12.42
CA ALA E 24 -4.88 -46.92 11.96
C ALA E 24 -3.65 -46.82 12.86
N SER E 25 -2.57 -46.28 12.29
CA SER E 25 -1.34 -46.02 13.03
C SER E 25 -0.50 -45.04 12.23
N GLY E 26 0.44 -44.41 12.91
CA GLY E 26 1.35 -43.47 12.29
C GLY E 26 0.83 -42.05 12.18
N PHE E 27 -0.35 -41.75 12.69
CA PHE E 27 -0.88 -40.40 12.69
C PHE E 27 -1.93 -40.30 13.79
N ILE E 28 -2.32 -39.06 14.10
CA ILE E 28 -3.31 -38.80 15.13
C ILE E 28 -4.69 -39.06 14.55
N PHE E 29 -5.32 -40.15 14.97
CA PHE E 29 -6.58 -40.59 14.38
C PHE E 29 -7.69 -39.57 14.58
N SER E 30 -7.75 -38.96 15.77
CA SER E 30 -8.83 -38.03 16.10
C SER E 30 -8.74 -36.71 15.34
N ASP E 31 -7.72 -36.50 14.52
CA ASP E 31 -7.55 -35.25 13.80
C ASP E 31 -7.95 -35.31 12.34
N TYR E 32 -8.15 -36.50 11.78
CA TYR E 32 -8.36 -36.67 10.35
C TYR E 32 -9.72 -37.31 10.07
N TYR E 33 -10.33 -36.89 8.96
CA TYR E 33 -11.59 -37.48 8.50
C TYR E 33 -11.24 -38.84 7.90
N MET E 34 -12.13 -39.81 7.98
CA MET E 34 -11.97 -41.15 7.43
C MET E 34 -13.20 -41.51 6.62
N MET E 35 -13.03 -42.45 5.72
CA MET E 35 -14.16 -42.83 4.85
C MET E 35 -13.99 -44.26 4.37
N TRP E 36 -15.08 -44.84 3.91
CA TRP E 36 -15.12 -46.19 3.35
C TRP E 36 -15.39 -46.12 1.86
N ILE E 37 -14.63 -46.88 1.08
CA ILE E 37 -14.69 -46.86 -0.37
C ILE E 37 -14.79 -48.31 -0.87
N ARG E 38 -15.66 -48.55 -1.85
CA ARG E 38 -15.84 -49.89 -2.40
C ARG E 38 -15.72 -49.86 -3.92
N GLN E 39 -15.22 -50.97 -4.46
CA GLN E 39 -15.03 -51.15 -5.90
C GLN E 39 -15.83 -52.38 -6.32
N ALA E 40 -17.03 -52.16 -6.85
CA ALA E 40 -17.90 -53.25 -7.26
C ALA E 40 -17.37 -53.91 -8.52
N PRO E 41 -17.76 -55.15 -8.79
CA PRO E 41 -17.35 -55.80 -10.04
C PRO E 41 -17.92 -55.07 -11.24
N GLY E 42 -17.03 -54.67 -12.15
CA GLY E 42 -17.45 -53.95 -13.34
C GLY E 42 -17.95 -52.55 -13.09
N LYS E 43 -17.48 -51.90 -12.02
CA LYS E 43 -17.88 -50.55 -11.69
C LYS E 43 -16.66 -49.77 -11.20
N GLY E 44 -16.78 -48.44 -11.19
CA GLY E 44 -15.73 -47.60 -10.68
C GLY E 44 -15.77 -47.46 -9.17
N LEU E 45 -14.69 -46.88 -8.62
CA LEU E 45 -14.60 -46.70 -7.18
C LEU E 45 -15.69 -45.75 -6.69
N GLU E 46 -16.09 -45.95 -5.43
CA GLU E 46 -17.27 -45.29 -4.90
C GLU E 46 -17.12 -45.13 -3.39
N TRP E 47 -17.19 -43.89 -2.91
CA TRP E 47 -17.23 -43.65 -1.48
C TRP E 47 -18.67 -43.79 -0.99
N ILE E 48 -18.86 -44.53 0.09
CA ILE E 48 -20.20 -44.87 0.55
C ILE E 48 -20.45 -44.30 1.95
N SER E 49 -19.39 -44.15 2.73
CA SER E 49 -19.49 -43.62 4.08
C SER E 49 -18.34 -42.65 4.33
N TYR E 50 -18.65 -41.57 5.04
CA TYR E 50 -17.69 -40.48 5.29
C TYR E 50 -17.98 -39.98 6.69
N ILE E 51 -16.96 -39.91 7.52
CA ILE E 51 -17.12 -39.52 8.93
C ILE E 51 -16.09 -38.46 9.27
N SER E 52 -16.43 -37.63 10.25
CA SER E 52 -15.60 -36.51 10.65
C SER E 52 -14.54 -36.94 11.67
N SER E 53 -13.70 -35.99 12.08
CA SER E 53 -12.61 -36.30 13.00
C SER E 53 -13.14 -36.77 14.35
N SER E 54 -14.17 -36.10 14.87
CA SER E 54 -14.77 -36.50 16.14
C SER E 54 -15.90 -37.50 15.98
N GLY E 55 -16.41 -37.68 14.76
CA GLY E 55 -17.58 -38.50 14.54
C GLY E 55 -18.89 -37.76 14.61
N SER E 56 -18.87 -36.42 14.57
CA SER E 56 -20.09 -35.63 14.66
C SER E 56 -20.78 -35.43 13.31
N GLN E 57 -20.02 -35.46 12.22
CA GLN E 57 -20.57 -35.30 10.88
C GLN E 57 -20.52 -36.64 10.16
N ILE E 58 -21.68 -37.11 9.70
CA ILE E 58 -21.79 -38.38 8.99
C ILE E 58 -22.43 -38.13 7.63
N TYR E 59 -21.87 -38.76 6.60
CA TYR E 59 -22.40 -38.67 5.25
C TYR E 59 -22.49 -40.06 4.66
N TYR E 60 -23.61 -40.35 3.99
CA TYR E 60 -23.84 -41.65 3.35
C TYR E 60 -24.31 -41.44 1.93
N THR E 61 -24.03 -42.42 1.08
CA THR E 61 -24.65 -42.49 -0.23
C THR E 61 -26.05 -43.06 -0.12
N GLU E 62 -26.86 -42.80 -1.15
CA GLU E 62 -28.24 -43.27 -1.13
C GLU E 62 -28.33 -44.79 -1.14
N SER E 63 -27.33 -45.46 -1.71
CA SER E 63 -27.37 -46.91 -1.82
C SER E 63 -27.29 -47.60 -0.46
N VAL E 64 -26.79 -46.91 0.57
CA VAL E 64 -26.51 -47.52 1.87
C VAL E 64 -27.06 -46.73 3.04
N LYS E 65 -27.82 -45.66 2.81
CA LYS E 65 -28.15 -44.73 3.89
C LYS E 65 -28.89 -45.42 5.03
N GLY E 66 -29.78 -46.35 4.71
CA GLY E 66 -30.53 -47.02 5.76
C GLY E 66 -29.88 -48.27 6.32
N ARG E 67 -28.94 -48.85 5.55
CA ARG E 67 -28.38 -50.16 5.90
C ARG E 67 -27.02 -50.07 6.58
N PHE E 68 -26.09 -49.29 6.02
CA PHE E 68 -24.76 -49.21 6.58
C PHE E 68 -24.69 -48.14 7.67
N THR E 69 -23.76 -48.32 8.59
CA THR E 69 -23.57 -47.38 9.69
C THR E 69 -22.08 -47.29 10.00
N ILE E 70 -21.51 -46.09 9.87
CA ILE E 70 -20.09 -45.86 10.07
C ILE E 70 -19.87 -45.22 11.43
N SER E 71 -18.81 -45.65 12.11
CA SER E 71 -18.45 -45.12 13.41
C SER E 71 -16.94 -45.21 13.58
N ARG E 72 -16.43 -44.53 14.60
CA ARG E 72 -15.00 -44.57 14.88
C ARG E 72 -14.78 -44.54 16.39
N ASP E 73 -13.65 -45.10 16.80
CA ASP E 73 -13.22 -45.13 18.20
C ASP E 73 -11.87 -44.43 18.23
N ASN E 74 -11.90 -43.11 18.43
CA ASN E 74 -10.66 -42.33 18.44
C ASN E 74 -9.74 -42.69 19.59
N GLY E 75 -10.23 -43.41 20.60
CA GLY E 75 -9.35 -43.90 21.65
C GLY E 75 -8.61 -45.15 21.28
N LYS E 76 -9.18 -45.99 20.42
CA LYS E 76 -8.58 -47.24 20.02
C LYS E 76 -8.05 -47.21 18.58
N ASN E 77 -8.11 -46.05 17.92
CA ASN E 77 -7.63 -45.90 16.53
C ASN E 77 -8.31 -46.90 15.60
N LEU E 78 -9.64 -46.96 15.68
CA LEU E 78 -10.42 -47.95 14.92
C LEU E 78 -11.56 -47.25 14.20
N LEU E 79 -11.68 -47.51 12.91
CA LEU E 79 -12.80 -47.05 12.10
C LEU E 79 -13.67 -48.25 11.75
N TYR E 80 -14.98 -48.12 11.98
CA TYR E 80 -15.91 -49.22 11.81
C TYR E 80 -16.89 -48.95 10.67
N LEU E 81 -17.38 -50.03 10.08
CA LEU E 81 -18.47 -49.98 9.12
C LEU E 81 -19.36 -51.19 9.37
N GLN E 82 -20.54 -50.96 9.93
CA GLN E 82 -21.48 -52.03 10.21
C GLN E 82 -22.43 -52.16 9.02
N MET E 83 -22.33 -53.27 8.32
CA MET E 83 -23.14 -53.52 7.12
C MET E 83 -24.30 -54.45 7.48
N ASN E 84 -25.53 -53.97 7.31
CA ASN E 84 -26.72 -54.77 7.50
C ASN E 84 -27.48 -54.87 6.19
N SER E 85 -28.39 -55.85 6.11
CA SER E 85 -29.25 -56.04 4.96
C SER E 85 -28.44 -56.13 3.67
N LEU E 86 -27.38 -56.92 3.71
CA LEU E 86 -26.47 -57.02 2.56
C LEU E 86 -27.18 -57.60 1.35
N ARG E 87 -26.84 -57.09 0.18
CA ARG E 87 -27.45 -57.48 -1.08
C ARG E 87 -26.37 -58.00 -2.03
N GLY E 88 -26.77 -58.31 -3.26
CA GLY E 88 -25.80 -58.65 -4.28
C GLY E 88 -25.00 -57.45 -4.73
N GLU E 89 -25.62 -56.27 -4.76
CA GLU E 89 -24.94 -55.06 -5.22
C GLU E 89 -23.82 -54.63 -4.29
N ASP E 90 -23.79 -55.15 -3.05
CA ASP E 90 -22.80 -54.74 -2.07
C ASP E 90 -21.51 -55.55 -2.14
N THR E 91 -21.44 -56.56 -3.00
CA THR E 91 -20.21 -57.32 -3.16
C THR E 91 -19.16 -56.45 -3.84
N ALA E 92 -18.03 -56.25 -3.16
CA ALA E 92 -16.99 -55.35 -3.66
C ALA E 92 -15.75 -55.48 -2.80
N LEU E 93 -14.67 -54.87 -3.28
CA LEU E 93 -13.49 -54.62 -2.46
C LEU E 93 -13.71 -53.37 -1.63
N TYR E 94 -13.57 -53.48 -0.32
CA TYR E 94 -13.87 -52.39 0.60
C TYR E 94 -12.58 -51.80 1.17
N TYR E 95 -12.43 -50.49 1.04
CA TYR E 95 -11.27 -49.77 1.53
C TYR E 95 -11.68 -48.79 2.62
N CYS E 96 -10.78 -48.59 3.58
CA CYS E 96 -10.84 -47.45 4.47
C CYS E 96 -9.72 -46.50 4.10
N ALA E 97 -10.05 -45.22 4.16
CA ALA E 97 -9.08 -44.19 3.74
C ALA E 97 -9.25 -42.93 4.56
N THR E 98 -8.17 -42.16 4.66
CA THR E 98 -8.18 -40.88 5.37
C THR E 98 -8.48 -39.79 4.35
N GLU E 99 -9.07 -38.67 4.78
CA GLU E 99 -9.37 -37.60 3.80
C GLU E 99 -8.87 -36.28 4.37
N THR E 100 -7.76 -35.76 3.84
CA THR E 100 -7.27 -34.47 4.33
C THR E 100 -7.00 -33.59 3.14
N GLY E 101 -7.47 -32.35 3.13
CA GLY E 101 -7.20 -31.43 2.02
C GLY E 101 -8.19 -31.59 0.90
N TRP E 102 -9.33 -32.23 1.17
CA TRP E 102 -10.42 -32.49 0.21
C TRP E 102 -9.98 -33.45 -0.88
N ARG E 103 -9.10 -34.37 -0.51
CA ARG E 103 -8.60 -35.42 -1.40
C ARG E 103 -8.39 -36.65 -0.53
N ILE E 104 -8.70 -37.83 -1.05
CA ILE E 104 -8.48 -39.09 -0.29
C ILE E 104 -6.97 -39.31 -0.32
N ASP E 105 -6.35 -39.40 0.85
CA ASP E 105 -4.88 -39.45 0.96
C ASP E 105 -4.32 -40.87 1.05
N THR E 106 -4.47 -41.51 2.19
CA THR E 106 -3.86 -42.82 2.42
C THR E 106 -4.94 -43.89 2.44
N TRP E 107 -4.62 -45.06 1.89
CA TRP E 107 -5.55 -46.15 1.73
C TRP E 107 -5.09 -47.36 2.53
N GLY E 108 -5.98 -48.35 2.61
CA GLY E 108 -5.66 -49.65 3.16
C GLY E 108 -5.61 -50.70 2.07
N GLN E 109 -5.11 -51.89 2.45
CA GLN E 109 -5.01 -52.98 1.48
C GLN E 109 -6.37 -53.44 0.99
N GLY E 110 -7.43 -53.15 1.72
CA GLY E 110 -8.76 -53.57 1.31
C GLY E 110 -9.10 -54.96 1.79
N THR E 111 -10.38 -55.18 2.04
CA THR E 111 -10.89 -56.49 2.42
C THR E 111 -12.03 -56.86 1.48
N LEU E 112 -12.13 -58.15 1.17
CA LEU E 112 -13.04 -58.64 0.15
C LEU E 112 -14.34 -59.10 0.79
N VAL E 113 -15.46 -58.57 0.29
CA VAL E 113 -16.79 -58.92 0.78
C VAL E 113 -17.56 -59.51 -0.39
N THR E 114 -17.94 -60.78 -0.25
CA THR E 114 -18.68 -61.49 -1.29
C THR E 114 -20.04 -61.90 -0.74
N VAL E 115 -21.08 -61.74 -1.55
CA VAL E 115 -22.45 -62.06 -1.16
C VAL E 115 -23.05 -62.92 -2.26
N SER E 116 -23.28 -64.20 -1.98
CA SER E 116 -23.89 -65.13 -2.91
C SER E 116 -25.02 -65.86 -2.21
N SER E 117 -26.21 -65.85 -2.83
CA SER E 117 -27.37 -66.53 -2.27
C SER E 117 -27.37 -68.00 -2.65
N GLN F 1 -20.73 -47.51 -16.11
CA GLN F 1 -19.74 -48.11 -15.22
C GLN F 1 -19.19 -47.08 -14.23
N ALA F 2 -18.79 -45.92 -14.74
CA ALA F 2 -18.17 -44.89 -13.93
C ALA F 2 -18.76 -43.54 -14.28
N VAL F 3 -18.29 -42.51 -13.58
CA VAL F 3 -18.67 -41.13 -13.86
C VAL F 3 -17.54 -40.36 -14.52
N LEU F 4 -16.30 -40.57 -14.07
CA LEU F 4 -15.12 -40.16 -14.81
C LEU F 4 -14.67 -41.30 -15.72
N THR F 5 -14.18 -40.93 -16.90
CA THR F 5 -13.86 -41.89 -17.95
C THR F 5 -12.36 -41.90 -18.20
N GLN F 6 -11.74 -43.07 -18.02
CA GLN F 6 -10.36 -43.30 -18.40
C GLN F 6 -10.27 -44.56 -19.24
N PRO F 7 -9.28 -44.65 -20.14
CA PRO F 7 -9.15 -45.86 -20.96
C PRO F 7 -8.90 -47.09 -20.11
N ALA F 8 -9.46 -48.21 -20.55
CA ALA F 8 -9.37 -49.44 -19.76
C ALA F 8 -7.93 -49.96 -19.69
N SER F 9 -7.23 -49.98 -20.82
CA SER F 9 -5.89 -50.55 -20.89
C SER F 9 -4.97 -49.62 -21.66
N VAL F 10 -3.78 -49.35 -21.09
CA VAL F 10 -2.71 -48.65 -21.77
C VAL F 10 -1.42 -49.42 -21.50
N SER F 11 -0.56 -49.51 -22.52
CA SER F 11 0.69 -50.24 -22.41
C SER F 11 1.82 -49.43 -23.03
N GLY F 12 3.04 -49.71 -22.59
CA GLY F 12 4.20 -49.02 -23.12
C GLY F 12 5.46 -49.80 -22.85
N SER F 13 6.47 -49.60 -23.70
CA SER F 13 7.77 -50.20 -23.54
C SER F 13 8.61 -49.41 -22.54
N PRO F 14 9.59 -50.05 -21.89
CA PRO F 14 10.42 -49.32 -20.92
C PRO F 14 11.13 -48.14 -21.57
N GLY F 15 11.15 -47.02 -20.85
CA GLY F 15 11.72 -45.79 -21.33
C GLY F 15 10.76 -44.90 -22.09
N GLN F 16 9.63 -45.43 -22.56
CA GLN F 16 8.66 -44.64 -23.30
C GLN F 16 7.95 -43.66 -22.37
N SER F 17 7.33 -42.66 -22.98
CA SER F 17 6.49 -41.69 -22.27
C SER F 17 5.03 -42.04 -22.56
N ILE F 18 4.26 -42.29 -21.51
CA ILE F 18 2.91 -42.81 -21.61
C ILE F 18 1.96 -41.87 -20.87
N THR F 19 0.82 -41.56 -21.50
CA THR F 19 -0.14 -40.62 -20.96
C THR F 19 -1.47 -41.31 -20.73
N ILE F 20 -2.00 -41.18 -19.52
CA ILE F 20 -3.31 -41.70 -19.15
C ILE F 20 -4.26 -40.52 -18.99
N SER F 21 -5.39 -40.57 -19.67
CA SER F 21 -6.38 -39.50 -19.62
C SER F 21 -7.50 -39.85 -18.65
N CYS F 22 -8.16 -38.80 -18.15
CA CYS F 22 -9.32 -38.93 -17.26
C CYS F 22 -10.31 -37.85 -17.67
N THR F 23 -11.24 -38.22 -18.55
CA THR F 23 -12.20 -37.27 -19.10
C THR F 23 -13.40 -37.18 -18.16
N GLY F 24 -13.67 -35.98 -17.66
CA GLY F 24 -14.84 -35.70 -16.87
C GLY F 24 -15.87 -34.89 -17.63
N THR F 25 -16.93 -34.50 -16.95
CA THR F 25 -17.94 -33.68 -17.65
C THR F 25 -17.87 -32.27 -17.11
N GLY F 26 -18.88 -31.46 -17.37
CA GLY F 26 -18.91 -30.12 -16.79
C GLY F 26 -19.43 -30.23 -15.37
N SER F 27 -19.14 -29.25 -14.53
CA SER F 27 -19.43 -29.39 -13.09
C SER F 27 -18.89 -30.70 -12.51
N ASN F 28 -17.88 -31.31 -13.15
CA ASN F 28 -17.20 -32.43 -12.48
C ASN F 28 -15.74 -32.12 -12.20
N ILE F 29 -15.06 -31.41 -13.10
CA ILE F 29 -13.63 -31.12 -12.94
C ILE F 29 -13.31 -29.64 -13.07
N GLU F 30 -14.12 -28.84 -13.75
CA GLU F 30 -13.76 -27.46 -14.09
C GLU F 30 -13.91 -26.48 -12.92
N THR F 31 -14.60 -26.85 -11.84
CA THR F 31 -14.92 -25.90 -10.79
C THR F 31 -13.81 -25.80 -9.74
N TYR F 32 -13.49 -26.91 -9.08
CA TYR F 32 -12.64 -26.87 -7.90
C TYR F 32 -11.16 -27.07 -8.18
N ASN F 33 -10.81 -27.66 -9.34
CA ASN F 33 -9.42 -27.85 -9.74
C ASN F 33 -8.62 -28.61 -8.68
N LEU F 34 -9.24 -29.60 -8.07
CA LEU F 34 -8.55 -30.52 -7.17
C LEU F 34 -8.83 -31.93 -7.69
N VAL F 35 -7.86 -32.49 -8.41
CA VAL F 35 -7.98 -33.81 -9.04
C VAL F 35 -6.83 -34.67 -8.55
N SER F 36 -7.15 -35.87 -8.10
CA SER F 36 -6.17 -36.77 -7.51
C SER F 36 -5.95 -37.99 -8.40
N TRP F 37 -4.73 -38.49 -8.38
CA TRP F 37 -4.33 -39.69 -9.13
C TRP F 37 -3.75 -40.71 -8.17
N TYR F 38 -4.19 -41.95 -8.31
CA TYR F 38 -3.80 -43.03 -7.39
C TYR F 38 -3.24 -44.20 -8.18
N GLN F 39 -2.27 -44.88 -7.57
CA GLN F 39 -1.63 -46.05 -8.15
C GLN F 39 -1.78 -47.22 -7.19
N ARG F 40 -2.23 -48.36 -7.71
CA ARG F 40 -2.50 -49.54 -6.88
C ARG F 40 -1.83 -50.75 -7.51
N HIS F 41 -0.82 -51.29 -6.84
CA HIS F 41 -0.35 -52.62 -7.22
C HIS F 41 -1.30 -53.68 -6.63
N PRO F 42 -1.52 -54.78 -7.35
CA PRO F 42 -2.53 -55.76 -6.91
C PRO F 42 -2.24 -56.31 -5.52
N GLY F 43 -3.25 -56.30 -4.67
CA GLY F 43 -3.11 -56.76 -3.31
C GLY F 43 -2.50 -55.76 -2.34
N LYS F 44 -2.12 -54.58 -2.83
CA LYS F 44 -1.54 -53.53 -2.01
C LYS F 44 -2.53 -52.37 -1.86
N ALA F 45 -2.12 -51.37 -1.10
CA ALA F 45 -3.01 -50.23 -0.92
C ALA F 45 -2.76 -49.19 -2.02
N PRO F 46 -3.82 -48.56 -2.51
CA PRO F 46 -3.63 -47.48 -3.49
C PRO F 46 -2.76 -46.36 -2.91
N LYS F 47 -1.84 -45.87 -3.74
CA LYS F 47 -0.86 -44.88 -3.33
C LYS F 47 -1.13 -43.58 -4.09
N LEU F 48 -1.30 -42.49 -3.34
CA LEU F 48 -1.54 -41.20 -3.96
C LEU F 48 -0.26 -40.70 -4.62
N ILE F 49 -0.32 -40.48 -5.93
CA ILE F 49 0.83 -40.00 -6.68
C ILE F 49 0.66 -38.56 -7.16
N LEU F 50 -0.56 -38.09 -7.34
CA LEU F 50 -0.82 -36.70 -7.72
C LEU F 50 -2.08 -36.22 -7.05
N TYR F 51 -2.06 -34.97 -6.58
CA TYR F 51 -3.22 -34.27 -6.06
C TYR F 51 -3.09 -32.81 -6.47
N GLU F 52 -4.23 -32.11 -6.53
CA GLU F 52 -4.32 -30.69 -6.94
C GLU F 52 -3.79 -30.56 -8.38
N VAL F 53 -4.16 -31.51 -9.23
CA VAL F 53 -3.84 -31.58 -10.69
C VAL F 53 -2.34 -31.79 -10.96
N SER F 54 -1.49 -30.83 -10.56
CA SER F 54 -0.07 -30.94 -10.89
C SER F 54 0.84 -31.16 -9.69
N GLU F 55 0.32 -31.28 -8.47
CA GLU F 55 1.17 -31.35 -7.29
C GLU F 55 1.48 -32.80 -6.90
N ARG F 56 2.70 -33.02 -6.46
CA ARG F 56 3.26 -34.35 -6.24
C ARG F 56 3.62 -34.55 -4.77
N PRO F 57 3.09 -35.58 -4.11
CA PRO F 57 3.47 -35.83 -2.71
C PRO F 57 4.93 -36.22 -2.58
N SER F 58 5.39 -36.29 -1.34
CA SER F 58 6.77 -36.66 -1.06
C SER F 58 7.04 -38.09 -1.49
N GLY F 59 8.15 -38.31 -2.18
CA GLY F 59 8.56 -39.64 -2.60
C GLY F 59 8.06 -40.07 -3.96
N VAL F 60 7.16 -39.30 -4.58
CA VAL F 60 6.66 -39.63 -5.91
C VAL F 60 7.63 -39.08 -6.95
N SER F 61 8.07 -39.95 -7.84
CA SER F 61 9.13 -39.60 -8.78
C SER F 61 8.69 -38.51 -9.74
N ASN F 62 9.67 -37.74 -10.23
CA ASN F 62 9.41 -36.69 -11.22
C ASN F 62 8.92 -37.25 -12.54
N ARG F 63 9.00 -38.58 -12.72
CA ARG F 63 8.45 -39.21 -13.91
C ARG F 63 6.94 -39.00 -14.01
N PHE F 64 6.24 -38.97 -12.88
CA PHE F 64 4.80 -38.75 -12.87
C PHE F 64 4.51 -37.26 -12.96
N SER F 65 3.66 -36.88 -13.90
CA SER F 65 3.29 -35.49 -14.12
C SER F 65 1.77 -35.38 -14.18
N GLY F 66 1.27 -34.20 -13.86
CA GLY F 66 -0.15 -33.93 -13.86
C GLY F 66 -0.50 -32.68 -14.64
N SER F 67 -1.62 -32.75 -15.35
CA SER F 67 -2.09 -31.63 -16.15
C SER F 67 -3.59 -31.78 -16.36
N LYS F 68 -4.20 -30.72 -16.89
CA LYS F 68 -5.64 -30.71 -17.13
C LYS F 68 -5.96 -29.62 -18.13
N SER F 69 -6.94 -29.89 -19.01
CA SER F 69 -7.46 -28.90 -19.95
C SER F 69 -8.95 -29.17 -20.13
N GLY F 70 -9.78 -28.30 -19.54
CA GLY F 70 -11.22 -28.44 -19.67
C GLY F 70 -11.78 -29.65 -18.95
N ASN F 71 -12.20 -30.66 -19.72
CA ASN F 71 -12.79 -31.85 -19.14
C ASN F 71 -11.78 -32.95 -18.84
N THR F 72 -10.63 -32.96 -19.51
CA THR F 72 -9.73 -34.10 -19.49
C THR F 72 -8.53 -33.79 -18.60
N ALA F 73 -8.46 -34.46 -17.45
CA ALA F 73 -7.25 -34.51 -16.65
C ALA F 73 -6.37 -35.65 -17.13
N SER F 74 -5.06 -35.43 -17.14
CA SER F 74 -4.14 -36.37 -17.75
C SER F 74 -2.98 -36.69 -16.82
N LEU F 75 -2.67 -37.98 -16.70
CA LEU F 75 -1.48 -38.45 -15.99
C LEU F 75 -0.45 -38.92 -17.02
N THR F 76 0.78 -38.45 -16.86
CA THR F 76 1.84 -38.74 -17.82
C THR F 76 3.03 -39.34 -17.07
N ILE F 77 3.50 -40.49 -17.55
CA ILE F 77 4.66 -41.17 -16.97
C ILE F 77 5.74 -41.20 -18.03
N SER F 78 6.91 -40.65 -17.71
CA SER F 78 8.08 -40.69 -18.56
C SER F 78 9.14 -41.59 -17.95
N GLY F 79 10.07 -42.05 -18.79
CA GLY F 79 11.08 -42.98 -18.33
C GLY F 79 10.46 -44.23 -17.73
N LEU F 80 9.48 -44.79 -18.44
CA LEU F 80 8.64 -45.86 -17.93
C LEU F 80 9.46 -47.03 -17.41
N GLN F 81 9.38 -47.28 -16.10
CA GLN F 81 10.07 -48.37 -15.46
C GLN F 81 9.13 -49.56 -15.30
N ALA F 82 9.70 -50.69 -14.86
CA ALA F 82 8.90 -51.90 -14.68
C ALA F 82 7.94 -51.76 -13.49
N GLU F 83 8.34 -51.01 -12.46
CA GLU F 83 7.52 -50.90 -11.26
C GLU F 83 6.20 -50.19 -11.54
N ASP F 84 6.14 -49.35 -12.56
CA ASP F 84 4.96 -48.53 -12.81
C ASP F 84 3.75 -49.34 -13.23
N GLU F 85 3.91 -50.62 -13.57
CA GLU F 85 2.79 -51.46 -13.97
C GLU F 85 1.81 -51.65 -12.81
N ALA F 86 0.64 -51.00 -12.91
CA ALA F 86 -0.37 -51.05 -11.86
C ALA F 86 -1.66 -50.48 -12.42
N ASP F 87 -2.68 -50.40 -11.57
CA ASP F 87 -3.93 -49.73 -11.91
C ASP F 87 -3.86 -48.28 -11.44
N TYR F 88 -4.32 -47.37 -12.28
CA TYR F 88 -4.30 -45.94 -11.99
C TYR F 88 -5.72 -45.41 -11.98
N PHE F 89 -6.06 -44.66 -10.94
CA PHE F 89 -7.41 -44.16 -10.74
C PHE F 89 -7.41 -42.64 -10.74
N CYS F 90 -8.63 -42.09 -10.77
CA CYS F 90 -8.83 -40.65 -10.96
C CYS F 90 -9.99 -40.20 -10.10
N CYS F 91 -9.74 -39.22 -9.22
CA CYS F 91 -10.75 -38.72 -8.29
C CYS F 91 -10.90 -37.22 -8.47
N SER F 92 -12.13 -36.74 -8.42
CA SER F 92 -12.43 -35.31 -8.58
C SER F 92 -13.55 -34.91 -7.65
N TYR F 93 -13.34 -33.85 -6.88
CA TYR F 93 -14.38 -33.27 -6.04
C TYR F 93 -15.40 -32.58 -6.93
N ALA F 94 -16.54 -33.24 -7.15
CA ALA F 94 -17.50 -32.73 -8.13
C ALA F 94 -18.27 -31.53 -7.59
N ASP F 95 -19.03 -31.72 -6.51
CA ASP F 95 -19.82 -30.65 -5.93
C ASP F 95 -20.07 -30.96 -4.45
N THR F 96 -20.74 -30.03 -3.77
CA THR F 96 -20.95 -30.07 -2.33
C THR F 96 -21.95 -31.17 -1.91
N ASN F 97 -22.54 -31.88 -2.87
CA ASN F 97 -23.55 -32.91 -2.56
C ASN F 97 -23.03 -34.33 -2.72
N ILE F 98 -22.28 -34.57 -3.81
CA ILE F 98 -21.73 -35.93 -4.13
C ILE F 98 -20.27 -36.04 -3.63
N PHE F 99 -19.59 -34.89 -3.53
CA PHE F 99 -18.19 -34.75 -3.03
C PHE F 99 -17.13 -35.37 -3.96
N TRP F 100 -17.10 -36.69 -4.08
CA TRP F 100 -16.01 -37.26 -4.91
C TRP F 100 -16.57 -38.31 -5.86
N VAL F 101 -16.12 -38.23 -7.11
CA VAL F 101 -16.47 -39.17 -8.16
C VAL F 101 -15.17 -39.74 -8.72
N PHE F 102 -15.18 -41.04 -9.01
CA PHE F 102 -13.97 -41.77 -9.35
C PHE F 102 -13.97 -42.18 -10.81
N GLY F 103 -12.78 -42.47 -11.32
CA GLY F 103 -12.64 -43.03 -12.64
C GLY F 103 -12.70 -44.55 -12.63
N GLY F 104 -12.98 -45.12 -13.80
CA GLY F 104 -13.15 -46.56 -13.91
C GLY F 104 -11.88 -47.36 -13.68
N GLY F 105 -10.73 -46.72 -13.74
CA GLY F 105 -9.47 -47.42 -13.59
C GLY F 105 -8.82 -47.70 -14.93
N THR F 106 -7.49 -47.82 -14.91
CA THR F 106 -6.72 -48.02 -16.13
C THR F 106 -5.59 -49.00 -15.85
N HIS F 107 -5.56 -50.12 -16.59
CA HIS F 107 -4.48 -51.09 -16.47
C HIS F 107 -3.28 -50.61 -17.28
N LEU F 108 -2.15 -50.39 -16.59
CA LEU F 108 -0.91 -50.01 -17.25
C LEU F 108 -0.02 -51.25 -17.36
N THR F 109 0.52 -51.47 -18.56
CA THR F 109 1.36 -52.62 -18.83
C THR F 109 2.73 -52.15 -19.29
N VAL F 110 3.78 -52.73 -18.70
CA VAL F 110 5.16 -52.45 -19.09
C VAL F 110 5.66 -53.68 -19.83
N LEU F 111 5.83 -53.56 -21.14
CA LEU F 111 6.17 -54.71 -21.97
C LEU F 111 7.62 -55.12 -21.73
N GLY F 112 7.80 -56.24 -21.05
CA GLY F 112 9.12 -56.75 -20.75
C GLY F 112 9.50 -57.95 -21.58
N HIS G 2 15.79 42.01 -12.35
CA HIS G 2 16.33 42.26 -13.67
C HIS G 2 16.25 41.03 -14.57
N CYS G 3 16.82 41.14 -15.76
CA CYS G 3 16.81 40.06 -16.74
C CYS G 3 18.22 39.84 -17.26
N ILE G 4 18.61 38.58 -17.39
CA ILE G 4 19.95 38.19 -17.85
C ILE G 4 19.88 37.91 -19.35
N GLY G 5 20.70 38.61 -20.12
CA GLY G 5 20.69 38.41 -21.56
C GLY G 5 21.19 37.05 -21.96
N ILE G 6 20.59 36.52 -23.04
CA ILE G 6 21.04 35.23 -23.56
C ILE G 6 22.46 35.36 -24.09
N THR G 7 23.15 34.23 -24.17
CA THR G 7 24.49 34.19 -24.71
C THR G 7 24.45 34.00 -26.22
N ASP G 8 25.62 34.05 -26.84
CA ASP G 8 25.71 33.82 -28.28
C ASP G 8 25.31 32.40 -28.62
N ARG G 9 25.73 31.43 -27.80
CA ARG G 9 25.48 30.02 -28.07
C ARG G 9 24.10 29.54 -27.65
N ASP G 10 23.33 30.36 -26.92
CA ASP G 10 21.98 29.98 -26.54
C ASP G 10 20.98 30.09 -27.70
N PHE G 11 21.34 30.79 -28.77
CA PHE G 11 20.49 30.91 -29.95
C PHE G 11 21.28 30.51 -31.18
N ILE G 12 20.55 30.20 -32.24
CA ILE G 12 21.16 29.82 -33.52
C ILE G 12 20.28 30.29 -34.66
N GLU G 13 20.84 31.06 -35.58
CA GLU G 13 20.11 31.59 -36.72
C GLU G 13 20.39 30.72 -37.95
N GLY G 14 19.32 30.16 -38.52
CA GLY G 14 19.48 29.31 -39.68
C GLY G 14 19.55 30.10 -40.98
N VAL G 15 20.14 29.46 -41.99
CA VAL G 15 20.18 30.05 -43.33
C VAL G 15 18.76 30.24 -43.85
N HIS G 16 17.92 29.22 -43.68
CA HIS G 16 16.50 29.30 -43.97
C HIS G 16 15.72 28.87 -42.73
N GLY G 17 14.40 28.90 -42.83
CA GLY G 17 13.56 28.50 -41.72
C GLY G 17 13.44 29.57 -40.65
N GLY G 18 14.07 29.33 -39.50
CA GLY G 18 14.00 30.28 -38.42
C GLY G 18 15.18 30.13 -37.47
N THR G 19 15.14 30.91 -36.41
CA THR G 19 16.17 30.90 -35.37
C THR G 19 15.57 30.38 -34.08
N TRP G 20 16.29 29.48 -33.42
CA TRP G 20 15.83 28.82 -32.21
C TRP G 20 16.64 29.30 -31.01
N VAL G 21 15.95 29.54 -29.91
CA VAL G 21 16.56 29.99 -28.66
C VAL G 21 16.34 28.90 -27.62
N SER G 22 17.42 28.36 -27.07
CA SER G 22 17.35 27.35 -26.03
C SER G 22 17.57 28.03 -24.68
N ALA G 23 16.50 28.12 -23.90
CA ALA G 23 16.53 28.78 -22.60
C ALA G 23 16.04 27.82 -21.53
N THR G 24 16.77 27.75 -20.42
CA THR G 24 16.35 27.00 -19.24
C THR G 24 15.87 28.01 -18.21
N LEU G 25 14.57 28.00 -17.92
CA LEU G 25 13.94 29.04 -17.12
C LEU G 25 13.71 28.54 -15.70
N GLU G 26 14.11 29.36 -14.72
CA GLU G 26 13.81 29.15 -13.32
C GLU G 26 12.81 30.21 -12.86
N GLN G 27 12.37 30.08 -11.60
CA GLN G 27 11.41 31.02 -11.04
C GLN G 27 12.13 32.20 -10.42
N ASP G 28 11.49 33.37 -10.50
CA ASP G 28 12.02 34.65 -10.05
C ASP G 28 13.33 35.03 -10.73
N LYS G 29 13.67 34.35 -11.83
CA LYS G 29 14.79 34.71 -12.67
C LYS G 29 14.29 34.91 -14.09
N CYS G 30 14.99 35.76 -14.85
CA CYS G 30 14.51 36.21 -16.14
C CYS G 30 15.57 36.02 -17.21
N VAL G 31 15.11 36.02 -18.46
CA VAL G 31 15.97 35.87 -19.63
C VAL G 31 15.46 36.81 -20.70
N THR G 32 16.35 37.65 -21.23
CA THR G 32 15.99 38.63 -22.25
C THR G 32 16.70 38.30 -23.56
N VAL G 33 15.92 38.24 -24.65
CA VAL G 33 16.44 37.94 -25.98
C VAL G 33 16.70 39.26 -26.69
N MET G 34 17.95 39.51 -27.03
CA MET G 34 18.39 40.78 -27.58
C MET G 34 18.51 40.69 -29.09
N ALA G 35 17.90 41.64 -29.79
CA ALA G 35 18.00 41.76 -31.23
C ALA G 35 18.42 43.18 -31.60
N PRO G 36 19.33 43.33 -32.56
CA PRO G 36 19.71 44.68 -32.99
C PRO G 36 18.56 45.38 -33.69
N ASP G 37 18.53 46.71 -33.51
CA ASP G 37 17.47 47.55 -34.07
C ASP G 37 16.08 47.08 -33.65
N LYS G 38 15.98 46.48 -32.47
CA LYS G 38 14.74 45.92 -31.96
C LYS G 38 14.81 45.90 -30.44
N PRO G 39 13.68 46.07 -29.75
CA PRO G 39 13.71 46.03 -28.29
C PRO G 39 13.96 44.63 -27.76
N SER G 40 14.55 44.58 -26.57
CA SER G 40 14.81 43.30 -25.92
C SER G 40 13.50 42.60 -25.56
N LEU G 41 13.56 41.27 -25.46
CA LEU G 41 12.39 40.44 -25.19
C LEU G 41 12.65 39.60 -23.95
N ASP G 42 12.04 39.98 -22.84
CA ASP G 42 12.24 39.29 -21.58
C ASP G 42 11.33 38.06 -21.50
N ILE G 43 11.92 36.92 -21.13
CA ILE G 43 11.18 35.68 -20.93
C ILE G 43 11.39 35.25 -19.49
N SER G 44 10.30 34.97 -18.77
CA SER G 44 10.38 34.59 -17.37
C SER G 44 9.35 33.52 -17.07
N LEU G 45 9.68 32.65 -16.12
CA LEU G 45 8.78 31.61 -15.64
C LEU G 45 7.96 32.20 -14.50
N GLN G 46 6.66 32.41 -14.75
CA GLN G 46 5.80 33.03 -13.74
C GLN G 46 5.56 32.08 -12.57
N THR G 47 4.94 30.93 -12.84
CA THR G 47 4.57 30.02 -11.76
C THR G 47 4.59 28.58 -12.25
N VAL G 48 4.78 27.67 -11.31
CA VAL G 48 4.61 26.24 -11.52
C VAL G 48 3.61 25.77 -10.46
N ALA G 49 2.45 25.31 -10.91
CA ALA G 49 1.32 25.09 -10.01
C ALA G 49 0.71 23.71 -10.21
N ILE G 50 0.04 23.25 -9.16
CA ILE G 50 -0.74 22.01 -9.19
C ILE G 50 -2.19 22.39 -8.92
N ASP G 51 -3.05 22.14 -9.89
CA ASP G 51 -4.42 22.63 -9.87
C ASP G 51 -5.38 21.47 -9.58
N GLY G 52 -5.97 21.47 -8.38
CA GLY G 52 -6.99 20.51 -8.01
C GLY G 52 -6.55 19.07 -8.07
N PRO G 53 -5.62 18.67 -7.19
CA PRO G 53 -5.23 17.26 -7.13
C PRO G 53 -6.32 16.41 -6.51
N ALA G 54 -6.32 15.13 -6.88
CA ALA G 54 -7.32 14.19 -6.39
C ALA G 54 -7.01 13.75 -4.97
N GLU G 55 -8.05 13.64 -4.15
CA GLU G 55 -7.91 13.22 -2.76
C GLU G 55 -7.89 11.69 -2.70
N ALA G 56 -6.77 11.13 -2.25
CA ALA G 56 -6.57 9.68 -2.25
C ALA G 56 -6.88 9.02 -0.93
N ARG G 57 -6.79 9.74 0.20
CA ARG G 57 -6.97 9.13 1.50
C ARG G 57 -7.10 10.23 2.55
N LYS G 58 -7.94 9.98 3.55
CA LYS G 58 -8.05 10.82 4.73
C LYS G 58 -7.52 10.06 5.93
N VAL G 59 -6.85 10.77 6.83
CA VAL G 59 -6.26 10.18 8.04
C VAL G 59 -6.82 10.92 9.24
N CYS G 60 -7.47 10.17 10.13
CA CYS G 60 -8.15 10.75 11.28
C CYS G 60 -7.18 10.93 12.45
N TYR G 61 -7.10 12.16 12.96
CA TYR G 61 -6.30 12.44 14.16
C TYR G 61 -7.15 12.90 15.34
N SER G 62 -8.47 12.77 15.25
CA SER G 62 -9.35 13.06 16.38
C SER G 62 -10.68 12.37 16.13
N ALA G 63 -11.09 11.49 17.04
CA ALA G 63 -12.30 10.71 16.91
C ALA G 63 -13.29 11.06 18.01
N VAL G 64 -14.58 10.90 17.70
CA VAL G 64 -15.66 11.08 18.65
C VAL G 64 -16.53 9.83 18.64
N LEU G 65 -17.00 9.43 19.82
CA LEU G 65 -17.81 8.24 19.97
C LEU G 65 -19.17 8.59 20.55
N THR G 66 -20.12 7.69 20.34
CA THR G 66 -21.43 7.76 20.97
C THR G 66 -21.40 6.90 22.23
N HIS G 67 -22.56 6.74 22.88
CA HIS G 67 -22.63 5.81 23.99
C HIS G 67 -22.59 4.39 23.48
N VAL G 68 -22.31 3.46 24.38
CA VAL G 68 -22.02 2.08 24.03
C VAL G 68 -23.32 1.27 24.04
N LYS G 69 -23.60 0.61 22.93
CA LYS G 69 -24.76 -0.28 22.80
C LYS G 69 -24.27 -1.68 23.14
N ILE G 70 -25.00 -2.40 23.97
CA ILE G 70 -24.57 -3.71 24.47
C ILE G 70 -25.72 -4.69 24.37
N ASN G 71 -25.44 -5.87 23.84
CA ASN G 71 -26.32 -7.03 23.95
C ASN G 71 -25.55 -8.15 24.62
N ASP G 72 -26.10 -8.68 25.70
CA ASP G 72 -25.47 -9.74 26.46
C ASP G 72 -26.46 -10.90 26.64
N LYS G 73 -25.90 -12.10 26.78
CA LYS G 73 -26.70 -13.30 26.98
C LYS G 73 -26.13 -14.13 28.12
N CYS G 74 -27.00 -14.88 28.76
CA CYS G 74 -26.62 -15.80 29.81
C CYS G 74 -25.93 -17.03 29.23
N PRO G 75 -25.23 -17.81 30.06
CA PRO G 75 -24.62 -19.04 29.56
C PRO G 75 -25.67 -19.98 28.98
N SER G 76 -25.25 -20.68 27.92
CA SER G 76 -26.08 -21.69 27.23
C SER G 76 -27.36 -21.09 26.64
N THR G 77 -27.30 -19.83 26.22
CA THR G 77 -28.43 -19.19 25.56
C THR G 77 -28.07 -18.66 24.16
N GLY G 78 -26.88 -18.97 23.67
CA GLY G 78 -26.48 -18.57 22.32
C GLY G 78 -25.64 -17.30 22.32
N GLU G 79 -25.25 -16.91 21.12
CA GLU G 79 -24.45 -15.71 20.93
C GLU G 79 -25.31 -14.46 21.00
N ALA G 80 -24.73 -13.38 21.52
CA ALA G 80 -25.39 -12.09 21.59
C ALA G 80 -25.03 -11.27 20.35
N HIS G 81 -26.04 -10.67 19.72
CA HIS G 81 -25.83 -9.96 18.48
C HIS G 81 -26.55 -8.62 18.50
N LEU G 82 -25.88 -7.60 17.97
CA LEU G 82 -26.48 -6.32 17.65
C LEU G 82 -26.41 -6.13 16.13
N ALA G 83 -27.47 -5.53 15.57
CA ALA G 83 -27.45 -5.21 14.14
C ALA G 83 -26.39 -4.17 13.81
N GLU G 84 -25.84 -3.51 14.83
CA GLU G 84 -24.76 -2.55 14.64
C GLU G 84 -23.46 -3.22 14.18
N GLU G 85 -23.34 -4.54 14.35
CA GLU G 85 -22.12 -5.24 13.97
C GLU G 85 -21.85 -5.17 12.47
N ASN G 86 -22.88 -5.00 11.65
CA ASN G 86 -22.73 -4.96 10.21
C ASN G 86 -22.73 -3.56 9.64
N ASP G 87 -22.92 -2.53 10.46
CA ASP G 87 -22.69 -1.17 10.00
C ASP G 87 -21.19 -0.91 9.88
N GLY G 88 -20.83 -0.09 8.91
CA GLY G 88 -19.44 0.21 8.66
C GLY G 88 -18.73 1.06 9.69
N ASP G 89 -19.36 2.17 10.11
CA ASP G 89 -18.71 3.14 11.00
C ASP G 89 -18.91 2.83 12.47
N ASN G 90 -19.33 1.61 12.81
CA ASN G 90 -19.40 1.17 14.19
C ASN G 90 -18.17 0.34 14.53
N ALA G 91 -17.64 0.56 15.73
CA ALA G 91 -16.53 -0.23 16.26
C ALA G 91 -17.10 -1.17 17.31
N CYS G 92 -17.02 -2.47 17.06
CA CYS G 92 -17.58 -3.47 17.94
C CYS G 92 -16.49 -4.37 18.50
N LYS G 93 -16.83 -5.08 19.58
CA LYS G 93 -15.91 -6.03 20.19
C LYS G 93 -16.72 -7.08 20.93
N ARG G 94 -16.50 -8.35 20.59
CA ARG G 94 -17.18 -9.47 21.20
C ARG G 94 -16.29 -10.12 22.26
N THR G 95 -16.91 -10.62 23.32
CA THR G 95 -16.19 -11.23 24.42
C THR G 95 -17.15 -12.13 25.19
N TYR G 96 -16.63 -12.77 26.24
CA TYR G 96 -17.38 -13.69 27.08
C TYR G 96 -17.52 -13.13 28.49
N SER G 97 -18.66 -13.43 29.11
CA SER G 97 -18.90 -13.13 30.51
C SER G 97 -18.71 -14.39 31.34
N ASP G 98 -18.25 -14.21 32.58
CA ASP G 98 -17.91 -15.33 33.46
C ASP G 98 -18.83 -15.43 34.67
N ARG G 99 -18.91 -14.38 35.49
CA ARG G 99 -19.78 -14.40 36.66
C ARG G 99 -21.20 -14.02 36.25
N GLY G 100 -22.04 -13.70 37.23
CA GLY G 100 -23.42 -13.34 36.94
C GLY G 100 -23.54 -11.97 36.29
N TRP G 101 -22.93 -11.82 35.12
CA TRP G 101 -22.88 -10.55 34.43
C TRP G 101 -24.16 -10.34 33.63
N GLY G 102 -24.95 -9.34 34.00
CA GLY G 102 -26.15 -9.00 33.26
C GLY G 102 -27.43 -9.46 33.92
N ASN G 103 -28.44 -9.57 33.06
CA ASN G 103 -29.84 -9.92 33.40
C ASN G 103 -29.89 -11.23 34.17
N GLY G 104 -29.56 -11.14 35.46
CA GLY G 104 -29.62 -12.25 36.43
C GLY G 104 -29.22 -13.58 35.82
N CYS G 105 -27.97 -13.68 35.40
CA CYS G 105 -27.55 -14.98 34.82
C CYS G 105 -26.97 -15.83 35.94
N GLY G 106 -26.58 -17.04 35.61
CA GLY G 106 -26.03 -17.89 36.66
C GLY G 106 -24.58 -17.55 36.93
N LEU G 107 -24.10 -17.95 38.08
CA LEU G 107 -22.68 -17.74 38.35
C LEU G 107 -21.76 -18.74 37.66
N PHE G 108 -22.29 -19.66 36.86
CA PHE G 108 -21.48 -20.67 36.21
C PHE G 108 -21.63 -20.58 34.69
N GLY G 109 -20.58 -20.97 33.98
CA GLY G 109 -20.58 -20.94 32.53
C GLY G 109 -20.21 -19.58 31.98
N LYS G 110 -20.09 -19.52 30.66
CA LYS G 110 -19.69 -18.32 29.95
C LYS G 110 -20.83 -17.82 29.07
N GLY G 111 -21.20 -16.55 29.25
CA GLY G 111 -22.17 -15.91 28.40
C GLY G 111 -21.51 -15.02 27.37
N SER G 112 -22.26 -14.70 26.32
CA SER G 112 -21.75 -13.92 25.20
C SER G 112 -22.09 -12.45 25.36
N ILE G 113 -21.15 -11.58 25.01
CA ILE G 113 -21.32 -10.14 25.11
C ILE G 113 -20.83 -9.50 23.82
N VAL G 114 -21.54 -8.47 23.35
CA VAL G 114 -21.10 -7.64 22.24
C VAL G 114 -21.34 -6.18 22.61
N ALA G 115 -20.34 -5.33 22.33
CA ALA G 115 -20.43 -3.91 22.58
C ALA G 115 -20.04 -3.16 21.32
N CYS G 116 -20.81 -2.12 20.98
CA CYS G 116 -20.58 -1.34 19.78
C CYS G 116 -20.71 0.14 20.09
N ALA G 117 -19.90 0.95 19.40
CA ALA G 117 -19.95 2.39 19.52
C ALA G 117 -19.70 3.02 18.16
N LYS G 118 -20.46 4.05 17.82
CA LYS G 118 -20.34 4.67 16.52
C LYS G 118 -19.07 5.50 16.44
N PHE G 119 -18.37 5.42 15.31
CA PHE G 119 -17.12 6.12 15.08
C PHE G 119 -17.36 7.30 14.16
N THR G 120 -17.01 8.50 14.62
CA THR G 120 -17.06 9.71 13.81
C THR G 120 -15.72 10.42 13.90
N CYS G 121 -15.24 10.90 12.76
CA CYS G 121 -13.97 11.60 12.69
C CYS G 121 -14.22 13.11 12.80
N ALA G 122 -13.75 13.70 13.89
CA ALA G 122 -13.89 15.15 14.06
C ALA G 122 -12.89 15.92 13.20
N LYS G 123 -11.67 15.38 13.03
CA LYS G 123 -10.61 16.07 12.31
C LYS G 123 -9.80 15.04 11.53
N SER G 124 -9.57 15.31 10.24
CA SER G 124 -8.87 14.38 9.38
C SER G 124 -7.84 15.12 8.54
N MET G 125 -6.73 14.44 8.28
CA MET G 125 -5.70 14.94 7.37
C MET G 125 -5.95 14.35 5.99
N SER G 126 -5.97 15.21 4.97
CA SER G 126 -6.24 14.81 3.60
C SER G 126 -4.94 14.67 2.83
N LEU G 127 -4.84 13.59 2.07
CA LEU G 127 -3.66 13.32 1.24
C LEU G 127 -4.11 13.33 -0.21
N PHE G 128 -3.44 14.14 -1.03
CA PHE G 128 -3.83 14.36 -2.42
C PHE G 128 -2.80 13.78 -3.36
N GLU G 129 -3.28 13.05 -4.38
CA GLU G 129 -2.44 12.51 -5.43
C GLU G 129 -2.23 13.55 -6.52
N VAL G 130 -1.00 13.62 -7.03
CA VAL G 130 -0.62 14.60 -8.05
C VAL G 130 -0.55 13.90 -9.39
N ASP G 131 -1.28 14.44 -10.37
CA ASP G 131 -1.25 13.94 -11.74
C ASP G 131 -0.12 14.67 -12.45
N GLN G 132 1.00 13.98 -12.66
CA GLN G 132 2.18 14.61 -13.24
C GLN G 132 1.98 14.99 -14.70
N THR G 133 0.91 14.53 -15.34
CA THR G 133 0.57 14.98 -16.68
C THR G 133 -0.16 16.32 -16.67
N LYS G 134 -0.44 16.88 -15.49
CA LYS G 134 -1.23 18.10 -15.38
C LYS G 134 -0.56 19.11 -14.44
N ILE G 135 0.76 19.06 -14.33
CA ILE G 135 1.49 20.11 -13.61
C ILE G 135 1.59 21.32 -14.53
N GLN G 136 1.05 22.44 -14.09
CA GLN G 136 0.97 23.64 -14.90
C GLN G 136 2.23 24.49 -14.74
N TYR G 137 2.61 25.15 -15.83
CA TYR G 137 3.68 26.14 -15.77
C TYR G 137 3.30 27.31 -16.67
N VAL G 138 3.50 28.52 -16.15
CA VAL G 138 3.13 29.76 -16.83
C VAL G 138 4.40 30.52 -17.16
N ILE G 139 4.53 30.95 -18.41
CA ILE G 139 5.70 31.63 -18.91
C ILE G 139 5.28 33.00 -19.41
N ARG G 140 5.99 34.04 -18.99
CA ARG G 140 5.70 35.41 -19.39
C ARG G 140 6.71 35.88 -20.43
N ALA G 141 6.25 36.75 -21.32
CA ALA G 141 7.11 37.28 -22.39
C ALA G 141 6.63 38.67 -22.73
N GLN G 142 7.41 39.68 -22.36
CA GLN G 142 7.09 41.07 -22.61
C GLN G 142 8.23 41.73 -23.40
N LEU G 143 7.87 42.63 -24.30
CA LEU G 143 8.86 43.41 -25.01
C LEU G 143 9.38 44.52 -24.11
N HIS G 144 10.68 44.77 -24.18
CA HIS G 144 11.33 45.71 -23.26
C HIS G 144 10.70 47.09 -23.36
N VAL G 145 10.13 47.55 -22.25
CA VAL G 145 9.48 48.86 -22.20
C VAL G 145 10.56 49.93 -22.08
N GLY G 146 10.79 50.66 -23.18
CA GLY G 146 11.82 51.68 -23.23
C GLY G 146 13.02 51.25 -24.07
N ASN G 153 4.33 47.41 -29.64
CA ASN G 153 3.40 46.76 -28.73
C ASN G 153 4.16 46.06 -27.61
N THR G 154 4.43 46.80 -26.53
CA THR G 154 5.11 46.23 -25.35
C THR G 154 4.09 45.61 -24.40
N ASP G 155 3.25 44.72 -24.94
CA ASP G 155 2.21 44.07 -24.15
C ASP G 155 2.74 42.77 -23.56
N ILE G 156 2.30 42.48 -22.33
CA ILE G 156 2.68 41.24 -21.68
C ILE G 156 1.89 40.10 -22.30
N LYS G 157 2.60 39.10 -22.83
CA LYS G 157 1.98 37.88 -23.31
C LYS G 157 2.17 36.79 -22.28
N THR G 158 1.07 36.18 -21.85
CA THR G 158 1.07 35.16 -20.82
C THR G 158 0.72 33.82 -21.45
N LEU G 159 1.66 32.88 -21.41
CA LEU G 159 1.48 31.56 -21.99
C LEU G 159 1.33 30.53 -20.87
N LYS G 160 0.27 29.72 -20.96
CA LYS G 160 -0.08 28.78 -19.91
C LYS G 160 0.09 27.37 -20.46
N PHE G 161 0.97 26.59 -19.82
CA PHE G 161 1.27 25.23 -20.23
C PHE G 161 0.81 24.23 -19.18
N ASP G 162 0.85 22.96 -19.56
CA ASP G 162 0.90 21.85 -18.62
C ASP G 162 1.79 20.78 -19.24
N ALA G 163 2.05 19.72 -18.47
CA ALA G 163 3.02 18.72 -18.90
C ALA G 163 2.63 18.10 -20.24
N LEU G 164 1.34 17.86 -20.44
CA LEU G 164 0.89 17.29 -21.72
C LEU G 164 1.04 18.28 -22.85
N SER G 165 0.72 19.56 -22.61
CA SER G 165 0.74 20.58 -23.65
C SER G 165 2.01 21.41 -23.48
N GLY G 166 3.10 20.95 -24.07
CA GLY G 166 4.36 21.67 -24.03
C GLY G 166 4.61 22.58 -25.20
N SER G 167 3.70 22.62 -26.18
CA SER G 167 3.85 23.46 -27.37
C SER G 167 2.72 24.47 -27.39
N GLN G 168 3.04 25.74 -27.16
CA GLN G 168 2.07 26.82 -27.20
C GLN G 168 2.59 27.94 -28.08
N GLU G 169 1.65 28.75 -28.57
CA GLU G 169 1.91 29.76 -29.56
C GLU G 169 1.83 31.16 -28.95
N ALA G 170 2.56 32.09 -29.56
CA ALA G 170 2.53 33.50 -29.17
C ALA G 170 2.95 34.32 -30.38
N GLU G 171 2.81 35.63 -30.25
CA GLU G 171 3.16 36.56 -31.32
C GLU G 171 3.75 37.82 -30.72
N PHE G 172 4.85 38.30 -31.31
CA PHE G 172 5.59 39.44 -30.78
C PHE G 172 5.82 40.45 -31.89
N THR G 173 5.83 41.72 -31.52
CA THR G 173 6.13 42.77 -32.48
C THR G 173 7.62 42.75 -32.82
N GLY G 174 7.92 42.77 -34.11
CA GLY G 174 9.29 42.70 -34.58
C GLY G 174 9.80 41.28 -34.70
N TYR G 175 9.78 40.53 -33.59
CA TYR G 175 10.22 39.14 -33.63
C TYR G 175 9.25 38.27 -34.41
N GLY G 176 7.97 38.65 -34.45
CA GLY G 176 6.99 37.90 -35.23
C GLY G 176 6.23 36.87 -34.42
N LYS G 177 5.89 35.75 -35.05
CA LYS G 177 5.21 34.65 -34.39
C LYS G 177 6.23 33.72 -33.75
N ALA G 178 5.89 33.18 -32.58
CA ALA G 178 6.78 32.32 -31.82
C ALA G 178 6.07 31.04 -31.42
N THR G 179 6.84 29.96 -31.34
CA THR G 179 6.35 28.66 -30.87
C THR G 179 7.29 28.18 -29.77
N LEU G 180 6.80 28.08 -28.55
CA LEU G 180 7.58 27.61 -27.42
C LEU G 180 7.31 26.14 -27.18
N GLU G 181 8.38 25.35 -27.09
CA GLU G 181 8.31 23.90 -26.85
C GLU G 181 9.08 23.65 -25.56
N CYS G 182 8.37 23.71 -24.43
CA CYS G 182 8.98 23.66 -23.11
C CYS G 182 8.71 22.32 -22.43
N GLN G 183 9.37 22.15 -21.29
CA GLN G 183 9.27 20.93 -20.50
C GLN G 183 9.49 21.28 -19.03
N VAL G 184 8.75 20.61 -18.14
CA VAL G 184 8.93 20.80 -16.72
C VAL G 184 9.88 19.75 -16.16
N GLN G 185 10.62 20.15 -15.13
CA GLN G 185 11.37 19.23 -14.28
C GLN G 185 11.11 19.67 -12.84
N THR G 186 10.17 19.00 -12.17
CA THR G 186 9.83 19.36 -10.80
C THR G 186 10.96 19.01 -9.85
N ALA G 187 11.02 19.73 -8.73
CA ALA G 187 12.10 19.56 -7.78
C ALA G 187 11.90 18.38 -6.84
N VAL G 188 10.67 17.91 -6.67
CA VAL G 188 10.40 16.78 -5.79
C VAL G 188 9.76 15.67 -6.61
N ASP G 189 9.74 14.47 -6.03
CA ASP G 189 9.20 13.29 -6.69
C ASP G 189 7.75 13.11 -6.26
N PHE G 190 6.82 13.56 -7.11
CA PHE G 190 5.41 13.40 -6.80
C PHE G 190 4.92 11.97 -6.99
N GLY G 191 5.72 11.10 -7.60
CA GLY G 191 5.40 9.69 -7.62
C GLY G 191 5.59 9.02 -6.27
N ASN G 192 6.35 9.65 -5.38
CA ASN G 192 6.55 9.16 -4.02
C ASN G 192 6.00 10.12 -2.97
N SER G 193 5.21 11.12 -3.37
CA SER G 193 4.81 12.19 -2.46
C SER G 193 3.30 12.40 -2.49
N TYR G 194 2.78 12.77 -1.33
CA TYR G 194 1.43 13.29 -1.17
C TYR G 194 1.50 14.80 -0.92
N ILE G 195 0.37 15.46 -1.12
CA ILE G 195 0.17 16.83 -0.64
C ILE G 195 -0.76 16.73 0.55
N ALA G 196 -0.22 16.91 1.75
CA ALA G 196 -0.98 16.69 2.97
C ALA G 196 -1.61 18.00 3.45
N GLU G 197 -2.88 17.94 3.82
CA GLU G 197 -3.60 19.11 4.32
C GLU G 197 -4.21 18.75 5.66
N MET G 198 -3.75 19.39 6.72
CA MET G 198 -4.20 19.14 8.09
C MET G 198 -5.11 20.22 8.63
N GLU G 199 -4.92 21.45 8.18
CA GLU G 199 -5.64 22.63 8.63
C GLU G 199 -5.48 23.67 7.52
N LYS G 200 -5.64 24.94 7.86
CA LYS G 200 -5.17 26.02 7.00
C LYS G 200 -3.80 25.70 6.41
N ASP G 201 -2.97 25.01 7.18
CA ASP G 201 -1.64 24.60 6.75
C ASP G 201 -1.71 23.44 5.75
N SER G 202 -0.59 23.19 5.08
CA SER G 202 -0.45 22.08 4.15
C SER G 202 1.03 21.88 3.83
N TRP G 203 1.45 20.62 3.78
CA TRP G 203 2.85 20.24 3.53
C TRP G 203 2.94 19.33 2.32
N ILE G 204 4.17 18.94 2.01
CA ILE G 204 4.47 17.86 1.07
C ILE G 204 5.06 16.70 1.87
N VAL G 205 4.37 15.57 1.86
CA VAL G 205 4.79 14.41 2.63
C VAL G 205 5.00 13.24 1.68
N ASP G 206 5.78 12.27 2.15
CA ASP G 206 6.05 11.07 1.38
C ASP G 206 4.90 10.09 1.52
N ARG G 207 4.60 9.36 0.43
CA ARG G 207 3.44 8.48 0.41
C ARG G 207 3.55 7.40 1.48
N GLN G 208 4.65 6.65 1.48
CA GLN G 208 4.80 5.55 2.42
C GLN G 208 4.76 6.03 3.87
N TRP G 209 5.23 7.25 4.12
CA TRP G 209 5.17 7.80 5.47
C TRP G 209 3.73 7.92 5.96
N ALA G 210 2.86 8.48 5.13
CA ALA G 210 1.47 8.69 5.55
C ALA G 210 0.70 7.39 5.66
N GLN G 211 1.00 6.41 4.79
CA GLN G 211 0.29 5.14 4.83
C GLN G 211 0.71 4.27 6.00
N ASP G 212 1.89 4.51 6.56
CA ASP G 212 2.35 3.76 7.72
C ASP G 212 1.96 4.42 9.04
N LEU G 213 1.23 5.53 8.99
CA LEU G 213 0.74 6.17 10.21
C LEU G 213 -0.26 5.25 10.92
N THR G 214 -0.09 5.11 12.23
CA THR G 214 -1.00 4.27 13.03
C THR G 214 -2.21 5.11 13.47
N LEU G 215 -3.01 5.47 12.46
CA LEU G 215 -4.21 6.27 12.67
C LEU G 215 -5.33 5.73 11.80
N PRO G 216 -6.58 5.90 12.20
CA PRO G 216 -7.70 5.52 11.33
C PRO G 216 -7.65 6.30 10.03
N TRP G 217 -8.01 5.63 8.94
CA TRP G 217 -7.95 6.25 7.62
C TRP G 217 -9.15 5.83 6.79
N GLN G 218 -9.53 6.69 5.86
CA GLN G 218 -10.66 6.46 4.97
C GLN G 218 -10.21 6.72 3.53
N SER G 219 -10.64 5.84 2.62
CA SER G 219 -10.27 5.97 1.22
C SER G 219 -10.80 7.28 0.64
N GLY G 220 -10.03 7.87 -0.27
CA GLY G 220 -10.48 9.05 -0.99
C GLY G 220 -11.72 8.81 -1.82
N SER G 221 -11.98 7.55 -2.19
CA SER G 221 -13.20 7.16 -2.87
C SER G 221 -14.36 6.92 -1.91
N GLY G 222 -14.28 7.48 -0.70
CA GLY G 222 -15.33 7.27 0.28
C GLY G 222 -15.19 5.94 1.01
N GLY G 223 -16.30 5.50 1.56
CA GLY G 223 -16.33 4.25 2.28
C GLY G 223 -16.20 4.42 3.78
N ILE G 224 -15.91 3.31 4.45
CA ILE G 224 -15.88 3.26 5.91
C ILE G 224 -14.53 3.77 6.42
N TRP G 225 -14.47 4.05 7.71
CA TRP G 225 -13.20 4.35 8.36
C TRP G 225 -12.54 3.03 8.76
N ARG G 226 -11.25 2.92 8.47
CA ARG G 226 -10.51 1.68 8.67
C ARG G 226 -9.48 1.83 9.78
N GLU G 227 -9.29 0.73 10.52
CA GLU G 227 -8.34 0.67 11.63
C GLU G 227 -8.67 1.72 12.70
N MET G 228 -9.89 1.60 13.23
CA MET G 228 -10.36 2.52 14.26
C MET G 228 -9.67 2.30 15.60
N HIS G 229 -9.07 1.13 15.81
CA HIS G 229 -8.51 0.79 17.13
C HIS G 229 -7.35 1.70 17.52
N HIS G 230 -6.79 2.45 16.58
CA HIS G 230 -5.75 3.41 16.93
C HIS G 230 -6.30 4.53 17.79
N LEU G 231 -7.60 4.82 17.68
CA LEU G 231 -8.22 5.89 18.46
C LEU G 231 -9.42 5.41 19.27
N VAL G 232 -9.65 4.09 19.36
CA VAL G 232 -10.75 3.54 20.14
C VAL G 232 -10.19 2.44 21.04
N GLU G 233 -10.49 2.53 22.33
CA GLU G 233 -10.03 1.53 23.31
C GLU G 233 -11.26 0.98 24.04
N PHE G 234 -11.45 -0.33 23.97
CA PHE G 234 -12.56 -0.99 24.63
C PHE G 234 -12.11 -1.45 26.02
N GLU G 235 -12.63 -0.80 27.05
CA GLU G 235 -12.26 -1.15 28.42
C GLU G 235 -12.84 -2.52 28.77
N PRO G 236 -12.20 -3.23 29.72
CA PRO G 236 -12.75 -4.51 30.19
C PRO G 236 -14.06 -4.31 30.91
N PRO G 237 -14.92 -5.34 30.95
CA PRO G 237 -16.19 -5.21 31.66
C PRO G 237 -15.96 -4.90 33.14
N HIS G 238 -16.83 -4.05 33.68
CA HIS G 238 -16.70 -3.53 35.04
C HIS G 238 -18.03 -3.62 35.77
N ALA G 239 -18.60 -4.82 35.85
CA ALA G 239 -19.87 -5.03 36.53
C ALA G 239 -21.05 -4.31 35.86
N ALA G 240 -21.52 -4.82 34.71
CA ALA G 240 -22.74 -4.38 34.02
C ALA G 240 -22.56 -3.15 33.12
N THR G 241 -21.33 -2.75 32.85
CA THR G 241 -21.08 -1.76 31.80
C THR G 241 -19.74 -2.05 31.13
N ILE G 242 -19.65 -1.67 29.86
CA ILE G 242 -18.41 -1.71 29.10
C ILE G 242 -18.09 -0.28 28.66
N ARG G 243 -16.94 0.22 29.10
CA ARG G 243 -16.50 1.56 28.75
C ARG G 243 -15.73 1.52 27.43
N VAL G 244 -15.94 2.54 26.61
CA VAL G 244 -15.22 2.69 25.35
C VAL G 244 -14.57 4.07 25.37
N LEU G 245 -13.25 4.09 25.16
CA LEU G 245 -12.46 5.31 25.22
C LEU G 245 -11.98 5.69 23.83
N ALA G 246 -12.22 6.94 23.46
CA ALA G 246 -11.58 7.53 22.29
C ALA G 246 -10.29 8.20 22.73
N LEU G 247 -9.18 7.87 22.08
CA LEU G 247 -7.91 8.44 22.46
C LEU G 247 -7.90 9.94 22.20
N GLY G 248 -7.09 10.65 22.99
CA GLY G 248 -7.01 12.09 22.86
C GLY G 248 -6.55 12.53 21.49
N ASN G 249 -6.74 13.82 21.23
CA ASN G 249 -6.42 14.37 19.92
C ASN G 249 -4.94 14.16 19.62
N GLN G 250 -4.65 13.79 18.37
CA GLN G 250 -3.29 13.59 17.90
C GLN G 250 -2.83 14.68 16.95
N GLU G 251 -3.48 15.86 17.00
CA GLU G 251 -3.05 16.97 16.17
C GLU G 251 -1.64 17.43 16.57
N GLY G 252 -1.33 17.38 17.87
CA GLY G 252 0.01 17.74 18.31
C GLY G 252 1.07 16.78 17.82
N SER G 253 0.78 15.48 17.85
CA SER G 253 1.78 14.49 17.43
C SER G 253 2.09 14.60 15.94
N LEU G 254 1.08 14.88 15.12
CA LEU G 254 1.32 14.97 13.68
C LEU G 254 2.10 16.23 13.32
N LYS G 255 1.75 17.36 13.92
CA LYS G 255 2.50 18.60 13.67
C LYS G 255 3.98 18.43 13.99
N THR G 256 4.30 17.73 15.08
CA THR G 256 5.69 17.44 15.40
C THR G 256 6.31 16.54 14.35
N ALA G 257 5.55 15.56 13.85
CA ALA G 257 6.07 14.68 12.80
C ALA G 257 6.17 15.42 11.46
N LEU G 258 5.38 16.46 11.26
CA LEU G 258 5.41 17.24 10.03
C LEU G 258 6.39 18.40 10.09
N THR G 259 7.26 18.44 11.11
CA THR G 259 8.26 19.51 11.19
C THR G 259 9.29 19.37 10.09
N GLY G 260 9.87 18.17 9.94
CA GLY G 260 10.88 17.94 8.93
C GLY G 260 10.28 17.62 7.58
N ALA G 261 9.36 18.47 7.12
CA ALA G 261 8.69 18.29 5.84
C ALA G 261 8.53 19.66 5.19
N MET G 262 8.84 19.72 3.90
CA MET G 262 8.71 20.98 3.18
C MET G 262 7.24 21.32 2.96
N ARG G 263 6.96 22.62 2.83
CA ARG G 263 5.60 23.13 2.81
C ARG G 263 5.21 23.57 1.41
N VAL G 264 3.90 23.62 1.18
CA VAL G 264 3.31 24.19 -0.02
C VAL G 264 2.45 25.39 0.35
N THR G 265 2.27 26.26 -0.64
CA THR G 265 1.50 27.48 -0.47
C THR G 265 0.31 27.44 -1.42
N LYS G 266 -0.89 27.32 -0.87
CA LYS G 266 -2.09 27.50 -1.65
C LYS G 266 -2.10 28.90 -2.26
N ASP G 267 -2.67 29.02 -3.46
CA ASP G 267 -2.92 30.33 -4.01
C ASP G 267 -3.88 31.09 -3.10
N GLU G 268 -3.66 32.39 -2.98
CA GLU G 268 -4.44 33.19 -2.03
C GLU G 268 -5.93 33.10 -2.34
N ASN G 269 -6.30 33.28 -3.60
CA ASN G 269 -7.71 33.23 -3.98
C ASN G 269 -8.13 31.80 -4.29
N ASP G 270 -7.48 31.17 -5.27
CA ASP G 270 -7.79 29.80 -5.66
C ASP G 270 -7.19 28.86 -4.63
N ASN G 271 -8.00 28.46 -3.65
CA ASN G 271 -7.47 27.71 -2.51
C ASN G 271 -7.07 26.28 -2.88
N ASN G 272 -7.56 25.75 -3.99
CA ASN G 272 -7.16 24.42 -4.46
C ASN G 272 -6.07 24.51 -5.53
N LEU G 273 -5.28 25.59 -5.51
CA LEU G 273 -4.21 25.81 -6.47
C LEU G 273 -2.89 25.84 -5.68
N TYR G 274 -2.21 24.70 -5.61
CA TYR G 274 -0.96 24.60 -4.88
C TYR G 274 0.19 25.05 -5.78
N LYS G 275 0.90 26.08 -5.34
CA LYS G 275 2.00 26.65 -6.10
C LYS G 275 3.33 26.12 -5.58
N LEU G 276 4.24 25.83 -6.50
CA LEU G 276 5.55 25.29 -6.18
C LEU G 276 6.63 26.35 -6.40
N HIS G 277 7.76 26.15 -5.75
CA HIS G 277 8.88 27.09 -5.83
C HIS G 277 10.08 26.53 -6.59
N GLY G 278 10.35 25.23 -6.49
CA GLY G 278 11.43 24.65 -7.25
C GLY G 278 11.01 24.29 -8.66
N GLY G 279 12.00 23.91 -9.46
CA GLY G 279 11.67 23.42 -10.80
C GLY G 279 12.34 24.20 -11.91
N HIS G 280 12.90 23.46 -12.86
CA HIS G 280 13.46 24.00 -14.09
C HIS G 280 12.50 23.77 -15.24
N VAL G 281 12.49 24.70 -16.19
CA VAL G 281 11.65 24.61 -17.38
C VAL G 281 12.56 24.86 -18.58
N SER G 282 12.91 23.78 -19.29
CA SER G 282 13.73 23.87 -20.49
C SER G 282 12.84 24.15 -21.69
N CYS G 283 13.06 25.28 -22.34
CA CYS G 283 12.26 25.71 -23.48
C CYS G 283 13.11 25.75 -24.74
N ARG G 284 12.43 25.67 -25.88
CA ARG G 284 13.02 25.90 -27.19
C ARG G 284 12.14 26.94 -27.88
N VAL G 285 12.59 28.19 -27.84
CA VAL G 285 11.83 29.29 -28.45
C VAL G 285 12.09 29.27 -29.95
N LYS G 286 11.02 29.14 -30.73
CA LYS G 286 11.11 29.01 -32.19
C LYS G 286 10.55 30.27 -32.83
N LEU G 287 11.42 31.08 -33.43
CA LEU G 287 11.03 32.29 -34.12
C LEU G 287 11.41 32.17 -35.59
N SER G 288 10.76 32.98 -36.42
CA SER G 288 11.16 33.08 -37.81
C SER G 288 12.56 33.70 -37.90
N ALA G 289 13.21 33.51 -39.05
CA ALA G 289 14.62 33.86 -39.19
C ALA G 289 14.85 35.33 -38.94
N LEU G 290 15.80 35.63 -38.05
CA LEU G 290 16.21 36.99 -37.72
C LEU G 290 17.45 36.92 -36.83
N THR G 291 18.33 37.90 -36.99
CA THR G 291 19.55 37.95 -36.20
C THR G 291 19.28 38.39 -34.78
N LEU G 292 20.10 37.89 -33.85
CA LEU G 292 19.98 38.20 -32.43
C LEU G 292 21.32 38.65 -31.88
N LYS G 293 21.27 39.46 -30.83
CA LYS G 293 22.45 40.02 -30.19
C LYS G 293 22.84 39.14 -29.00
N GLY G 294 24.06 38.59 -29.05
CA GLY G 294 24.54 37.71 -28.01
C GLY G 294 25.43 38.42 -27.01
N THR G 295 25.37 37.97 -25.76
CA THR G 295 26.13 38.56 -24.67
C THR G 295 27.08 37.52 -24.07
N SER G 296 28.24 38.00 -23.62
CA SER G 296 29.22 37.17 -22.94
C SER G 296 29.48 37.75 -21.56
N TYR G 297 29.92 36.89 -20.64
CA TYR G 297 30.13 37.26 -19.25
C TYR G 297 31.48 36.73 -18.77
N LYS G 298 32.15 37.52 -17.94
CA LYS G 298 33.39 37.12 -17.29
C LYS G 298 33.11 36.64 -15.88
N MET G 299 34.04 35.86 -15.35
CA MET G 299 33.91 35.38 -13.98
C MET G 299 34.14 36.52 -13.00
N CYS G 300 33.34 36.56 -11.93
CA CYS G 300 33.49 37.60 -10.93
C CYS G 300 34.86 37.52 -10.26
N THR G 301 35.53 38.65 -10.18
CA THR G 301 36.88 38.72 -9.63
C THR G 301 36.96 39.43 -8.28
N ASP G 302 36.04 40.33 -7.99
CA ASP G 302 36.08 41.12 -6.76
C ASP G 302 35.49 40.31 -5.61
N LYS G 303 35.25 40.98 -4.48
CA LYS G 303 34.70 40.35 -3.30
C LYS G 303 33.19 40.38 -3.33
N MET G 304 32.57 39.27 -2.92
CA MET G 304 31.13 39.16 -2.76
C MET G 304 30.79 38.97 -1.29
N SER G 305 29.50 38.91 -0.98
CA SER G 305 29.06 38.80 0.40
C SER G 305 27.73 38.03 0.45
N PHE G 306 27.59 37.20 1.48
CA PHE G 306 26.39 36.41 1.70
C PHE G 306 25.28 37.31 2.22
N VAL G 307 24.34 37.69 1.36
CA VAL G 307 23.14 38.38 1.84
C VAL G 307 22.30 37.42 2.67
N LYS G 308 22.05 36.22 2.16
CA LYS G 308 21.41 35.15 2.89
C LYS G 308 22.39 33.99 2.99
N ASN G 309 22.66 33.55 4.21
CA ASN G 309 23.57 32.42 4.40
C ASN G 309 22.95 31.16 3.81
N PRO G 310 23.79 30.18 3.45
CA PRO G 310 23.26 28.92 2.90
C PRO G 310 22.23 28.30 3.84
N THR G 311 21.12 27.86 3.26
CA THR G 311 20.02 27.32 4.04
C THR G 311 19.47 26.07 3.35
N ASP G 312 18.93 25.17 4.16
CA ASP G 312 18.27 23.98 3.64
C ASP G 312 16.95 24.36 2.99
N THR G 313 16.69 23.78 1.82
CA THR G 313 15.46 24.07 1.09
C THR G 313 14.32 23.11 1.41
N GLY G 314 14.64 21.93 1.96
CA GLY G 314 13.65 20.93 2.27
C GLY G 314 13.59 19.77 1.29
N HIS G 315 14.19 19.92 0.10
CA HIS G 315 14.25 18.87 -0.91
C HIS G 315 15.69 18.51 -1.25
N GLY G 316 16.55 18.45 -0.23
CA GLY G 316 17.90 17.94 -0.38
C GLY G 316 18.89 18.89 -1.00
N THR G 317 18.51 20.12 -1.28
CA THR G 317 19.41 21.11 -1.88
C THR G 317 19.59 22.29 -0.93
N VAL G 318 20.61 23.09 -1.22
CA VAL G 318 20.98 24.24 -0.40
C VAL G 318 20.80 25.50 -1.24
N VAL G 319 20.17 26.51 -0.65
CA VAL G 319 19.97 27.80 -1.32
C VAL G 319 20.77 28.86 -0.57
N MET G 320 21.31 29.81 -1.31
CA MET G 320 22.12 30.88 -0.75
C MET G 320 21.87 32.15 -1.55
N GLN G 321 22.43 33.26 -1.08
CA GLN G 321 22.27 34.54 -1.76
C GLN G 321 23.55 35.35 -1.57
N VAL G 322 24.30 35.54 -2.65
CA VAL G 322 25.52 36.31 -2.62
C VAL G 322 25.24 37.69 -3.19
N LYS G 323 26.03 38.67 -2.76
CA LYS G 323 25.90 40.05 -3.19
C LYS G 323 27.14 40.44 -3.98
N VAL G 324 26.94 40.96 -5.18
CA VAL G 324 28.05 41.43 -6.02
C VAL G 324 28.01 42.95 -6.06
N PRO G 325 28.67 43.63 -5.11
CA PRO G 325 28.54 45.09 -5.02
C PRO G 325 29.52 45.85 -5.91
N LYS G 326 30.66 45.23 -6.23
CA LYS G 326 31.80 45.97 -6.78
C LYS G 326 32.13 45.62 -8.22
N GLY G 327 32.29 44.34 -8.54
CA GLY G 327 33.02 43.98 -9.73
C GLY G 327 32.45 44.41 -11.07
N ALA G 328 31.38 43.76 -11.52
CA ALA G 328 30.89 43.96 -12.88
C ALA G 328 29.63 43.13 -13.12
N PRO G 329 28.95 43.30 -14.26
CA PRO G 329 28.14 42.19 -14.76
C PRO G 329 29.05 40.98 -14.93
N CYS G 330 28.87 39.95 -14.10
CA CYS G 330 29.85 38.87 -14.03
C CYS G 330 29.19 37.59 -13.55
N LYS G 331 29.80 36.47 -13.92
CA LYS G 331 29.34 35.15 -13.52
C LYS G 331 30.04 34.72 -12.24
N ILE G 332 29.27 34.16 -11.31
CA ILE G 332 29.74 33.87 -9.98
C ILE G 332 30.28 32.42 -9.96
N PRO G 333 31.55 32.21 -9.66
CA PRO G 333 32.08 30.83 -9.57
C PRO G 333 31.64 30.17 -8.27
N VAL G 334 30.99 29.02 -8.38
CA VAL G 334 30.48 28.27 -7.23
C VAL G 334 30.89 26.81 -7.38
N ILE G 335 31.52 26.26 -6.33
CA ILE G 335 31.84 24.84 -6.28
C ILE G 335 31.59 24.33 -4.85
N VAL G 336 31.51 23.01 -4.74
CA VAL G 336 31.36 22.33 -3.45
C VAL G 336 32.43 21.24 -3.39
N ALA G 337 33.34 21.36 -2.43
CA ALA G 337 34.53 20.53 -2.40
C ALA G 337 34.72 19.92 -1.01
N ASP G 338 35.56 18.88 -0.98
CA ASP G 338 35.85 18.19 0.28
C ASP G 338 36.66 19.07 1.22
N ASP G 339 37.71 19.71 0.71
CA ASP G 339 38.59 20.54 1.51
C ASP G 339 38.79 21.88 0.84
N LEU G 340 39.29 22.85 1.62
CA LEU G 340 39.42 24.22 1.15
C LEU G 340 40.47 24.37 0.03
N THR G 341 41.28 23.36 -0.21
CA THR G 341 42.03 23.27 -1.46
C THR G 341 41.04 22.84 -2.53
N ALA G 342 40.63 23.80 -3.35
CA ALA G 342 39.40 23.68 -4.14
C ALA G 342 39.62 22.82 -5.39
N ALA G 343 38.67 22.87 -6.31
CA ALA G 343 38.63 22.31 -7.66
C ALA G 343 38.21 20.83 -7.73
N VAL G 344 38.02 20.16 -6.59
CA VAL G 344 37.35 18.86 -6.61
C VAL G 344 35.87 19.12 -6.28
N ASN G 345 35.12 19.51 -7.30
CA ASN G 345 33.72 19.84 -7.13
C ASN G 345 32.92 18.57 -6.91
N LYS G 346 32.66 18.25 -5.65
CA LYS G 346 31.89 17.08 -5.28
C LYS G 346 30.40 17.32 -5.31
N GLY G 347 29.95 18.54 -5.59
CA GLY G 347 28.55 18.88 -5.63
C GLY G 347 28.04 19.13 -7.05
N ILE G 348 26.76 19.46 -7.12
CA ILE G 348 26.06 19.73 -8.37
C ILE G 348 25.46 21.12 -8.29
N LEU G 349 25.82 21.99 -9.23
CA LEU G 349 25.27 23.33 -9.28
C LEU G 349 23.91 23.29 -9.96
N VAL G 350 22.86 23.60 -9.19
CA VAL G 350 21.51 23.54 -9.73
C VAL G 350 21.22 24.76 -10.60
N THR G 351 21.51 25.95 -10.08
CA THR G 351 21.22 27.18 -10.80
C THR G 351 22.02 27.26 -12.09
N VAL G 352 21.36 27.69 -13.16
CA VAL G 352 21.99 27.84 -14.46
C VAL G 352 22.49 29.27 -14.60
N ASN G 353 23.81 29.42 -14.75
CA ASN G 353 24.48 30.70 -14.98
C ASN G 353 24.09 31.72 -13.90
N PRO G 354 24.61 31.59 -12.68
CA PRO G 354 24.29 32.57 -11.63
C PRO G 354 24.97 33.91 -11.90
N ILE G 355 24.38 34.72 -12.76
CA ILE G 355 25.00 35.94 -13.26
C ILE G 355 24.38 37.14 -12.56
N ALA G 356 25.23 38.08 -12.14
CA ALA G 356 24.78 39.36 -11.60
C ALA G 356 24.67 40.37 -12.73
N SER G 357 23.51 41.00 -12.85
CA SER G 357 23.26 41.93 -13.95
C SER G 357 24.07 43.21 -13.79
N THR G 358 23.81 43.94 -12.71
CA THR G 358 24.54 45.17 -12.39
C THR G 358 25.35 44.95 -11.12
N ASN G 359 26.00 46.01 -10.66
CA ASN G 359 26.63 45.97 -9.36
C ASN G 359 25.58 46.11 -8.26
N ASP G 360 25.96 45.72 -7.04
CA ASP G 360 25.06 45.72 -5.89
C ASP G 360 23.81 44.87 -6.16
N ASP G 361 24.01 43.73 -6.82
CA ASP G 361 22.95 42.77 -7.07
C ASP G 361 23.08 41.58 -6.12
N GLU G 362 21.94 41.10 -5.63
CA GLU G 362 21.89 39.90 -4.82
C GLU G 362 21.43 38.75 -5.71
N VAL G 363 22.26 37.71 -5.81
CA VAL G 363 22.04 36.61 -6.75
C VAL G 363 21.70 35.35 -5.97
N LEU G 364 20.65 34.67 -6.40
CA LEU G 364 20.27 33.39 -5.81
C LEU G 364 21.10 32.26 -6.42
N ILE G 365 21.59 31.36 -5.57
CA ILE G 365 22.39 30.22 -6.01
C ILE G 365 21.91 28.99 -5.27
N GLU G 366 21.50 27.96 -6.00
CA GLU G 366 21.10 26.68 -5.43
C GLU G 366 22.13 25.61 -5.74
N VAL G 367 22.35 24.72 -4.78
CA VAL G 367 23.47 23.79 -4.79
C VAL G 367 23.05 22.47 -4.16
N ASN G 368 23.51 21.37 -4.74
CA ASN G 368 23.33 20.04 -4.17
C ASN G 368 24.67 19.51 -3.67
N PRO G 369 24.96 19.61 -2.39
CA PRO G 369 26.26 19.15 -1.87
C PRO G 369 26.27 17.64 -1.68
N PRO G 370 27.43 17.04 -1.52
CA PRO G 370 27.49 15.60 -1.20
C PRO G 370 27.00 15.34 0.21
N PHE G 371 26.65 14.08 0.46
CA PHE G 371 26.20 13.67 1.79
C PHE G 371 27.35 13.77 2.78
N GLY G 372 27.11 14.41 3.91
CA GLY G 372 28.14 14.57 4.92
C GLY G 372 28.72 15.97 4.96
N ASP G 373 29.99 16.07 5.34
CA ASP G 373 30.65 17.37 5.48
C ASP G 373 31.31 17.79 4.19
N SER G 374 31.12 19.05 3.81
CA SER G 374 31.72 19.62 2.62
C SER G 374 31.77 21.13 2.77
N TYR G 375 32.58 21.77 1.94
CA TYR G 375 32.75 23.21 1.97
C TYR G 375 32.11 23.84 0.74
N ILE G 376 31.40 24.95 0.97
CA ILE G 376 30.76 25.70 -0.10
C ILE G 376 31.64 26.90 -0.41
N ILE G 377 32.27 26.90 -1.57
CA ILE G 377 33.23 27.92 -1.95
C ILE G 377 32.62 28.78 -3.04
N VAL G 378 32.32 30.03 -2.71
CA VAL G 378 31.81 31.02 -3.65
C VAL G 378 32.90 32.03 -3.92
N GLY G 379 33.18 32.28 -5.19
CA GLY G 379 34.27 33.16 -5.56
C GLY G 379 35.57 32.41 -5.78
N THR G 380 36.62 33.18 -6.06
CA THR G 380 37.94 32.64 -6.32
C THR G 380 38.98 33.50 -5.62
N GLY G 381 40.23 33.03 -5.67
CA GLY G 381 41.30 33.75 -5.03
C GLY G 381 41.27 33.62 -3.51
N ASP G 382 41.87 34.59 -2.83
CA ASP G 382 41.88 34.63 -1.38
C ASP G 382 40.72 35.41 -0.79
N SER G 383 39.95 36.11 -1.61
CA SER G 383 38.77 36.84 -1.16
C SER G 383 37.49 36.02 -1.29
N ARG G 384 37.62 34.71 -1.47
CA ARG G 384 36.48 33.84 -1.70
C ARG G 384 35.60 33.74 -0.45
N LEU G 385 34.43 33.15 -0.63
CA LEU G 385 33.47 32.93 0.44
C LEU G 385 33.39 31.43 0.73
N THR G 386 33.61 31.06 1.99
CA THR G 386 33.62 29.67 2.40
C THR G 386 32.55 29.44 3.46
N TYR G 387 31.77 28.38 3.31
CA TYR G 387 30.76 28.00 4.29
C TYR G 387 30.75 26.49 4.40
N GLN G 388 30.88 25.99 5.63
CA GLN G 388 30.92 24.56 5.88
C GLN G 388 29.50 24.01 6.01
N TRP G 389 29.28 22.82 5.45
CA TRP G 389 27.94 22.26 5.34
C TRP G 389 27.93 20.82 5.85
N HIS G 390 26.73 20.37 6.24
CA HIS G 390 26.51 18.99 6.64
C HIS G 390 25.15 18.55 6.13
N LYS G 391 25.12 17.39 5.46
CA LYS G 391 23.90 16.86 4.84
C LYS G 391 23.62 15.48 5.44
N GLU G 392 22.37 15.25 5.85
CA GLU G 392 22.02 14.04 6.57
C GLU G 392 21.37 13.01 5.64
N GLY G 393 20.97 11.89 6.22
CA GLY G 393 20.70 10.65 5.49
C GLY G 393 19.42 10.63 4.68
N SER G 394 18.59 11.67 4.77
CA SER G 394 17.37 11.79 3.97
C SER G 394 16.41 10.61 4.21
N SER G 395 15.89 10.56 5.43
CA SER G 395 14.82 9.63 5.75
C SER G 395 13.53 10.07 5.05
N ILE G 396 12.47 9.26 5.21
CA ILE G 396 11.20 9.57 4.55
C ILE G 396 10.29 10.43 5.42
N GLY G 397 10.67 10.71 6.65
CA GLY G 397 9.88 11.59 7.50
C GLY G 397 10.06 11.24 8.96
N LYS G 398 9.13 11.73 9.76
CA LYS G 398 9.12 11.55 11.21
C LYS G 398 10.45 12.01 11.83
N GLU H 1 -45.03 -7.22 8.96
CA GLU H 1 -44.06 -6.14 9.09
C GLU H 1 -44.04 -5.59 10.52
N VAL H 2 -43.12 -4.67 10.78
CA VAL H 2 -42.84 -4.23 12.15
C VAL H 2 -43.99 -3.39 12.67
N GLN H 3 -44.49 -3.75 13.87
CA GLN H 3 -45.56 -3.02 14.52
C GLN H 3 -45.28 -2.88 16.01
N LEU H 4 -45.62 -1.72 16.56
CA LEU H 4 -45.64 -1.50 18.00
C LEU H 4 -47.04 -1.04 18.40
N VAL H 5 -47.52 -1.55 19.53
CA VAL H 5 -48.89 -1.30 19.98
C VAL H 5 -48.82 -0.89 21.45
N GLU H 6 -49.00 0.41 21.72
CA GLU H 6 -49.07 0.87 23.10
C GLU H 6 -50.45 0.62 23.68
N SER H 7 -50.50 0.55 25.01
CA SER H 7 -51.74 0.39 25.76
C SER H 7 -51.47 0.75 27.21
N GLY H 8 -52.53 0.71 28.03
CA GLY H 8 -52.43 0.99 29.43
C GLY H 8 -52.59 2.45 29.83
N GLY H 9 -52.64 3.36 28.85
CA GLY H 9 -52.80 4.77 29.17
C GLY H 9 -54.25 5.16 29.37
N GLY H 10 -54.44 6.27 30.09
CA GLY H 10 -55.77 6.76 30.39
C GLY H 10 -55.78 7.99 31.27
N LEU H 11 -56.66 7.99 32.26
CA LEU H 11 -56.84 9.11 33.18
C LEU H 11 -56.58 8.62 34.60
N VAL H 12 -55.85 9.42 35.37
CA VAL H 12 -55.39 9.01 36.69
C VAL H 12 -55.11 10.27 37.50
N LYS H 13 -55.57 10.26 38.75
CA LYS H 13 -55.34 11.35 39.67
C LYS H 13 -53.87 11.43 40.07
N PRO H 14 -53.41 12.61 40.50
CA PRO H 14 -52.02 12.74 40.94
C PRO H 14 -51.69 11.85 42.12
N GLY H 15 -50.40 11.56 42.28
CA GLY H 15 -49.92 10.72 43.35
C GLY H 15 -50.19 9.24 43.19
N GLY H 16 -50.88 8.85 42.13
CA GLY H 16 -51.26 7.46 41.90
C GLY H 16 -50.22 6.70 41.10
N SER H 17 -50.68 5.66 40.42
CA SER H 17 -49.79 4.79 39.66
C SER H 17 -50.45 4.42 38.34
N LEU H 18 -49.62 4.03 37.39
CA LEU H 18 -50.09 3.55 36.09
C LEU H 18 -48.98 2.72 35.46
N ARG H 19 -49.37 1.78 34.61
CA ARG H 19 -48.41 0.87 33.97
C ARG H 19 -48.74 0.77 32.50
N LEU H 20 -47.78 1.15 31.65
CA LEU H 20 -47.95 1.09 30.21
C LEU H 20 -47.40 -0.22 29.66
N SER H 21 -47.94 -0.61 28.50
CA SER H 21 -47.49 -1.80 27.79
C SER H 21 -47.31 -1.48 26.32
N CYS H 22 -46.34 -2.14 25.69
CA CYS H 22 -46.03 -1.93 24.27
C CYS H 22 -45.70 -3.29 23.67
N ALA H 23 -46.56 -3.78 22.79
CA ALA H 23 -46.42 -5.10 22.19
C ALA H 23 -45.75 -4.97 20.82
N ALA H 24 -44.63 -5.65 20.65
CA ALA H 24 -43.86 -5.60 19.41
C ALA H 24 -44.09 -6.85 18.57
N SER H 25 -43.90 -6.71 17.27
CA SER H 25 -44.07 -7.83 16.34
C SER H 25 -43.39 -7.49 15.03
N GLY H 26 -42.87 -8.52 14.36
CA GLY H 26 -42.22 -8.36 13.08
C GLY H 26 -40.71 -8.27 13.10
N PHE H 27 -40.08 -8.47 14.26
CA PHE H 27 -38.63 -8.40 14.38
C PHE H 27 -38.22 -9.12 15.65
N ILE H 28 -36.91 -9.38 15.76
CA ILE H 28 -36.38 -10.06 16.94
C ILE H 28 -36.30 -9.03 18.07
N PHE H 29 -37.32 -9.03 18.92
CA PHE H 29 -37.43 -8.04 19.99
C PHE H 29 -36.24 -8.06 20.93
N SER H 30 -35.63 -9.23 21.14
CA SER H 30 -34.50 -9.36 22.04
C SER H 30 -33.20 -8.78 21.48
N ASP H 31 -33.21 -8.20 20.30
CA ASP H 31 -32.00 -7.71 19.66
C ASP H 31 -31.91 -6.19 19.58
N TYR H 32 -33.02 -5.52 19.85
CA TYR H 32 -33.10 -4.05 19.67
C TYR H 32 -33.33 -3.34 20.99
N TYR H 33 -32.70 -2.18 21.11
CA TYR H 33 -32.84 -1.27 22.27
C TYR H 33 -34.21 -0.62 22.13
N MET H 34 -34.92 -0.46 23.24
CA MET H 34 -36.26 0.10 23.24
C MET H 34 -36.27 1.34 24.13
N MET H 35 -37.28 2.19 23.92
CA MET H 35 -37.34 3.44 24.66
C MET H 35 -38.76 3.96 24.70
N TRP H 36 -39.04 4.79 25.71
CA TRP H 36 -40.31 5.48 25.86
C TRP H 36 -40.11 6.97 25.59
N ILE H 37 -40.99 7.55 24.78
CA ILE H 37 -40.95 8.95 24.42
C ILE H 37 -42.32 9.56 24.67
N ARG H 38 -42.35 10.78 25.19
CA ARG H 38 -43.61 11.46 25.51
C ARG H 38 -43.58 12.88 24.97
N GLN H 39 -44.78 13.42 24.72
CA GLN H 39 -44.96 14.78 24.21
C GLN H 39 -45.93 15.51 25.13
N ALA H 40 -45.40 16.30 26.06
CA ALA H 40 -46.23 17.09 26.95
C ALA H 40 -46.84 18.26 26.19
N PRO H 41 -47.98 18.78 26.64
CA PRO H 41 -48.59 19.93 25.97
C PRO H 41 -47.68 21.15 26.03
N GLY H 42 -47.52 21.81 24.89
CA GLY H 42 -46.68 22.99 24.82
C GLY H 42 -45.21 22.73 25.01
N LYS H 43 -44.76 21.50 24.82
CA LYS H 43 -43.35 21.16 24.95
C LYS H 43 -42.95 20.24 23.80
N GLY H 44 -41.64 20.15 23.56
CA GLY H 44 -41.14 19.25 22.54
C GLY H 44 -41.09 17.80 23.01
N LEU H 45 -40.90 16.91 22.04
CA LEU H 45 -40.81 15.49 22.35
C LEU H 45 -39.62 15.20 23.24
N GLU H 46 -39.75 14.17 24.07
CA GLU H 46 -38.80 13.91 25.14
C GLU H 46 -38.72 12.41 25.40
N TRP H 47 -37.53 11.83 25.24
CA TRP H 47 -37.32 10.45 25.63
C TRP H 47 -37.08 10.40 27.13
N ILE H 48 -37.75 9.46 27.81
CA ILE H 48 -37.76 9.46 29.26
C ILE H 48 -37.12 8.19 29.80
N SER H 49 -37.16 7.11 29.04
CA SER H 49 -36.63 5.83 29.47
C SER H 49 -35.97 5.13 28.30
N TYR H 50 -34.80 4.56 28.56
CA TYR H 50 -34.00 3.88 27.51
C TYR H 50 -33.51 2.58 28.10
N ILE H 51 -33.75 1.49 27.39
CA ILE H 51 -33.42 0.16 27.90
C ILE H 51 -32.63 -0.59 26.83
N SER H 52 -31.68 -1.42 27.28
CA SER H 52 -30.86 -2.21 26.39
C SER H 52 -31.65 -3.41 25.85
N SER H 53 -30.99 -4.20 25.01
CA SER H 53 -31.65 -5.37 24.42
C SER H 53 -31.92 -6.44 25.48
N SER H 54 -30.88 -6.80 26.24
CA SER H 54 -31.04 -7.79 27.31
C SER H 54 -31.71 -7.21 28.55
N GLY H 55 -31.82 -5.89 28.64
CA GLY H 55 -32.30 -5.26 29.85
C GLY H 55 -31.24 -4.95 30.88
N SER H 56 -29.97 -5.15 30.55
CA SER H 56 -28.90 -4.89 31.51
C SER H 56 -28.64 -3.40 31.70
N GLN H 57 -28.67 -2.62 30.61
CA GLN H 57 -28.42 -1.19 30.67
C GLN H 57 -29.74 -0.44 30.69
N ILE H 58 -29.90 0.43 31.69
CA ILE H 58 -31.11 1.23 31.89
C ILE H 58 -30.72 2.69 31.96
N TYR H 59 -31.50 3.54 31.31
CA TYR H 59 -31.26 4.98 31.33
C TYR H 59 -32.57 5.73 31.54
N TYR H 60 -32.52 6.77 32.35
CA TYR H 60 -33.66 7.63 32.61
C TYR H 60 -33.23 9.09 32.54
N THR H 61 -34.21 9.96 32.37
CA THR H 61 -34.02 11.39 32.56
C THR H 61 -34.27 11.74 34.03
N GLU H 62 -33.66 12.83 34.48
CA GLU H 62 -33.80 13.25 35.87
C GLU H 62 -35.24 13.59 36.23
N SER H 63 -36.10 13.83 35.22
CA SER H 63 -37.49 14.15 35.50
C SER H 63 -38.22 12.97 36.14
N VAL H 64 -37.89 11.74 35.73
CA VAL H 64 -38.70 10.58 36.06
C VAL H 64 -37.87 9.46 36.67
N LYS H 65 -36.62 9.74 37.07
CA LYS H 65 -35.72 8.67 37.49
C LYS H 65 -36.26 7.92 38.70
N GLY H 66 -36.72 8.64 39.72
CA GLY H 66 -37.22 7.99 40.92
C GLY H 66 -38.62 7.44 40.81
N ARG H 67 -39.37 7.84 39.78
CA ARG H 67 -40.78 7.52 39.67
C ARG H 67 -41.09 6.44 38.64
N PHE H 68 -40.50 6.51 37.45
CA PHE H 68 -40.79 5.56 36.39
C PHE H 68 -39.76 4.43 36.39
N THR H 69 -40.18 3.28 35.88
CA THR H 69 -39.33 2.09 35.83
C THR H 69 -39.56 1.39 34.49
N ILE H 70 -38.54 1.37 33.65
CA ILE H 70 -38.63 0.69 32.37
C ILE H 70 -38.17 -0.75 32.54
N SER H 71 -38.79 -1.64 31.77
CA SER H 71 -38.49 -3.07 31.84
C SER H 71 -39.03 -3.73 30.58
N ARG H 72 -38.65 -4.98 30.38
CA ARG H 72 -39.11 -5.73 29.22
C ARG H 72 -39.17 -7.21 29.56
N ASP H 73 -39.96 -7.94 28.78
CA ASP H 73 -40.10 -9.39 28.91
C ASP H 73 -39.87 -9.96 27.51
N ASN H 74 -38.61 -10.26 27.20
CA ASN H 74 -38.25 -10.70 25.86
C ASN H 74 -38.95 -11.99 25.48
N GLY H 75 -39.31 -12.82 26.46
CA GLY H 75 -40.05 -14.03 26.17
C GLY H 75 -41.44 -13.76 25.61
N LYS H 76 -42.09 -12.69 26.08
CA LYS H 76 -43.44 -12.35 25.68
C LYS H 76 -43.50 -11.16 24.73
N ASN H 77 -42.35 -10.66 24.28
CA ASN H 77 -42.29 -9.57 23.30
C ASN H 77 -43.04 -8.33 23.78
N LEU H 78 -42.84 -7.97 25.05
CA LEU H 78 -43.56 -6.86 25.66
C LEU H 78 -42.57 -5.89 26.29
N LEU H 79 -42.87 -4.59 26.15
CA LEU H 79 -42.12 -3.53 26.80
C LEU H 79 -43.04 -2.78 27.74
N TYR H 80 -42.63 -2.64 28.99
CA TYR H 80 -43.46 -2.05 30.03
C TYR H 80 -42.93 -0.69 30.44
N LEU H 81 -43.75 0.02 31.21
CA LEU H 81 -43.33 1.26 31.87
C LEU H 81 -44.21 1.46 33.09
N GLN H 82 -43.64 1.24 34.27
CA GLN H 82 -44.38 1.41 35.53
C GLN H 82 -44.22 2.86 35.98
N MET H 83 -45.32 3.62 35.89
CA MET H 83 -45.32 5.02 36.28
C MET H 83 -45.93 5.16 37.67
N ASN H 84 -45.12 5.62 38.62
CA ASN H 84 -45.56 5.83 40.00
C ASN H 84 -45.37 7.29 40.37
N SER H 85 -46.04 7.70 41.43
CA SER H 85 -45.96 9.06 41.97
C SER H 85 -46.21 10.09 40.86
N LEU H 86 -47.27 9.87 40.09
CA LEU H 86 -47.56 10.70 38.93
C LEU H 86 -47.84 12.14 39.33
N ARG H 87 -47.46 13.07 38.46
CA ARG H 87 -47.67 14.49 38.66
C ARG H 87 -48.39 15.07 37.45
N GLY H 88 -48.67 16.38 37.51
CA GLY H 88 -49.29 17.04 36.37
C GLY H 88 -48.39 17.11 35.16
N GLU H 89 -47.08 17.30 35.39
CA GLU H 89 -46.13 17.39 34.28
C GLU H 89 -46.12 16.13 33.43
N ASP H 90 -46.47 14.98 34.02
CA ASP H 90 -46.46 13.72 33.31
C ASP H 90 -47.59 13.60 32.29
N THR H 91 -48.53 14.54 32.27
CA THR H 91 -49.60 14.55 31.28
C THR H 91 -49.02 14.70 29.88
N ALA H 92 -49.10 13.65 29.06
CA ALA H 92 -48.49 13.67 27.74
C ALA H 92 -49.00 12.49 26.93
N LEU H 93 -48.69 12.52 25.63
CA LEU H 93 -48.86 11.38 24.75
C LEU H 93 -47.60 10.54 24.79
N TYR H 94 -47.72 9.28 25.20
CA TYR H 94 -46.58 8.42 25.44
C TYR H 94 -46.38 7.45 24.29
N TYR H 95 -45.15 7.37 23.79
CA TYR H 95 -44.78 6.51 22.67
C TYR H 95 -43.73 5.51 23.12
N CYS H 96 -43.84 4.28 22.63
CA CYS H 96 -42.74 3.34 22.66
C CYS H 96 -42.10 3.28 21.28
N ALA H 97 -40.79 3.10 21.25
CA ALA H 97 -40.10 3.07 19.95
C ALA H 97 -38.82 2.25 20.04
N THR H 98 -38.38 1.72 18.91
CA THR H 98 -37.14 0.93 18.85
C THR H 98 -36.00 1.85 18.44
N GLU H 99 -34.77 1.49 18.82
CA GLU H 99 -33.60 2.31 18.45
C GLU H 99 -32.56 1.40 17.82
N THR H 100 -32.00 1.82 16.69
CA THR H 100 -30.97 1.02 16.01
C THR H 100 -30.10 1.99 15.23
N GLY H 101 -28.81 1.99 15.46
CA GLY H 101 -27.91 2.88 14.72
C GLY H 101 -27.89 4.27 15.31
N TRP H 102 -28.21 4.37 16.59
CA TRP H 102 -28.24 5.65 17.34
C TRP H 102 -29.26 6.58 16.70
N ARG H 103 -30.40 6.02 16.36
CA ARG H 103 -31.54 6.72 15.74
C ARG H 103 -32.78 5.93 16.10
N ILE H 104 -33.88 6.62 16.25
CA ILE H 104 -35.18 6.05 16.60
C ILE H 104 -35.86 5.63 15.31
N ASP H 105 -36.08 4.31 15.14
CA ASP H 105 -36.47 3.78 13.84
C ASP H 105 -37.98 3.68 13.69
N THR H 106 -38.64 2.88 14.53
CA THR H 106 -40.06 2.61 14.40
C THR H 106 -40.79 3.03 15.66
N TRP H 107 -42.01 3.55 15.48
CA TRP H 107 -42.83 4.06 16.56
C TRP H 107 -44.12 3.26 16.65
N GLY H 108 -44.84 3.46 17.76
CA GLY H 108 -46.19 2.97 17.92
C GLY H 108 -47.18 4.13 17.80
N GLN H 109 -48.46 3.77 17.76
CA GLN H 109 -49.50 4.77 17.63
C GLN H 109 -49.53 5.72 18.83
N GLY H 110 -49.13 5.22 20.00
CA GLY H 110 -49.10 6.03 21.20
C GLY H 110 -50.31 5.78 22.08
N THR H 111 -50.18 6.19 23.34
CA THR H 111 -51.26 6.09 24.32
C THR H 111 -51.35 7.40 25.09
N LEU H 112 -52.54 7.72 25.55
CA LEU H 112 -52.83 9.01 26.15
C LEU H 112 -52.89 8.88 27.67
N VAL H 113 -52.10 9.70 28.35
CA VAL H 113 -52.08 9.74 29.82
C VAL H 113 -52.46 11.15 30.25
N THR H 114 -53.54 11.26 31.00
CA THR H 114 -54.01 12.54 31.52
C THR H 114 -54.00 12.48 33.05
N VAL H 115 -53.42 13.50 33.68
CA VAL H 115 -53.33 13.57 35.13
C VAL H 115 -54.11 14.81 35.57
N SER H 116 -55.27 14.59 36.20
CA SER H 116 -56.09 15.66 36.74
C SER H 116 -56.58 15.25 38.11
N SER H 117 -56.64 16.21 39.02
CA SER H 117 -57.11 15.95 40.39
C SER H 117 -58.62 15.81 40.44
N GLN I 1 -39.73 25.66 25.65
CA GLN I 1 -40.63 24.70 25.04
C GLN I 1 -39.88 23.50 24.49
N ALA I 2 -39.00 23.74 23.52
CA ALA I 2 -38.27 22.68 22.85
C ALA I 2 -36.78 23.02 22.82
N VAL I 3 -35.96 21.98 22.68
CA VAL I 3 -34.52 22.17 22.62
C VAL I 3 -34.09 22.57 21.21
N LEU I 4 -34.62 21.89 20.19
CA LEU I 4 -34.38 22.26 18.81
C LEU I 4 -35.49 23.16 18.31
N THR I 5 -35.12 24.19 17.56
CA THR I 5 -36.05 25.24 17.15
C THR I 5 -36.41 25.05 15.69
N GLN I 6 -37.69 24.79 15.44
CA GLN I 6 -38.21 24.68 14.07
C GLN I 6 -39.52 25.44 13.98
N PRO I 7 -39.87 25.94 12.78
CA PRO I 7 -41.11 26.72 12.64
C PRO I 7 -42.35 25.89 12.95
N ALA I 8 -43.36 26.56 13.50
CA ALA I 8 -44.57 25.86 13.92
C ALA I 8 -45.40 25.40 12.73
N SER I 9 -45.48 26.22 11.68
CA SER I 9 -46.37 25.91 10.56
C SER I 9 -45.73 26.33 9.24
N VAL I 10 -45.88 25.48 8.23
CA VAL I 10 -45.46 25.76 6.86
C VAL I 10 -46.60 25.39 5.92
N SER I 11 -46.80 26.21 4.88
CA SER I 11 -47.87 25.99 3.92
C SER I 11 -47.31 26.00 2.51
N GLY I 12 -47.81 25.10 1.66
CA GLY I 12 -47.37 25.02 0.29
C GLY I 12 -48.42 24.49 -0.67
N SER I 13 -48.44 25.02 -1.89
CA SER I 13 -49.38 24.59 -2.91
C SER I 13 -48.96 23.25 -3.50
N PRO I 14 -49.89 22.52 -4.13
CA PRO I 14 -49.52 21.26 -4.78
C PRO I 14 -48.50 21.48 -5.88
N GLY I 15 -47.61 20.50 -6.04
CA GLY I 15 -46.53 20.59 -7.00
C GLY I 15 -45.37 21.46 -6.59
N GLN I 16 -45.52 22.27 -5.55
CA GLN I 16 -44.47 23.16 -5.11
C GLN I 16 -43.35 22.38 -4.44
N SER I 17 -42.34 23.11 -3.97
CA SER I 17 -41.22 22.54 -3.22
C SER I 17 -40.95 23.46 -2.03
N ILE I 18 -41.29 23.00 -0.83
CA ILE I 18 -41.11 23.78 0.38
C ILE I 18 -40.21 23.00 1.34
N THR I 19 -39.46 23.73 2.15
CA THR I 19 -38.48 23.14 3.06
C THR I 19 -38.76 23.54 4.49
N ILE I 20 -38.30 22.70 5.42
CA ILE I 20 -38.47 22.90 6.86
C ILE I 20 -37.11 22.96 7.51
N SER I 21 -36.91 23.94 8.40
CA SER I 21 -35.64 24.12 9.09
C SER I 21 -35.70 23.53 10.50
N CYS I 22 -34.51 23.28 11.06
CA CYS I 22 -34.38 22.74 12.41
C CYS I 22 -33.05 23.23 12.98
N THR I 23 -33.12 24.15 13.94
CA THR I 23 -31.96 24.87 14.42
C THR I 23 -31.61 24.45 15.84
N GLY I 24 -30.32 24.33 16.13
CA GLY I 24 -29.87 23.95 17.44
C GLY I 24 -28.64 24.76 17.84
N THR I 25 -28.05 24.38 18.95
CA THR I 25 -26.83 25.06 19.45
C THR I 25 -25.60 24.43 18.81
N GLY I 26 -24.42 24.99 19.06
CA GLY I 26 -23.19 24.46 18.45
C GLY I 26 -22.87 23.05 18.91
N SER I 27 -23.21 22.72 20.16
CA SER I 27 -22.97 21.37 20.72
C SER I 27 -24.27 20.57 20.61
N ASN I 28 -24.87 20.53 19.44
CA ASN I 28 -26.17 19.84 19.29
C ASN I 28 -26.24 19.15 17.93
N ILE I 29 -25.85 19.85 16.86
CA ILE I 29 -25.94 19.21 15.56
C ILE I 29 -24.59 19.07 14.86
N GLU I 30 -23.60 19.90 15.19
CA GLU I 30 -22.33 19.95 14.47
C GLU I 30 -21.38 18.82 14.81
N THR I 31 -21.62 18.09 15.90
CA THR I 31 -20.65 17.10 16.37
C THR I 31 -20.75 15.79 15.59
N TYR I 32 -21.95 15.20 15.55
CA TYR I 32 -22.11 13.83 15.07
C TYR I 32 -22.73 13.75 13.67
N ASN I 33 -23.34 14.83 13.15
CA ASN I 33 -24.24 14.81 12.00
C ASN I 33 -25.12 13.57 12.06
N LEU I 34 -25.83 13.41 13.18
CA LEU I 34 -26.70 12.25 13.39
C LEU I 34 -28.07 12.85 13.64
N VAL I 35 -28.75 13.17 12.54
CA VAL I 35 -29.99 13.94 12.54
C VAL I 35 -31.03 13.15 11.76
N SER I 36 -32.19 12.95 12.37
CA SER I 36 -33.27 12.18 11.79
C SER I 36 -34.55 13.00 11.73
N TRP I 37 -35.40 12.68 10.76
CA TRP I 37 -36.68 13.36 10.57
C TRP I 37 -37.81 12.34 10.63
N TYR I 38 -38.96 12.79 11.13
CA TYR I 38 -40.14 11.93 11.28
C TYR I 38 -41.38 12.66 10.80
N GLN I 39 -42.33 11.88 10.28
CA GLN I 39 -43.60 12.39 9.78
C GLN I 39 -44.72 11.68 10.53
N ARG I 40 -45.59 12.45 11.16
CA ARG I 40 -46.66 11.92 12.00
C ARG I 40 -48.01 12.34 11.43
N HIS I 41 -48.70 11.39 10.82
CA HIS I 41 -50.13 11.56 10.55
C HIS I 41 -50.89 11.42 11.86
N PRO I 42 -51.84 12.30 12.16
CA PRO I 42 -52.53 12.23 13.45
C PRO I 42 -53.27 10.91 13.63
N GLY I 43 -53.27 10.42 14.88
CA GLY I 43 -53.86 9.14 15.21
C GLY I 43 -53.05 7.94 14.78
N LYS I 44 -52.01 8.12 13.98
CA LYS I 44 -51.13 7.06 13.52
C LYS I 44 -49.78 7.16 14.23
N ALA I 45 -48.87 6.26 13.86
CA ALA I 45 -47.51 6.16 14.37
C ALA I 45 -46.55 6.97 13.50
N PRO I 46 -45.65 7.71 14.15
CA PRO I 46 -44.63 8.46 13.41
C PRO I 46 -43.77 7.53 12.57
N LYS I 47 -43.38 8.01 11.40
CA LYS I 47 -42.59 7.25 10.45
C LYS I 47 -41.25 7.93 10.22
N LEU I 48 -40.19 7.13 10.12
CA LEU I 48 -38.85 7.64 9.84
C LEU I 48 -38.72 7.90 8.35
N ILE I 49 -38.44 9.15 7.99
CA ILE I 49 -38.26 9.53 6.60
C ILE I 49 -36.82 9.93 6.28
N LEU I 50 -36.06 10.40 7.26
CA LEU I 50 -34.66 10.73 7.08
C LEU I 50 -33.88 10.37 8.34
N TYR I 51 -32.63 9.95 8.14
CA TYR I 51 -31.69 9.69 9.22
C TYR I 51 -30.31 9.84 8.63
N GLU I 52 -29.35 10.20 9.48
CA GLU I 52 -27.97 10.51 9.05
C GLU I 52 -28.10 11.61 8.02
N VAL I 53 -28.91 12.60 8.37
CA VAL I 53 -29.16 13.83 7.57
C VAL I 53 -29.63 13.54 6.14
N SER I 54 -28.76 13.04 5.25
CA SER I 54 -29.12 12.89 3.85
C SER I 54 -29.59 11.50 3.46
N GLU I 55 -29.68 10.55 4.39
CA GLU I 55 -30.07 9.19 4.03
C GLU I 55 -31.57 8.99 4.17
N ARG I 56 -32.12 8.13 3.32
CA ARG I 56 -33.55 7.95 3.17
C ARG I 56 -33.89 6.47 3.26
N PRO I 57 -34.75 6.06 4.20
CA PRO I 57 -35.06 4.63 4.36
C PRO I 57 -35.75 4.05 3.13
N SER I 58 -35.81 2.71 3.10
CA SER I 58 -36.50 2.02 2.03
C SER I 58 -38.00 2.22 2.15
N GLY I 59 -38.61 2.69 1.07
CA GLY I 59 -40.03 2.96 1.05
C GLY I 59 -40.42 4.41 1.28
N VAL I 60 -39.47 5.34 1.19
CA VAL I 60 -39.75 6.77 1.31
C VAL I 60 -39.52 7.40 -0.05
N SER I 61 -40.49 8.22 -0.49
CA SER I 61 -40.47 8.75 -1.84
C SER I 61 -39.22 9.59 -2.10
N ASN I 62 -38.76 9.53 -3.36
CA ASN I 62 -37.58 10.28 -3.77
C ASN I 62 -37.73 11.78 -3.55
N ARG I 63 -38.97 12.26 -3.40
CA ARG I 63 -39.22 13.69 -3.24
C ARG I 63 -38.58 14.22 -1.95
N PHE I 64 -38.62 13.44 -0.88
CA PHE I 64 -38.02 13.88 0.38
C PHE I 64 -36.50 13.89 0.27
N SER I 65 -35.88 14.91 0.85
CA SER I 65 -34.43 15.06 0.85
C SER I 65 -33.98 15.68 2.17
N GLY I 66 -32.70 15.50 2.48
CA GLY I 66 -32.13 16.03 3.71
C GLY I 66 -30.82 16.73 3.45
N SER I 67 -30.54 17.73 4.27
CA SER I 67 -29.32 18.50 4.18
C SER I 67 -29.07 19.18 5.52
N LYS I 68 -27.90 19.80 5.65
CA LYS I 68 -27.50 20.39 6.92
C LYS I 68 -26.39 21.40 6.67
N SER I 69 -26.44 22.51 7.39
CA SER I 69 -25.42 23.56 7.28
C SER I 69 -25.24 24.19 8.65
N GLY I 70 -24.20 23.79 9.37
CA GLY I 70 -23.92 24.38 10.67
C GLY I 70 -24.96 23.99 11.70
N ASN I 71 -25.49 24.99 12.40
CA ASN I 71 -26.46 24.76 13.46
C ASN I 71 -27.82 24.30 12.95
N THR I 72 -28.08 24.40 11.64
CA THR I 72 -29.41 24.21 11.09
C THR I 72 -29.42 23.02 10.15
N ALA I 73 -30.28 22.05 10.44
CA ALA I 73 -30.61 20.97 9.51
C ALA I 73 -31.93 21.31 8.83
N SER I 74 -32.09 20.82 7.60
CA SER I 74 -33.22 21.23 6.79
C SER I 74 -33.83 20.04 6.06
N LEU I 75 -35.15 19.90 6.16
CA LEU I 75 -35.91 18.94 5.38
C LEU I 75 -36.63 19.67 4.25
N THR I 76 -36.46 19.18 3.03
CA THR I 76 -37.06 19.79 1.85
C THR I 76 -37.95 18.77 1.15
N ILE I 77 -39.19 19.17 0.86
CA ILE I 77 -40.16 18.32 0.19
C ILE I 77 -40.51 18.97 -1.15
N SER I 78 -40.21 18.29 -2.24
CA SER I 78 -40.57 18.73 -3.58
C SER I 78 -41.67 17.84 -4.14
N GLY I 79 -42.32 18.32 -5.19
CA GLY I 79 -43.42 17.57 -5.78
C GLY I 79 -44.52 17.31 -4.77
N LEU I 80 -44.93 18.37 -4.07
CA LEU I 80 -45.80 18.23 -2.92
C LEU I 80 -47.14 17.60 -3.28
N GLN I 81 -47.56 16.61 -2.51
CA GLN I 81 -48.87 16.00 -2.60
C GLN I 81 -49.66 16.29 -1.33
N ALA I 82 -50.99 16.18 -1.44
CA ALA I 82 -51.85 16.37 -0.27
C ALA I 82 -51.67 15.26 0.75
N GLU I 83 -51.17 14.10 0.34
CA GLU I 83 -50.90 13.01 1.27
C GLU I 83 -49.76 13.32 2.23
N ASP I 84 -49.09 14.46 2.06
CA ASP I 84 -47.98 14.86 2.89
C ASP I 84 -48.39 15.80 4.02
N GLU I 85 -49.69 16.02 4.21
CA GLU I 85 -50.18 16.87 5.30
C GLU I 85 -50.02 16.13 6.61
N ALA I 86 -49.07 16.57 7.43
CA ALA I 86 -48.77 15.88 8.69
C ALA I 86 -47.96 16.82 9.57
N ASP I 87 -47.51 16.32 10.71
CA ASP I 87 -46.58 17.02 11.59
C ASP I 87 -45.21 16.39 11.44
N TYR I 88 -44.20 17.23 11.22
CA TYR I 88 -42.84 16.75 10.94
C TYR I 88 -41.93 17.14 12.08
N PHE I 89 -41.21 16.16 12.62
CA PHE I 89 -40.35 16.34 13.78
C PHE I 89 -38.89 16.19 13.40
N CYS I 90 -38.02 16.80 14.22
CA CYS I 90 -36.59 16.81 14.00
C CYS I 90 -35.90 16.27 15.25
N CYS I 91 -34.96 15.34 15.06
CA CYS I 91 -34.25 14.71 16.16
C CYS I 91 -32.75 14.76 15.89
N SER I 92 -31.97 14.89 16.96
CA SER I 92 -30.52 15.00 16.84
C SER I 92 -29.86 14.39 18.07
N TYR I 93 -28.92 13.48 17.84
CA TYR I 93 -28.09 12.95 18.92
C TYR I 93 -27.20 14.06 19.45
N ALA I 94 -27.48 14.54 20.67
CA ALA I 94 -26.78 15.71 21.19
C ALA I 94 -25.38 15.34 21.66
N ASP I 95 -25.27 14.49 22.68
CA ASP I 95 -23.98 14.10 23.22
C ASP I 95 -24.16 12.85 24.08
N THR I 96 -23.07 12.45 24.74
CA THR I 96 -23.01 11.21 25.50
C THR I 96 -23.74 11.29 26.84
N ASN I 97 -24.40 12.40 27.14
CA ASN I 97 -25.08 12.57 28.42
C ASN I 97 -26.60 12.63 28.31
N ILE I 98 -27.14 13.37 27.34
CA ILE I 98 -28.57 13.49 27.17
C ILE I 98 -29.09 12.66 25.99
N PHE I 99 -28.21 12.26 25.07
CA PHE I 99 -28.44 11.26 24.03
C PHE I 99 -29.34 11.68 22.88
N TRP I 100 -30.41 12.46 23.12
CA TRP I 100 -31.37 12.83 22.02
C TRP I 100 -32.13 14.12 22.36
N VAL I 101 -32.26 15.06 21.42
CA VAL I 101 -33.12 16.23 21.57
C VAL I 101 -34.06 16.28 20.37
N PHE I 102 -35.32 16.57 20.64
CA PHE I 102 -36.34 16.67 19.60
C PHE I 102 -36.69 18.14 19.35
N GLY I 103 -37.21 18.39 18.16
CA GLY I 103 -37.72 19.71 17.84
C GLY I 103 -39.15 19.89 18.31
N GLY I 104 -39.62 21.13 18.21
CA GLY I 104 -40.96 21.45 18.68
C GLY I 104 -42.07 20.92 17.80
N GLY I 105 -41.76 20.57 16.57
CA GLY I 105 -42.77 20.13 15.62
C GLY I 105 -43.14 21.21 14.61
N THR I 106 -43.65 20.77 13.47
CA THR I 106 -43.99 21.65 12.36
C THR I 106 -45.24 21.13 11.67
N HIS I 107 -46.29 21.96 11.66
CA HIS I 107 -47.53 21.62 10.98
C HIS I 107 -47.42 22.00 9.51
N LEU I 108 -47.49 21.01 8.64
CA LEU I 108 -47.42 21.22 7.20
C LEU I 108 -48.80 21.08 6.61
N THR I 109 -49.22 22.06 5.80
CA THR I 109 -50.54 22.06 5.19
C THR I 109 -50.39 22.20 3.68
N VAL I 110 -51.11 21.36 2.94
CA VAL I 110 -51.19 21.44 1.49
C VAL I 110 -52.50 22.14 1.17
N LEU I 111 -52.42 23.36 0.65
CA LEU I 111 -53.59 24.21 0.45
C LEU I 111 -54.43 23.67 -0.71
N GLY I 112 -55.59 23.11 -0.39
CA GLY I 112 -56.48 22.58 -1.41
C GLY I 112 -57.94 22.90 -1.13
#